data_4YY4
# 
_entry.id   4YY4 
# 
_audit_conform.dict_name       mmcif_pdbx.dic 
_audit_conform.dict_version    5.379 
_audit_conform.dict_location   http://mmcif.pdb.org/dictionaries/ascii/mmcif_pdbx.dic 
# 
loop_
_database_2.database_id 
_database_2.database_code 
_database_2.pdbx_database_accession 
_database_2.pdbx_DOI 
PDB   4YY4         pdb_00004yy4 10.2210/pdb4yy4/pdb 
WWPDB D_1000208261 ?            ?                   
# 
loop_
_pdbx_database_related.content_type 
_pdbx_database_related.db_id 
_pdbx_database_related.db_name 
_pdbx_database_related.details 
unspecified 4YY6 PDB . 
unspecified 4YYD PDB . 
unspecified 4YYG PDB . 
unspecified 4YYH PDB . 
unspecified 4YYI PDB . 
unspecified 4YYJ PDB . 
unspecified 4YYK PDB . 
unspecified 4YYM PDB . 
unspecified 4YYN PDB . 
# 
_pdbx_database_status.status_code                     REL 
_pdbx_database_status.status_code_sf                  REL 
_pdbx_database_status.status_code_mr                  ? 
_pdbx_database_status.entry_id                        4YY4 
_pdbx_database_status.recvd_initial_deposition_date   2015-03-23 
_pdbx_database_status.SG_entry                        N 
_pdbx_database_status.deposit_site                    RCSB 
_pdbx_database_status.process_site                    RCSB 
_pdbx_database_status.status_code_cs                  ? 
_pdbx_database_status.methods_development_category    ? 
_pdbx_database_status.pdb_format_compatible           Y 
_pdbx_database_status.status_code_nmr_data            ? 
# 
loop_
_audit_author.name 
_audit_author.pdbx_ordinal 
'Tang, Y.'      1 
'Bellon, S.'    2 
'Cochran, A.G.' 3 
'Poy, F.'       4 
# 
_citation.abstract                  ? 
_citation.abstract_id_CAS           ? 
_citation.book_id_ISBN              ? 
_citation.book_publisher            ? 
_citation.book_publisher_city       ? 
_citation.book_title                ? 
_citation.coordinate_linkage        ? 
_citation.country                   UK 
_citation.database_id_Medline       ? 
_citation.details                   ? 
_citation.id                        primary 
_citation.journal_abbrev            Structure 
_citation.journal_id_ASTM           STRUE6 
_citation.journal_id_CSD            2005 
_citation.journal_id_ISSN           0969-2126 
_citation.journal_full              ? 
_citation.journal_issue             ? 
_citation.journal_volume            23 
_citation.language                  ? 
_citation.page_first                1801 
_citation.page_last                 1814 
_citation.title                     
'A Subset of Human Bromodomains Recognizes Butyryllysine and Crotonyllysine Histone Peptide Modifications.' 
_citation.year                      2015 
_citation.database_id_CSD           ? 
_citation.pdbx_database_id_DOI      10.1016/j.str.2015.08.004 
_citation.pdbx_database_id_PubMed   26365797 
_citation.unpublished_flag          ? 
# 
loop_
_citation_author.citation_id 
_citation_author.name 
_citation_author.ordinal 
_citation_author.identifier_ORCID 
primary 'Flynn, E.M.'   1 ? 
primary 'Huang, O.W.'   2 ? 
primary 'Poy, F.'       3 ? 
primary 'Oppikofer, M.' 4 ? 
primary 'Bellon, S.F.'  5 ? 
primary 'Tang, Y.'      6 ? 
primary 'Cochran, A.G.' 7 ? 
# 
_cell.angle_alpha                  90.000 
_cell.angle_alpha_esd              ? 
_cell.angle_beta                   90.000 
_cell.angle_beta_esd               ? 
_cell.angle_gamma                  90.000 
_cell.angle_gamma_esd              ? 
_cell.entry_id                     4YY4 
_cell.details                      ? 
_cell.formula_units_Z              ? 
_cell.length_a                     35.145 
_cell.length_a_esd                 ? 
_cell.length_b                     68.546 
_cell.length_b_esd                 ? 
_cell.length_c                     105.176 
_cell.length_c_esd                 ? 
_cell.volume                       ? 
_cell.volume_esd                   ? 
_cell.Z_PDB                        8 
_cell.reciprocal_angle_alpha       ? 
_cell.reciprocal_angle_beta        ? 
_cell.reciprocal_angle_gamma       ? 
_cell.reciprocal_angle_alpha_esd   ? 
_cell.reciprocal_angle_beta_esd    ? 
_cell.reciprocal_angle_gamma_esd   ? 
_cell.reciprocal_length_a          ? 
_cell.reciprocal_length_b          ? 
_cell.reciprocal_length_c          ? 
_cell.reciprocal_length_a_esd      ? 
_cell.reciprocal_length_b_esd      ? 
_cell.reciprocal_length_c_esd      ? 
_cell.pdbx_unique_axis             ? 
# 
_symmetry.entry_id                         4YY4 
_symmetry.cell_setting                     ? 
_symmetry.Int_Tables_number                20 
_symmetry.space_group_name_Hall            ? 
_symmetry.space_group_name_H-M             'C 2 2 21' 
_symmetry.pdbx_full_space_group_name_H-M   ? 
# 
loop_
_entity.id 
_entity.type 
_entity.src_method 
_entity.pdbx_description 
_entity.formula_weight 
_entity.pdbx_number_of_molecules 
_entity.pdbx_ec 
_entity.pdbx_mutation 
_entity.pdbx_fragment 
_entity.details 
1 polymer     man 'Bromodomain-containing protein 9' 12444.461 1   ? ? 'bromodomain (UNP residues 17-123)' ? 
2 non-polymer syn 'DIMETHYL SULFOXIDE'               78.133    1   ? ? ?                                   ? 
3 water       nat water                              18.015    100 ? ? ?                                   ? 
# 
_entity_name_com.entity_id   1 
_entity_name_com.name        'Rhabdomyosarcoma antigen MU-RMS-40.8, BRD9' 
# 
_entity_poly.entity_id                      1 
_entity_poly.type                           'polypeptide(L)' 
_entity_poly.nstd_linkage                   no 
_entity_poly.nstd_monomer                   no 
_entity_poly.pdbx_seq_one_letter_code       
;GSAENESTPIQQLLEHFLRQLQRKDPHGFFAFPVTDAIAPGYSMIIKHPMDFGTMKDKIVANEYKSVTEFKADFKLMCDN
AMTYNRPDTVYYKLAKKILHAGFKMMSK
;
_entity_poly.pdbx_seq_one_letter_code_can   
;GSAENESTPIQQLLEHFLRQLQRKDPHGFFAFPVTDAIAPGYSMIIKHPMDFGTMKDKIVANEYKSVTEFKADFKLMCDN
AMTYNRPDTVYYKLAKKILHAGFKMMSK
;
_entity_poly.pdbx_strand_id                 A 
_entity_poly.pdbx_target_identifier         ? 
# 
loop_
_entity_poly_seq.entity_id 
_entity_poly_seq.num 
_entity_poly_seq.mon_id 
_entity_poly_seq.hetero 
1 1   GLY n 
1 2   SER n 
1 3   ALA n 
1 4   GLU n 
1 5   ASN n 
1 6   GLU n 
1 7   SER n 
1 8   THR n 
1 9   PRO n 
1 10  ILE n 
1 11  GLN n 
1 12  GLN n 
1 13  LEU n 
1 14  LEU n 
1 15  GLU n 
1 16  HIS n 
1 17  PHE n 
1 18  LEU n 
1 19  ARG n 
1 20  GLN n 
1 21  LEU n 
1 22  GLN n 
1 23  ARG n 
1 24  LYS n 
1 25  ASP n 
1 26  PRO n 
1 27  HIS n 
1 28  GLY n 
1 29  PHE n 
1 30  PHE n 
1 31  ALA n 
1 32  PHE n 
1 33  PRO n 
1 34  VAL n 
1 35  THR n 
1 36  ASP n 
1 37  ALA n 
1 38  ILE n 
1 39  ALA n 
1 40  PRO n 
1 41  GLY n 
1 42  TYR n 
1 43  SER n 
1 44  MET n 
1 45  ILE n 
1 46  ILE n 
1 47  LYS n 
1 48  HIS n 
1 49  PRO n 
1 50  MET n 
1 51  ASP n 
1 52  PHE n 
1 53  GLY n 
1 54  THR n 
1 55  MET n 
1 56  LYS n 
1 57  ASP n 
1 58  LYS n 
1 59  ILE n 
1 60  VAL n 
1 61  ALA n 
1 62  ASN n 
1 63  GLU n 
1 64  TYR n 
1 65  LYS n 
1 66  SER n 
1 67  VAL n 
1 68  THR n 
1 69  GLU n 
1 70  PHE n 
1 71  LYS n 
1 72  ALA n 
1 73  ASP n 
1 74  PHE n 
1 75  LYS n 
1 76  LEU n 
1 77  MET n 
1 78  CYS n 
1 79  ASP n 
1 80  ASN n 
1 81  ALA n 
1 82  MET n 
1 83  THR n 
1 84  TYR n 
1 85  ASN n 
1 86  ARG n 
1 87  PRO n 
1 88  ASP n 
1 89  THR n 
1 90  VAL n 
1 91  TYR n 
1 92  TYR n 
1 93  LYS n 
1 94  LEU n 
1 95  ALA n 
1 96  LYS n 
1 97  LYS n 
1 98  ILE n 
1 99  LEU n 
1 100 HIS n 
1 101 ALA n 
1 102 GLY n 
1 103 PHE n 
1 104 LYS n 
1 105 MET n 
1 106 MET n 
1 107 SER n 
1 108 LYS n 
# 
_entity_src_gen.entity_id                          1 
_entity_src_gen.pdbx_src_id                        1 
_entity_src_gen.pdbx_alt_source_flag               sample 
_entity_src_gen.pdbx_seq_type                      'Biological sequence' 
_entity_src_gen.pdbx_beg_seq_num                   1 
_entity_src_gen.pdbx_end_seq_num                   108 
_entity_src_gen.gene_src_common_name               Human 
_entity_src_gen.gene_src_genus                     ? 
_entity_src_gen.pdbx_gene_src_gene                 'BRD9, UNQ3040/PRO9856' 
_entity_src_gen.gene_src_species                   ? 
_entity_src_gen.gene_src_strain                    ? 
_entity_src_gen.gene_src_tissue                    ? 
_entity_src_gen.gene_src_tissue_fraction           ? 
_entity_src_gen.gene_src_details                   ? 
_entity_src_gen.pdbx_gene_src_fragment             ? 
_entity_src_gen.pdbx_gene_src_scientific_name      'Homo sapiens' 
_entity_src_gen.pdbx_gene_src_ncbi_taxonomy_id     9606 
_entity_src_gen.pdbx_gene_src_variant              ? 
_entity_src_gen.pdbx_gene_src_cell_line            ? 
_entity_src_gen.pdbx_gene_src_atcc                 ? 
_entity_src_gen.pdbx_gene_src_organ                ? 
_entity_src_gen.pdbx_gene_src_organelle            ? 
_entity_src_gen.pdbx_gene_src_cell                 ? 
_entity_src_gen.pdbx_gene_src_cellular_location    ? 
_entity_src_gen.host_org_common_name               ? 
_entity_src_gen.pdbx_host_org_scientific_name      'Escherichia coli BL21(DE3)' 
_entity_src_gen.pdbx_host_org_ncbi_taxonomy_id     469008 
_entity_src_gen.host_org_genus                     ? 
_entity_src_gen.pdbx_host_org_gene                 ? 
_entity_src_gen.pdbx_host_org_organ                ? 
_entity_src_gen.host_org_species                   ? 
_entity_src_gen.pdbx_host_org_tissue               ? 
_entity_src_gen.pdbx_host_org_tissue_fraction      ? 
_entity_src_gen.pdbx_host_org_strain               ? 
_entity_src_gen.pdbx_host_org_variant              ? 
_entity_src_gen.pdbx_host_org_cell_line            ? 
_entity_src_gen.pdbx_host_org_atcc                 ? 
_entity_src_gen.pdbx_host_org_culture_collection   ? 
_entity_src_gen.pdbx_host_org_cell                 ? 
_entity_src_gen.pdbx_host_org_organelle            ? 
_entity_src_gen.pdbx_host_org_cellular_location    ? 
_entity_src_gen.pdbx_host_org_vector_type          plasmid 
_entity_src_gen.pdbx_host_org_vector               ? 
_entity_src_gen.host_org_details                   ? 
_entity_src_gen.expression_system_id               ? 
_entity_src_gen.plasmid_name                       pRSF 
_entity_src_gen.plasmid_details                    ? 
_entity_src_gen.pdbx_description                   ? 
# 
_struct_ref.id                         1 
_struct_ref.db_name                    UNP 
_struct_ref.db_code                    BRD9_HUMAN 
_struct_ref.pdbx_db_accession          Q9H8M2 
_struct_ref.pdbx_db_isoform            Q9H8M2-1 
_struct_ref.entity_id                  1 
_struct_ref.pdbx_seq_one_letter_code   
;SAENESTPIQQLLEHFLRQLQRKDPHGFFAFPVTDAIAPGYSMIIKHPMDFGTMKDKIVANEYKSVTEFKADFKLMCDNA
MTYNRPDTVYYKLAKKILHAGFKMMSK
;
_struct_ref.pdbx_align_begin           17 
# 
_struct_ref_seq.align_id                      1 
_struct_ref_seq.ref_id                        1 
_struct_ref_seq.pdbx_PDB_id_code              4YY4 
_struct_ref_seq.pdbx_strand_id                A 
_struct_ref_seq.seq_align_beg                 2 
_struct_ref_seq.pdbx_seq_align_beg_ins_code   ? 
_struct_ref_seq.seq_align_end                 108 
_struct_ref_seq.pdbx_seq_align_end_ins_code   ? 
_struct_ref_seq.pdbx_db_accession             Q9H8M2 
_struct_ref_seq.db_align_beg                  17 
_struct_ref_seq.pdbx_db_align_beg_ins_code    ? 
_struct_ref_seq.db_align_end                  123 
_struct_ref_seq.pdbx_db_align_end_ins_code    ? 
_struct_ref_seq.pdbx_auth_seq_align_beg       17 
_struct_ref_seq.pdbx_auth_seq_align_end       123 
# 
_struct_ref_seq_dif.align_id                     1 
_struct_ref_seq_dif.pdbx_pdb_id_code             4YY4 
_struct_ref_seq_dif.mon_id                       GLY 
_struct_ref_seq_dif.pdbx_pdb_strand_id           A 
_struct_ref_seq_dif.seq_num                      1 
_struct_ref_seq_dif.pdbx_pdb_ins_code            ? 
_struct_ref_seq_dif.pdbx_seq_db_name             UNP 
_struct_ref_seq_dif.pdbx_seq_db_accession_code   Q9H8M2 
_struct_ref_seq_dif.db_mon_id                    ? 
_struct_ref_seq_dif.pdbx_seq_db_seq_num          ? 
_struct_ref_seq_dif.details                      'expression tag' 
_struct_ref_seq_dif.pdbx_auth_seq_num            16 
_struct_ref_seq_dif.pdbx_ordinal                 1 
# 
loop_
_chem_comp.id 
_chem_comp.type 
_chem_comp.mon_nstd_flag 
_chem_comp.name 
_chem_comp.pdbx_synonyms 
_chem_comp.formula 
_chem_comp.formula_weight 
ALA 'L-peptide linking' y ALANINE              ? 'C3 H7 N O2'     89.093  
ARG 'L-peptide linking' y ARGININE             ? 'C6 H15 N4 O2 1' 175.209 
ASN 'L-peptide linking' y ASPARAGINE           ? 'C4 H8 N2 O3'    132.118 
ASP 'L-peptide linking' y 'ASPARTIC ACID'      ? 'C4 H7 N O4'     133.103 
CYS 'L-peptide linking' y CYSTEINE             ? 'C3 H7 N O2 S'   121.158 
DMS non-polymer         . 'DIMETHYL SULFOXIDE' ? 'C2 H6 O S'      78.133  
GLN 'L-peptide linking' y GLUTAMINE            ? 'C5 H10 N2 O3'   146.144 
GLU 'L-peptide linking' y 'GLUTAMIC ACID'      ? 'C5 H9 N O4'     147.129 
GLY 'peptide linking'   y GLYCINE              ? 'C2 H5 N O2'     75.067  
HIS 'L-peptide linking' y HISTIDINE            ? 'C6 H10 N3 O2 1' 156.162 
HOH non-polymer         . WATER                ? 'H2 O'           18.015  
ILE 'L-peptide linking' y ISOLEUCINE           ? 'C6 H13 N O2'    131.173 
LEU 'L-peptide linking' y LEUCINE              ? 'C6 H13 N O2'    131.173 
LYS 'L-peptide linking' y LYSINE               ? 'C6 H15 N2 O2 1' 147.195 
MET 'L-peptide linking' y METHIONINE           ? 'C5 H11 N O2 S'  149.211 
PHE 'L-peptide linking' y PHENYLALANINE        ? 'C9 H11 N O2'    165.189 
PRO 'L-peptide linking' y PROLINE              ? 'C5 H9 N O2'     115.130 
SER 'L-peptide linking' y SERINE               ? 'C3 H7 N O3'     105.093 
THR 'L-peptide linking' y THREONINE            ? 'C4 H9 N O3'     119.119 
TYR 'L-peptide linking' y TYROSINE             ? 'C9 H11 N O3'    181.189 
VAL 'L-peptide linking' y VALINE               ? 'C5 H11 N O2'    117.146 
# 
_exptl.absorpt_coefficient_mu     ? 
_exptl.absorpt_correction_T_max   ? 
_exptl.absorpt_correction_T_min   ? 
_exptl.absorpt_correction_type    ? 
_exptl.absorpt_process_details    ? 
_exptl.entry_id                   4YY4 
_exptl.crystals_number            1 
_exptl.details                    ? 
_exptl.method                     'X-RAY DIFFRACTION' 
_exptl.method_details             ? 
# 
_exptl_crystal.colour                      ? 
_exptl_crystal.density_diffrn              ? 
_exptl_crystal.density_Matthews            2.55 
_exptl_crystal.density_method              ? 
_exptl_crystal.density_percent_sol         51.67 
_exptl_crystal.description                 ? 
_exptl_crystal.F_000                       ? 
_exptl_crystal.id                          1 
_exptl_crystal.preparation                 ? 
_exptl_crystal.size_max                    ? 
_exptl_crystal.size_mid                    ? 
_exptl_crystal.size_min                    ? 
_exptl_crystal.size_rad                    ? 
_exptl_crystal.colour_lustre               ? 
_exptl_crystal.colour_modifier             ? 
_exptl_crystal.colour_primary              ? 
_exptl_crystal.density_meas                ? 
_exptl_crystal.density_meas_esd            ? 
_exptl_crystal.density_meas_gt             ? 
_exptl_crystal.density_meas_lt             ? 
_exptl_crystal.density_meas_temp           ? 
_exptl_crystal.density_meas_temp_esd       ? 
_exptl_crystal.density_meas_temp_gt        ? 
_exptl_crystal.density_meas_temp_lt        ? 
_exptl_crystal.pdbx_crystal_image_url      ? 
_exptl_crystal.pdbx_crystal_image_format   ? 
_exptl_crystal.pdbx_mosaicity              ? 
_exptl_crystal.pdbx_mosaicity_esd          ? 
# 
_exptl_crystal_grow.apparatus       ? 
_exptl_crystal_grow.atmosphere      ? 
_exptl_crystal_grow.crystal_id      1 
_exptl_crystal_grow.details         ? 
_exptl_crystal_grow.method          'VAPOR DIFFUSION, SITTING DROP' 
_exptl_crystal_grow.method_ref      ? 
_exptl_crystal_grow.pH              7.5 
_exptl_crystal_grow.pressure        ? 
_exptl_crystal_grow.pressure_esd    ? 
_exptl_crystal_grow.seeding         ? 
_exptl_crystal_grow.seeding_ref     ? 
_exptl_crystal_grow.temp            277 
_exptl_crystal_grow.temp_details    ? 
_exptl_crystal_grow.temp_esd        ? 
_exptl_crystal_grow.time            ? 
_exptl_crystal_grow.pdbx_details    '0.1 M HEPES, pH 7.5, 25% w/v PEG3350' 
_exptl_crystal_grow.pdbx_pH_range   ? 
# 
_diffrn.ambient_environment    ? 
_diffrn.ambient_temp           100 
_diffrn.ambient_temp_details   ? 
_diffrn.ambient_temp_esd       ? 
_diffrn.crystal_id             1 
_diffrn.crystal_support        ? 
_diffrn.crystal_treatment      ? 
_diffrn.details                ? 
_diffrn.id                     1 
_diffrn.ambient_pressure       ? 
_diffrn.ambient_pressure_esd   ? 
_diffrn.ambient_pressure_gt    ? 
_diffrn.ambient_pressure_lt    ? 
_diffrn.ambient_temp_gt        ? 
_diffrn.ambient_temp_lt        ? 
# 
_diffrn_detector.details                      mirrors 
_diffrn_detector.detector                     CCD 
_diffrn_detector.diffrn_id                    1 
_diffrn_detector.type                         'RAYONIX MX300-HS' 
_diffrn_detector.area_resol_mean              ? 
_diffrn_detector.dtime                        ? 
_diffrn_detector.pdbx_frames_total            ? 
_diffrn_detector.pdbx_collection_time_total   ? 
_diffrn_detector.pdbx_collection_date         2012-03-02 
# 
_diffrn_radiation.collimation                      ? 
_diffrn_radiation.diffrn_id                        1 
_diffrn_radiation.filter_edge                      ? 
_diffrn_radiation.inhomogeneity                    ? 
_diffrn_radiation.monochromator                    'Si(111)' 
_diffrn_radiation.polarisn_norm                    ? 
_diffrn_radiation.polarisn_ratio                   ? 
_diffrn_radiation.probe                            ? 
_diffrn_radiation.type                             ? 
_diffrn_radiation.xray_symbol                      ? 
_diffrn_radiation.wavelength_id                    1 
_diffrn_radiation.pdbx_monochromatic_or_laue_m_l   M 
_diffrn_radiation.pdbx_wavelength_list             ? 
_diffrn_radiation.pdbx_wavelength                  ? 
_diffrn_radiation.pdbx_diffrn_protocol             'SINGLE WAVELENGTH' 
_diffrn_radiation.pdbx_analyzer                    ? 
_diffrn_radiation.pdbx_scattering_type             x-ray 
# 
_diffrn_radiation_wavelength.id           1 
_diffrn_radiation_wavelength.wavelength   1.000 
_diffrn_radiation_wavelength.wt           1.0 
# 
_diffrn_source.current                     ? 
_diffrn_source.details                     ? 
_diffrn_source.diffrn_id                   1 
_diffrn_source.power                       ? 
_diffrn_source.size                        ? 
_diffrn_source.source                      SYNCHROTRON 
_diffrn_source.target                      ? 
_diffrn_source.type                        'APS BEAMLINE 22-ID' 
_diffrn_source.voltage                     ? 
_diffrn_source.take-off_angle              ? 
_diffrn_source.pdbx_wavelength_list        1.000 
_diffrn_source.pdbx_wavelength             ? 
_diffrn_source.pdbx_synchrotron_beamline   22-ID 
_diffrn_source.pdbx_synchrotron_site       APS 
# 
_reflns.B_iso_Wilson_estimate            ? 
_reflns.entry_id                         4YY4 
_reflns.data_reduction_details           ? 
_reflns.data_reduction_method            ? 
_reflns.d_resolution_high                1.470 
_reflns.d_resolution_low                 50.000 
_reflns.details                          ? 
_reflns.limit_h_max                      ? 
_reflns.limit_h_min                      ? 
_reflns.limit_k_max                      ? 
_reflns.limit_k_min                      ? 
_reflns.limit_l_max                      ? 
_reflns.limit_l_min                      ? 
_reflns.number_all                       ? 
_reflns.number_obs                       21295 
_reflns.observed_criterion               ? 
_reflns.observed_criterion_F_max         ? 
_reflns.observed_criterion_F_min         ? 
_reflns.observed_criterion_I_max         ? 
_reflns.observed_criterion_I_min         ? 
_reflns.observed_criterion_sigma_F       ? 
_reflns.observed_criterion_sigma_I       ? 
_reflns.percent_possible_obs             96.500 
_reflns.R_free_details                   ? 
_reflns.Rmerge_F_all                     ? 
_reflns.Rmerge_F_obs                     ? 
_reflns.Friedel_coverage                 ? 
_reflns.number_gt                        ? 
_reflns.threshold_expression             ? 
_reflns.pdbx_redundancy                  5.800 
_reflns.pdbx_Rmerge_I_obs                0.053 
_reflns.pdbx_Rmerge_I_all                ? 
_reflns.pdbx_Rsym_value                  ? 
_reflns.pdbx_netI_over_av_sigmaI         29.094 
_reflns.pdbx_netI_over_sigmaI            10.600 
_reflns.pdbx_res_netI_over_av_sigmaI_2   ? 
_reflns.pdbx_res_netI_over_sigmaI_2      ? 
_reflns.pdbx_chi_squared                 1.040 
_reflns.pdbx_scaling_rejects             ? 
_reflns.pdbx_d_res_high_opt              ? 
_reflns.pdbx_d_res_low_opt               ? 
_reflns.pdbx_d_res_opt_method            ? 
_reflns.phase_calculation_details        ? 
_reflns.pdbx_Rrim_I_all                  ? 
_reflns.pdbx_Rpim_I_all                  ? 
_reflns.pdbx_d_opt                       ? 
_reflns.pdbx_number_measured_all         123026 
_reflns.pdbx_diffrn_id                   1 
_reflns.pdbx_ordinal                     1 
_reflns.pdbx_CC_half                     ? 
_reflns.pdbx_R_split                     ? 
# 
loop_
_reflns_shell.d_res_high 
_reflns_shell.d_res_low 
_reflns_shell.meanI_over_sigI_all 
_reflns_shell.meanI_over_sigI_obs 
_reflns_shell.number_measured_all 
_reflns_shell.number_measured_obs 
_reflns_shell.number_possible 
_reflns_shell.number_unique_all 
_reflns_shell.number_unique_obs 
_reflns_shell.percent_possible_all 
_reflns_shell.percent_possible_obs 
_reflns_shell.Rmerge_F_all 
_reflns_shell.Rmerge_F_obs 
_reflns_shell.Rmerge_I_all 
_reflns_shell.Rmerge_I_obs 
_reflns_shell.meanI_over_sigI_gt 
_reflns_shell.meanI_over_uI_all 
_reflns_shell.meanI_over_uI_gt 
_reflns_shell.number_measured_gt 
_reflns_shell.number_unique_gt 
_reflns_shell.percent_possible_gt 
_reflns_shell.Rmerge_F_gt 
_reflns_shell.Rmerge_I_gt 
_reflns_shell.pdbx_redundancy 
_reflns_shell.pdbx_Rsym_value 
_reflns_shell.pdbx_chi_squared 
_reflns_shell.pdbx_netI_over_sigmaI_all 
_reflns_shell.pdbx_netI_over_sigmaI_obs 
_reflns_shell.pdbx_Rrim_I_all 
_reflns_shell.pdbx_Rpim_I_all 
_reflns_shell.pdbx_rejects 
_reflns_shell.pdbx_ordinal 
_reflns_shell.pdbx_diffrn_id 
_reflns_shell.pdbx_CC_half 
_reflns_shell.pdbx_R_split 
1.470 1.520  ? ? ? ? ? 1746 ? 80.800  ? ? ? ? 0.452 ? ? ? ? ? ? ? ? 4.900 ? 1.091 ? ? ? ? 0 1  1 ? ? 
1.520 1.580  ? ? ? ? ? 1899 ? 87.500  ? ? ? ? 0.393 ? ? ? ? ? ? ? ? 5.400 ? 1.097 ? ? ? ? 0 2  1 ? ? 
1.580 1.660  ? ? ? ? ? 2117 ? 97.000  ? ? ? ? 0.324 ? ? ? ? ? ? ? ? 5.600 ? 1.042 ? ? ? ? 0 3  1 ? ? 
1.660 1.740  ? ? ? ? ? 2190 ? 100.000 ? ? ? ? 0.251 ? ? ? ? ? ? ? ? 5.900 ? 1.008 ? ? ? ? 0 4  1 ? ? 
1.740 1.850  ? ? ? ? ? 2182 ? 100.000 ? ? ? ? 0.184 ? ? ? ? ? ? ? ? 6.100 ? 1.056 ? ? ? ? 0 5  1 ? ? 
1.850 2.000  ? ? ? ? ? 2178 ? 100.000 ? ? ? ? 0.125 ? ? ? ? ? ? ? ? 6.100 ? 1.004 ? ? ? ? 0 6  1 ? ? 
2.000 2.200  ? ? ? ? ? 2204 ? 100.000 ? ? ? ? 0.076 ? ? ? ? ? ? ? ? 6.100 ? 1.027 ? ? ? ? 0 7  1 ? ? 
2.200 2.510  ? ? ? ? ? 2223 ? 100.000 ? ? ? ? 0.063 ? ? ? ? ? ? ? ? 6.100 ? 1.004 ? ? ? ? 0 8  1 ? ? 
2.510 3.170  ? ? ? ? ? 2228 ? 99.900  ? ? ? ? 0.051 ? ? ? ? ? ? ? ? 6.000 ? 1.040 ? ? ? ? 0 9  1 ? ? 
3.170 50.000 ? ? ? ? ? 2328 ? 99.000  ? ? ? ? 0.039 ? ? ? ? ? ? ? ? 5.600 ? 1.063 ? ? ? ? 0 10 1 ? ? 
# 
_refine.aniso_B[1][1]                            0.3300 
_refine.aniso_B[1][2]                            -0.0000 
_refine.aniso_B[1][3]                            -0.0000 
_refine.aniso_B[2][2]                            3.4800 
_refine.aniso_B[2][3]                            0.0000 
_refine.aniso_B[3][3]                            -3.8200 
_refine.B_iso_max                                76.870 
_refine.B_iso_mean                               28.8300 
_refine.B_iso_min                                15.160 
_refine.correlation_coeff_Fo_to_Fc               0.9570 
_refine.correlation_coeff_Fo_to_Fc_free          0.9510 
_refine.details                                  ? 
_refine.diff_density_max                         ? 
_refine.diff_density_max_esd                     ? 
_refine.diff_density_min                         ? 
_refine.diff_density_min_esd                     ? 
_refine.diff_density_rms                         ? 
_refine.diff_density_rms_esd                     ? 
_refine.entry_id                                 4YY4 
_refine.pdbx_refine_id                           'X-RAY DIFFRACTION' 
_refine.ls_abs_structure_details                 ? 
_refine.ls_abs_structure_Flack                   ? 
_refine.ls_abs_structure_Flack_esd               ? 
_refine.ls_abs_structure_Rogers                  ? 
_refine.ls_abs_structure_Rogers_esd              ? 
_refine.ls_d_res_high                            1.4700 
_refine.ls_d_res_low                             32.5900 
_refine.ls_extinction_coef                       ? 
_refine.ls_extinction_coef_esd                   ? 
_refine.ls_extinction_expression                 ? 
_refine.ls_extinction_method                     ? 
_refine.ls_goodness_of_fit_all                   ? 
_refine.ls_goodness_of_fit_all_esd               ? 
_refine.ls_goodness_of_fit_obs                   ? 
_refine.ls_goodness_of_fit_obs_esd               ? 
_refine.ls_hydrogen_treatment                    ? 
_refine.ls_matrix_type                           ? 
_refine.ls_number_constraints                    ? 
_refine.ls_number_parameters                     ? 
_refine.ls_number_reflns_all                     ? 
_refine.ls_number_reflns_obs                     20147 
_refine.ls_number_reflns_R_free                  1087 
_refine.ls_number_reflns_R_work                  ? 
_refine.ls_number_restraints                     ? 
_refine.ls_percent_reflns_obs                    96.2600 
_refine.ls_percent_reflns_R_free                 5.1000 
_refine.ls_R_factor_all                          ? 
_refine.ls_R_factor_obs                          0.2178 
_refine.ls_R_factor_R_free                       0.2343 
_refine.ls_R_factor_R_free_error                 ? 
_refine.ls_R_factor_R_free_error_details         ? 
_refine.ls_R_factor_R_work                       0.2169 
_refine.ls_R_Fsqd_factor_obs                     ? 
_refine.ls_R_I_factor_obs                        ? 
_refine.ls_redundancy_reflns_all                 ? 
_refine.ls_redundancy_reflns_obs                 ? 
_refine.ls_restrained_S_all                      ? 
_refine.ls_restrained_S_obs                      ? 
_refine.ls_shift_over_esd_max                    ? 
_refine.ls_shift_over_esd_mean                   ? 
_refine.ls_structure_factor_coef                 ? 
_refine.ls_weighting_details                     ? 
_refine.ls_weighting_scheme                      ? 
_refine.ls_wR_factor_all                         ? 
_refine.ls_wR_factor_obs                         ? 
_refine.ls_wR_factor_R_free                      ? 
_refine.ls_wR_factor_R_work                      ? 
_refine.occupancy_max                            ? 
_refine.occupancy_min                            ? 
_refine.solvent_model_details                    MASK 
_refine.solvent_model_param_bsol                 ? 
_refine.solvent_model_param_ksol                 ? 
_refine.ls_R_factor_gt                           ? 
_refine.ls_goodness_of_fit_gt                    ? 
_refine.ls_goodness_of_fit_ref                   ? 
_refine.ls_shift_over_su_max                     ? 
_refine.ls_shift_over_su_max_lt                  ? 
_refine.ls_shift_over_su_mean                    ? 
_refine.ls_shift_over_su_mean_lt                 ? 
_refine.pdbx_ls_sigma_I                          ? 
_refine.pdbx_ls_sigma_F                          0.000 
_refine.pdbx_ls_sigma_Fsqd                       ? 
_refine.pdbx_data_cutoff_high_absF               ? 
_refine.pdbx_data_cutoff_high_rms_absF           ? 
_refine.pdbx_data_cutoff_low_absF                ? 
_refine.pdbx_isotropic_thermal_model             ? 
_refine.pdbx_ls_cross_valid_method               THROUGHOUT 
_refine.pdbx_method_to_determine_struct          'MOLECULAR REPLACEMENT' 
_refine.pdbx_starting_model                      'PDB entry 3HME' 
_refine.pdbx_stereochemistry_target_values       'MAXIMUM LIKELIHOOD' 
_refine.pdbx_R_Free_selection_details            RANDOM 
_refine.pdbx_stereochem_target_val_spec_case     ? 
_refine.pdbx_overall_ESU_R                       0.0170 
_refine.pdbx_overall_ESU_R_Free                  0.0160 
_refine.pdbx_solvent_vdw_probe_radii             1.2000 
_refine.pdbx_solvent_ion_probe_radii             0.8000 
_refine.pdbx_solvent_shrinkage_radii             0.8000 
_refine.pdbx_real_space_R                        ? 
_refine.pdbx_density_correlation                 ? 
_refine.pdbx_pd_number_of_powder_patterns        ? 
_refine.pdbx_pd_number_of_points                 ? 
_refine.pdbx_pd_meas_number_of_points            ? 
_refine.pdbx_pd_proc_ls_prof_R_factor            ? 
_refine.pdbx_pd_proc_ls_prof_wR_factor           ? 
_refine.pdbx_pd_Marquardt_correlation_coeff      ? 
_refine.pdbx_pd_Fsqrd_R_factor                   ? 
_refine.pdbx_pd_ls_matrix_band_width             ? 
_refine.pdbx_overall_phase_error                 ? 
_refine.pdbx_overall_SU_R_free_Cruickshank_DPI   ? 
_refine.pdbx_overall_SU_R_free_Blow_DPI          ? 
_refine.pdbx_overall_SU_R_Blow_DPI               ? 
_refine.pdbx_TLS_residual_ADP_flag               ? 
_refine.pdbx_diffrn_id                           1 
_refine.overall_SU_B                             1.6990 
_refine.overall_SU_ML                            0.0350 
_refine.overall_SU_R_Cruickshank_DPI             ? 
_refine.overall_SU_R_free                        ? 
_refine.overall_FOM_free_R_set                   ? 
_refine.overall_FOM_work_R_set                   ? 
_refine.pdbx_average_fsc_overall                 ? 
_refine.pdbx_average_fsc_work                    ? 
_refine.pdbx_average_fsc_free                    ? 
# 
_refine_hist.cycle_id                         final 
_refine_hist.pdbx_refine_id                   'X-RAY DIFFRACTION' 
_refine_hist.d_res_high                       1.4700 
_refine_hist.d_res_low                        32.5900 
_refine_hist.pdbx_number_atoms_ligand         4 
_refine_hist.number_atoms_solvent             100 
_refine_hist.number_atoms_total               929 
_refine_hist.pdbx_number_residues_total       101 
_refine_hist.pdbx_B_iso_mean_ligand           33.72 
_refine_hist.pdbx_B_iso_mean_solvent          34.67 
_refine_hist.pdbx_number_atoms_protein        825 
_refine_hist.pdbx_number_atoms_nucleic_acid   0 
# 
loop_
_refine_ls_restr.pdbx_refine_id 
_refine_ls_restr.criterion 
_refine_ls_restr.dev_ideal 
_refine_ls_restr.dev_ideal_target 
_refine_ls_restr.number 
_refine_ls_restr.rejects 
_refine_ls_restr.type 
_refine_ls_restr.weight 
_refine_ls_restr.pdbx_restraint_function 
'X-RAY DIFFRACTION' ? 0.032  0.019  850  ? r_bond_refined_d       ? ? 
'X-RAY DIFFRACTION' ? 2.764  1.967  1141 ? r_angle_refined_deg    ? ? 
'X-RAY DIFFRACTION' ? 4.664  5.000  100  ? r_dihedral_angle_1_deg ? ? 
'X-RAY DIFFRACTION' ? 41.178 23.784 37   ? r_dihedral_angle_2_deg ? ? 
'X-RAY DIFFRACTION' ? 14.957 15.000 159  ? r_dihedral_angle_3_deg ? ? 
'X-RAY DIFFRACTION' ? 26.017 15.000 3    ? r_dihedral_angle_4_deg ? ? 
'X-RAY DIFFRACTION' ? 0.200  0.200  121  ? r_chiral_restr         ? ? 
'X-RAY DIFFRACTION' ? 0.018  0.021  631  ? r_gen_planes_refined   ? ? 
'X-RAY DIFFRACTION' ? 2.450  2.192  403  ? r_mcbond_it            ? ? 
'X-RAY DIFFRACTION' ? 3.327  3.274  502  ? r_mcangle_it           ? ? 
'X-RAY DIFFRACTION' ? 4.153  2.613  447  ? r_scbond_it            ? ? 
# 
_refine_ls_shell.pdbx_refine_id                   'X-RAY DIFFRACTION' 
_refine_ls_shell.d_res_high                       1.4710 
_refine_ls_shell.d_res_low                        1.5090 
_refine_ls_shell.number_reflns_all                1254 
_refine_ls_shell.number_reflns_obs                ? 
_refine_ls_shell.number_reflns_R_free             68 
_refine_ls_shell.number_reflns_R_work             1186 
_refine_ls_shell.percent_reflns_obs               79.0700 
_refine_ls_shell.percent_reflns_R_free            ? 
_refine_ls_shell.R_factor_all                     ? 
_refine_ls_shell.R_factor_obs                     ? 
_refine_ls_shell.R_factor_R_free                  0.3020 
_refine_ls_shell.R_factor_R_free_error            ? 
_refine_ls_shell.R_factor_R_work                  0.2350 
_refine_ls_shell.redundancy_reflns_all            ? 
_refine_ls_shell.redundancy_reflns_obs            ? 
_refine_ls_shell.wR_factor_all                    ? 
_refine_ls_shell.wR_factor_obs                    ? 
_refine_ls_shell.wR_factor_R_free                 ? 
_refine_ls_shell.wR_factor_R_work                 ? 
_refine_ls_shell.pdbx_total_number_of_bins_used   20 
_refine_ls_shell.pdbx_phase_error                 ? 
_refine_ls_shell.pdbx_fsc_work                    ? 
_refine_ls_shell.pdbx_fsc_free                    ? 
# 
_struct.entry_id                     4YY4 
_struct.title                        'Crystal structure of BRD9 Bromodomain bound to DMSO' 
_struct.pdbx_model_details           ? 
_struct.pdbx_formula_weight          ? 
_struct.pdbx_formula_weight_method   ? 
_struct.pdbx_model_type_details      ? 
_struct.pdbx_CASP_flag               ? 
# 
_struct_keywords.entry_id        4YY4 
_struct_keywords.text            'complex, PROTEIN BINDING' 
_struct_keywords.pdbx_keywords   'PROTEIN BINDING' 
# 
loop_
_struct_asym.id 
_struct_asym.pdbx_blank_PDB_chainid_flag 
_struct_asym.pdbx_modified 
_struct_asym.entity_id 
_struct_asym.details 
A N N 1 ? 
B N N 2 ? 
C N N 3 ? 
# 
loop_
_struct_conf.conf_type_id 
_struct_conf.id 
_struct_conf.pdbx_PDB_helix_id 
_struct_conf.beg_label_comp_id 
_struct_conf.beg_label_asym_id 
_struct_conf.beg_label_seq_id 
_struct_conf.pdbx_beg_PDB_ins_code 
_struct_conf.end_label_comp_id 
_struct_conf.end_label_asym_id 
_struct_conf.end_label_seq_id 
_struct_conf.pdbx_end_PDB_ins_code 
_struct_conf.beg_auth_comp_id 
_struct_conf.beg_auth_asym_id 
_struct_conf.beg_auth_seq_id 
_struct_conf.end_auth_comp_id 
_struct_conf.end_auth_asym_id 
_struct_conf.end_auth_seq_id 
_struct_conf.pdbx_PDB_helix_class 
_struct_conf.details 
_struct_conf.pdbx_PDB_helix_length 
HELX_P HELX_P1 AA1 ILE A 10 ? LYS A 24  ? ILE A 25  LYS A 39  1 ? 15 
HELX_P HELX_P2 AA2 GLY A 41 ? ILE A 46  ? GLY A 56  ILE A 61  1 ? 6  
HELX_P HELX_P3 AA3 ASP A 51 ? ALA A 61  ? ASP A 66  ALA A 76  1 ? 11 
HELX_P HELX_P4 AA4 SER A 66 ? ASN A 85  ? SER A 81  ASN A 100 1 ? 20 
HELX_P HELX_P5 AA5 THR A 89 ? SER A 107 ? THR A 104 SER A 122 1 ? 19 
# 
_struct_conf_type.id          HELX_P 
_struct_conf_type.criteria    ? 
_struct_conf_type.reference   ? 
# 
_struct_site.id                   AC1 
_struct_site.pdbx_evidence_code   Software 
_struct_site.pdbx_auth_asym_id    A 
_struct_site.pdbx_auth_comp_id    DMS 
_struct_site.pdbx_auth_seq_id     201 
_struct_site.pdbx_auth_ins_code   ? 
_struct_site.pdbx_num_residues    4 
_struct_site.details              'binding site for residue DMS A 201' 
# 
loop_
_struct_site_gen.id 
_struct_site_gen.site_id 
_struct_site_gen.pdbx_num_res 
_struct_site_gen.label_comp_id 
_struct_site_gen.label_asym_id 
_struct_site_gen.label_seq_id 
_struct_site_gen.pdbx_auth_ins_code 
_struct_site_gen.auth_comp_id 
_struct_site_gen.auth_asym_id 
_struct_site_gen.auth_seq_id 
_struct_site_gen.label_atom_id 
_struct_site_gen.label_alt_id 
_struct_site_gen.symmetry 
_struct_site_gen.details 
1 AC1 4 PHE A 29 ? PHE A 44  . ? 1_555 ? 
2 AC1 4 ASN A 85 ? ASN A 100 . ? 1_555 ? 
3 AC1 4 TYR A 91 ? TYR A 106 . ? 1_555 ? 
4 AC1 4 HOH C .  ? HOH A 308 . ? 1_555 ? 
# 
_atom_sites.entry_id                    4YY4 
_atom_sites.fract_transf_matrix[1][1]   0.01123314 
_atom_sites.fract_transf_matrix[1][2]   0.02612050 
_atom_sites.fract_transf_matrix[1][3]   -0.00107983 
_atom_sites.fract_transf_matrix[2][1]   0.00988909 
_atom_sites.fract_transf_matrix[2][2]   -0.00465234 
_atom_sites.fract_transf_matrix[2][3]   -0.00966439 
_atom_sites.fract_transf_matrix[3][1]   -0.00589704 
_atom_sites.fract_transf_matrix[3][2]   0.00224196 
_atom_sites.fract_transf_matrix[3][3]   -0.00711341 
_atom_sites.fract_transf_vector[1]      -0.236047 
_atom_sites.fract_transf_vector[2]      0.175139 
_atom_sites.fract_transf_vector[3]      0.124057 
# 
loop_
_atom_type.symbol 
C 
N 
O 
S 
# 
loop_
_atom_site.group_PDB 
_atom_site.id 
_atom_site.type_symbol 
_atom_site.label_atom_id 
_atom_site.label_alt_id 
_atom_site.label_comp_id 
_atom_site.label_asym_id 
_atom_site.label_entity_id 
_atom_site.label_seq_id 
_atom_site.pdbx_PDB_ins_code 
_atom_site.Cartn_x 
_atom_site.Cartn_y 
_atom_site.Cartn_z 
_atom_site.occupancy 
_atom_site.B_iso_or_equiv 
_atom_site.pdbx_formal_charge 
_atom_site.auth_seq_id 
_atom_site.auth_comp_id 
_atom_site.auth_asym_id 
_atom_site.auth_atom_id 
_atom_site.pdbx_PDB_model_num 
ATOM   1   N N   . THR A 1 8   ? -19.744 3.159   5.175   1.00 60.57 ? 23  THR A N   1 
ATOM   2   C CA  . THR A 1 8   ? -20.350 1.793   5.003   1.00 53.21 ? 23  THR A CA  1 
ATOM   3   C C   . THR A 1 8   ? -20.925 1.439   3.558   1.00 50.48 ? 23  THR A C   1 
ATOM   4   O O   . THR A 1 8   ? -21.125 0.243   3.279   1.00 55.25 ? 23  THR A O   1 
ATOM   5   C CB  . THR A 1 8   ? -21.318 1.397   6.186   1.00 61.96 ? 23  THR A CB  1 
ATOM   6   O OG1 . THR A 1 8   ? -21.900 2.576   6.802   1.00 52.04 ? 23  THR A OG1 1 
ATOM   7   C CG2 . THR A 1 8   ? -20.553 0.602   7.286   1.00 53.33 ? 23  THR A CG2 1 
ATOM   8   N N   . PRO A 1 9   ? -21.156 2.440   2.636   1.00 46.43 ? 24  PRO A N   1 
ATOM   9   C CA  . PRO A 1 9   ? -21.603 1.955   1.300   1.00 46.42 ? 24  PRO A CA  1 
ATOM   10  C C   . PRO A 1 9   ? -20.338 1.493   0.474   1.00 40.91 ? 24  PRO A C   1 
ATOM   11  O O   . PRO A 1 9   ? -20.509 0.861   -0.553  1.00 37.99 ? 24  PRO A O   1 
ATOM   12  C CB  . PRO A 1 9   ? -22.231 3.206   0.671   1.00 44.72 ? 24  PRO A CB  1 
ATOM   13  C CG  . PRO A 1 9   ? -21.299 4.289   1.136   1.00 51.25 ? 24  PRO A CG  1 
ATOM   14  C CD  . PRO A 1 9   ? -21.014 3.922   2.607   1.00 56.76 ? 24  PRO A CD  1 
ATOM   15  N N   . ILE A 1 10  ? -19.116 1.776   0.940   1.00 38.48 ? 25  ILE A N   1 
ATOM   16  C CA  . ILE A 1 10  ? -17.881 1.422   0.171   1.00 35.72 ? 25  ILE A CA  1 
ATOM   17  C C   . ILE A 1 10  ? -17.146 0.262   0.865   1.00 35.28 ? 25  ILE A C   1 
ATOM   18  O O   . ILE A 1 10  ? -16.202 -0.330  0.321   1.00 28.98 ? 25  ILE A O   1 
ATOM   19  C CB  . ILE A 1 10  ? -16.910 2.630   -0.059  1.00 36.83 ? 25  ILE A CB  1 
ATOM   20  C CG1 . ILE A 1 10  ? -16.331 3.131   1.266   1.00 39.22 ? 25  ILE A CG1 1 
ATOM   21  C CG2 . ILE A 1 10  ? -17.624 3.820   -0.703  1.00 37.40 ? 25  ILE A CG2 1 
ATOM   22  C CD1 . ILE A 1 10  ? -15.326 4.251   1.073   1.00 39.93 ? 25  ILE A CD1 1 
ATOM   23  N N   . GLN A 1 11  ? -17.549 -0.160  2.069   1.00 30.52 ? 26  GLN A N   1 
ATOM   24  C CA  . GLN A 1 11  ? -16.720 -1.210  2.666   1.00 30.61 ? 26  GLN A CA  1 
ATOM   25  C C   . GLN A 1 11  ? -16.474 -2.502  1.814   1.00 30.77 ? 26  GLN A C   1 
ATOM   26  O O   . GLN A 1 11  ? -15.367 -3.027  1.712   1.00 29.51 ? 26  GLN A O   1 
ATOM   27  C CB  . GLN A 1 11  ? -17.303 -1.567  4.039   1.00 35.93 ? 26  GLN A CB  1 
ATOM   28  C CG  . GLN A 1 11  ? -16.407 -2.402  4.883   1.00 39.60 ? 26  GLN A CG  1 
ATOM   29  C CD  . GLN A 1 11  ? -16.923 -2.483  6.301   1.00 48.25 ? 26  GLN A CD  1 
ATOM   30  O OE1 . GLN A 1 11  ? -16.527 -1.707  7.176   1.00 49.10 ? 26  GLN A OE1 1 
ATOM   31  N NE2 . GLN A 1 11  ? -17.856 -3.374  6.521   1.00 42.03 ? 26  GLN A NE2 1 
ATOM   32  N N   . GLN A 1 12  ? -17.547 -3.071  1.228   1.00 30.27 ? 27  GLN A N   1 
ATOM   33  C CA  . GLN A 1 12  ? -17.374 -4.174  0.330   1.00 30.14 ? 27  GLN A CA  1 
ATOM   34  C C   . GLN A 1 12  ? -16.537 -3.883  -0.896  1.00 25.60 ? 27  GLN A C   1 
ATOM   35  O O   . GLN A 1 12  ? -15.792 -4.763  -1.277  1.00 26.19 ? 27  GLN A O   1 
ATOM   36  C CB  . GLN A 1 12  ? -18.731 -4.749  -0.040  1.00 31.79 ? 27  GLN A CB  1 
ATOM   37  C CG  . GLN A 1 12  ? -19.301 -5.530  1.170   1.00 34.08 ? 27  GLN A CG  1 
ATOM   38  C CD  . GLN A 1 12  ? -20.407 -6.514  0.772   1.00 40.99 ? 27  GLN A CD  1 
ATOM   39  O OE1 . GLN A 1 12  ? -20.227 -7.397  -0.073  1.00 41.66 ? 27  GLN A OE1 1 
ATOM   40  N NE2 . GLN A 1 12  ? -21.549 -6.399  1.445   1.00 45.32 ? 27  GLN A NE2 1 
ATOM   41  N N   . LEU A 1 13  ? -16.655 -2.685  -1.429  1.00 24.65 ? 28  LEU A N   1 
ATOM   42  C CA  . LEU A 1 13  ? -15.839 -2.311  -2.609  1.00 25.31 ? 28  LEU A CA  1 
ATOM   43  C C   . LEU A 1 13  ? -14.373 -2.283  -2.195  1.00 23.58 ? 28  LEU A C   1 
ATOM   44  O O   . LEU A 1 13  ? -13.480 -2.891  -2.860  1.00 22.70 ? 28  LEU A O   1 
ATOM   45  C CB  . LEU A 1 13  ? -16.364 -0.999  -3.186  1.00 25.93 ? 28  LEU A CB  1 
ATOM   46  C CG  . LEU A 1 13  ? -15.460 -0.464  -4.307  1.00 25.35 ? 28  LEU A CG  1 
ATOM   47  C CD1 . LEU A 1 13  ? -15.635 -1.296  -5.585  1.00 28.61 ? 28  LEU A CD1 1 
ATOM   48  C CD2 . LEU A 1 13  ? -15.827 0.986   -4.601  1.00 29.95 ? 28  LEU A CD2 1 
ATOM   49  N N   . LEU A 1 14  ? -14.093 -1.644  -1.051  1.00 22.23 ? 29  LEU A N   1 
ATOM   50  C CA  . LEU A 1 14  ? -12.678 -1.500  -0.594  1.00 22.18 ? 29  LEU A CA  1 
ATOM   51  C C   . LEU A 1 14  ? -12.080 -2.844  -0.271  1.00 21.22 ? 29  LEU A C   1 
ATOM   52  O O   . LEU A 1 14  ? -10.840 -3.089  -0.522  1.00 21.72 ? 29  LEU A O   1 
ATOM   53  C CB  . LEU A 1 14  ? -12.588 -0.589  0.614   1.00 23.16 ? 29  LEU A CB  1 
ATOM   54  C CG  . LEU A 1 14  ? -13.079 0.857   0.389   1.00 23.97 ? 29  LEU A CG  1 
ATOM   55  C CD1 . LEU A 1 14  ? -12.718 1.730   1.573   1.00 25.85 ? 29  LEU A CD1 1 
ATOM   56  C CD2 . LEU A 1 14  ? -12.449 1.465   -0.915  1.00 23.88 ? 29  LEU A CD2 1 
ATOM   57  N N   . GLU A 1 15  ? -12.856 -3.773  0.338   1.00 22.91 ? 30  GLU A N   1 
ATOM   58  C CA  . GLU A 1 15  ? -12.324 -5.120  0.636   1.00 22.87 ? 30  GLU A CA  1 
ATOM   59  C C   . GLU A 1 15  ? -11.849 -5.807  -0.687  1.00 21.69 ? 30  GLU A C   1 
ATOM   60  O O   . GLU A 1 15  ? -10.835 -6.629  -0.722  1.00 22.23 ? 30  GLU A O   1 
ATOM   61  C CB  . GLU A 1 15  ? -13.308 -5.992  1.482   1.00 25.76 ? 30  GLU A CB  1 
ATOM   62  C CG  . GLU A 1 15  ? -13.648 -5.253  2.819   1.00 32.33 ? 30  GLU A CG  1 
ATOM   63  C CD  . GLU A 1 15  ? -13.718 -6.130  4.038   1.00 59.98 ? 30  GLU A CD  1 
ATOM   64  O OE1 . GLU A 1 15  ? -12.720 -6.855  4.286   1.00 76.87 ? 30  GLU A OE1 1 
ATOM   65  O OE2 . GLU A 1 15  ? -14.726 -6.032  4.792   1.00 50.83 ? 30  GLU A OE2 1 
ATOM   66  N N   . HIS A 1 16  ? -12.712 -5.697  -1.693  1.00 20.63 ? 31  HIS A N   1 
ATOM   67  C CA  . HIS A 1 16  ? -12.391 -6.296  -3.029  1.00 21.84 ? 31  HIS A CA  1 
ATOM   68  C C   . HIS A 1 16  ? -11.132 -5.591  -3.572  1.00 22.08 ? 31  HIS A C   1 
ATOM   69  O O   . HIS A 1 16  ? -10.209 -6.313  -3.996  1.00 20.54 ? 31  HIS A O   1 
ATOM   70  C CB  . HIS A 1 16  ? -13.575 -6.129  -3.953  1.00 22.07 ? 31  HIS A CB  1 
ATOM   71  C CG  . HIS A 1 16  ? -13.211 -6.493  -5.358  1.00 22.46 ? 31  HIS A CG  1 
ATOM   72  N ND1 . HIS A 1 16  ? -13.027 -7.807  -5.747  1.00 20.08 ? 31  HIS A ND1 1 
ATOM   73  C CD2 . HIS A 1 16  ? -12.859 -5.723  -6.436  1.00 20.26 ? 31  HIS A CD2 1 
ATOM   74  C CE1 . HIS A 1 16  ? -12.642 -7.841  -7.023  1.00 20.34 ? 31  HIS A CE1 1 
ATOM   75  N NE2 . HIS A 1 16  ? -12.522 -6.608  -7.464  1.00 20.71 ? 31  HIS A NE2 1 
ATOM   76  N N   . PHE A 1 17  ? -11.082 -4.279  -3.561  1.00 21.69 ? 32  PHE A N   1 
ATOM   77  C CA  . PHE A 1 17  ? -9.876  -3.618  -4.078  1.00 18.67 ? 32  PHE A CA  1 
ATOM   78  C C   . PHE A 1 17  ? -8.654  -4.157  -3.296  1.00 19.82 ? 32  PHE A C   1 
ATOM   79  O O   . PHE A 1 17  ? -7.590  -4.460  -3.901  1.00 21.18 ? 32  PHE A O   1 
ATOM   80  C CB  . PHE A 1 17  ? -9.912  -2.135  -3.845  1.00 21.69 ? 32  PHE A CB  1 
ATOM   81  C CG  . PHE A 1 17  ? -10.834 -1.416  -4.805  1.00 20.27 ? 32  PHE A CG  1 
ATOM   82  C CD1 . PHE A 1 17  ? -11.294 -2.003  -5.991  1.00 20.73 ? 32  PHE A CD1 1 
ATOM   83  C CD2 . PHE A 1 17  ? -11.140 -0.062  -4.596  1.00 22.18 ? 32  PHE A CD2 1 
ATOM   84  C CE1 . PHE A 1 17  ? -12.113 -1.226  -6.859  1.00 20.49 ? 32  PHE A CE1 1 
ATOM   85  C CE2 . PHE A 1 17  ? -11.912 0.631   -5.411  1.00 22.79 ? 32  PHE A CE2 1 
ATOM   86  C CZ  . PHE A 1 17  ? -12.407 0.079   -6.568  1.00 23.01 ? 32  PHE A CZ  1 
ATOM   87  N N   . LEU A 1 18  ? -8.726  -4.152  -1.958  1.00 19.03 ? 33  LEU A N   1 
ATOM   88  C CA  . LEU A 1 18  ? -7.474  -4.558  -1.239  1.00 21.05 ? 33  LEU A CA  1 
ATOM   89  C C   . LEU A 1 18  ? -7.133  -6.012  -1.556  1.00 21.02 ? 33  LEU A C   1 
ATOM   90  O O   . LEU A 1 18  ? -5.922  -6.298  -1.678  1.00 22.26 ? 33  LEU A O   1 
ATOM   91  C CB  . LEU A 1 18  ? -7.770  -4.371  0.270   1.00 21.21 ? 33  LEU A CB  1 
ATOM   92  C CG  . LEU A 1 18  ? -6.553  -4.625  1.138   1.00 24.18 ? 33  LEU A CG  1 
ATOM   93  C CD1 . LEU A 1 18  ? -5.422  -3.711  0.871   1.00 25.80 ? 33  LEU A CD1 1 
ATOM   94  C CD2 . LEU A 1 18  ? -6.877  -4.383  2.691   1.00 25.31 ? 33  LEU A CD2 1 
ATOM   95  N N   . ARG A 1 19  ? -8.052  -7.003  -1.632  1.00 21.17 ? 34  ARG A N   1 
ATOM   96  C CA  . ARG A 1 19  ? -7.663  -8.412  -1.999  1.00 22.38 ? 34  ARG A CA  1 
ATOM   97  C C   . ARG A 1 19  ? -7.079  -8.363  -3.394  1.00 21.28 ? 34  ARG A C   1 
ATOM   98  O O   . ARG A 1 19  ? -5.996  -9.120  -3.589  1.00 21.67 ? 34  ARG A O   1 
ATOM   99  C CB  . ARG A 1 19  ? -8.949  -9.270  -2.074  1.00 23.41 ? 34  ARG A CB  1 
ATOM   100 C CG  . ARG A 1 19  ? -9.347  -9.693  -0.646  1.00 30.69 ? 34  ARG A CG  1 
ATOM   101 C CD  . ARG A 1 19  ? -10.489 -10.773 -0.650  1.00 31.92 ? 34  ARG A CD  1 
ATOM   102 N NE  . ARG A 1 19  ? -11.645 -10.354 -1.447  1.00 30.14 ? 34  ARG A NE  1 
ATOM   103 C CZ  . ARG A 1 19  ? -12.741 -9.695  -0.988  1.00 31.29 ? 34  ARG A CZ  1 
ATOM   104 N NH1 . ARG A 1 19  ? -12.907 -9.481  0.319   1.00 33.34 ? 34  ARG A NH1 1 
ATOM   105 N NH2 . ARG A 1 19  ? -13.735 -9.362  -1.787  1.00 28.11 ? 34  ARG A NH2 1 
ATOM   106 N N   . GLN A 1 20  ? -7.580  -7.564  -4.345  1.00 20.41 ? 35  GLN A N   1 
ATOM   107 C CA  . GLN A 1 20  ? -6.927  -7.627  -5.666  1.00 21.60 ? 35  GLN A CA  1 
ATOM   108 C C   . GLN A 1 20  ? -5.526  -7.011  -5.577  1.00 22.55 ? 35  GLN A C   1 
ATOM   109 O O   . GLN A 1 20  ? -4.584  -7.517  -6.315  1.00 21.93 ? 35  GLN A O   1 
ATOM   110 C CB  . GLN A 1 20  ? -7.771  -6.771  -6.603  1.00 20.12 ? 35  GLN A CB  1 
ATOM   111 C CG  . GLN A 1 20  ? -9.196  -7.371  -6.958  1.00 21.68 ? 35  GLN A CG  1 
ATOM   112 C CD  . GLN A 1 20  ? -9.004  -8.745  -7.636  1.00 25.82 ? 35  GLN A CD  1 
ATOM   113 O OE1 . GLN A 1 20  ? -9.008  -9.756  -7.023  1.00 33.30 ? 35  GLN A OE1 1 
ATOM   114 N NE2 . GLN A 1 20  ? -9.013  -8.686  -8.932  1.00 33.32 ? 35  GLN A NE2 1 
ATOM   115 N N   . LEU A 1 21  ? -5.357  -5.931  -4.819  1.00 18.25 ? 36  LEU A N   1 
ATOM   116 C CA  . LEU A 1 21  ? -4.050  -5.329  -4.852  1.00 20.27 ? 36  LEU A CA  1 
ATOM   117 C C   . LEU A 1 21  ? -3.097  -6.218  -4.131  1.00 20.41 ? 36  LEU A C   1 
ATOM   118 O O   . LEU A 1 21  ? -1.883  -6.391  -4.612  1.00 19.78 ? 36  LEU A O   1 
ATOM   119 C CB  . LEU A 1 21  ? -4.036  -3.973  -4.043  1.00 19.21 ? 36  LEU A CB  1 
ATOM   120 C CG  . LEU A 1 21  ? -4.896  -2.922  -4.677  1.00 21.59 ? 36  LEU A CG  1 
ATOM   121 C CD1 . LEU A 1 21  ? -5.133  -1.781  -3.725  1.00 24.68 ? 36  LEU A CD1 1 
ATOM   122 C CD2 . LEU A 1 21  ? -4.393  -2.530  -6.069  1.00 22.04 ? 36  LEU A CD2 1 
ATOM   123 N N   . GLN A 1 22  ? -3.455  -6.815  -2.929  1.00 20.03 ? 37  GLN A N   1 
ATOM   124 C CA  . GLN A 1 22  ? -2.495  -7.735  -2.244  1.00 18.13 ? 37  GLN A CA  1 
ATOM   125 C C   . GLN A 1 22  ? -2.059  -8.955  -3.068  1.00 19.64 ? 37  GLN A C   1 
ATOM   126 O O   . GLN A 1 22  ? -0.899  -9.425  -2.946  1.00 22.48 ? 37  GLN A O   1 
ATOM   127 C CB  . GLN A 1 22  ? -3.102  -8.150  -0.918  1.00 26.09 ? 37  GLN A CB  1 
ATOM   128 C CG  . GLN A 1 22  ? -2.083  -8.686  0.040   1.00 30.33 ? 37  GLN A CG  1 
ATOM   129 C CD  . GLN A 1 22  ? -2.417  -8.359  1.469   1.00 25.37 ? 37  GLN A CD  1 
ATOM   130 O OE1 . GLN A 1 22  ? -3.620  -8.081  1.887   1.00 28.69 ? 37  GLN A OE1 1 
ATOM   131 N NE2 . GLN A 1 22  ? -1.387  -8.333  2.243   1.00 23.04 ? 37  GLN A NE2 1 
ATOM   132 N N   . ARG A 1 23  ? -2.950  -9.456  -3.965  1.00 20.04 ? 38  ARG A N   1 
ATOM   133 C CA  . ARG A 1 23  ? -2.626  -10.582 -4.854  1.00 22.60 ? 38  ARG A CA  1 
ATOM   134 C C   . ARG A 1 23  ? -1.478  -10.165 -5.819  1.00 23.62 ? 38  ARG A C   1 
ATOM   135 O O   . ARG A 1 23  ? -0.799  -11.090 -6.357  1.00 24.52 ? 38  ARG A O   1 
ATOM   136 C CB  . ARG A 1 23  ? -3.859  -11.028 -5.643  1.00 27.11 ? 38  ARG A CB  1 
ATOM   137 C CG  . ARG A 1 23  ? -3.842  -12.345 -6.433  1.00 41.52 ? 38  ARG A CG  1 
ATOM   138 C CD  . ARG A 1 23  ? -5.247  -13.006 -6.606  1.00 43.54 ? 38  ARG A CD  1 
ATOM   139 N NE  . ARG A 1 23  ? -6.403  -12.133 -6.278  1.00 46.50 ? 38  ARG A NE  1 
ATOM   140 C CZ  . ARG A 1 23  ? -7.280  -12.305 -5.270  1.00 44.59 ? 38  ARG A CZ  1 
ATOM   141 N NH1 . ARG A 1 23  ? -7.171  -13.323 -4.419  1.00 55.05 ? 38  ARG A NH1 1 
ATOM   142 N NH2 . ARG A 1 23  ? -8.311  -11.440 -5.100  1.00 43.99 ? 38  ARG A NH2 1 
ATOM   143 N N   . LYS A 1 24  ? -1.257  -8.840  -6.003  1.00 22.49 ? 39  LYS A N   1 
ATOM   144 C CA  . LYS A 1 24  ? -0.101  -8.428  -6.849  1.00 21.78 ? 39  LYS A CA  1 
ATOM   145 C C   . LYS A 1 24  ? 1.200   -8.441  -6.146  1.00 25.15 ? 39  LYS A C   1 
ATOM   146 O O   . LYS A 1 24  ? 2.286   -8.146  -6.796  1.00 23.61 ? 39  LYS A O   1 
ATOM   147 C CB  . LYS A 1 24  ? -0.397  -7.079  -7.483  1.00 24.66 ? 39  LYS A CB  1 
ATOM   148 C CG  . LYS A 1 24  ? -1.709  -6.941  -8.193  1.00 27.98 ? 39  LYS A CG  1 
ATOM   149 C CD  . LYS A 1 24  ? -1.892  -5.486  -8.595  1.00 31.29 ? 39  LYS A CD  1 
ATOM   150 C CE  . LYS A 1 24  ? -3.258  -5.203  -9.163  1.00 37.53 ? 39  LYS A CE  1 
ATOM   151 N NZ  . LYS A 1 24  ? -3.253  -6.135  -10.353 1.00 43.57 ? 39  LYS A NZ  1 
ATOM   152 N N   . ASP A 1 25  ? 1.217   -8.697  -4.817  1.00 20.95 ? 40  ASP A N   1 
ATOM   153 C CA  . ASP A 1 25  ? 2.402   -8.783  -3.957  1.00 20.88 ? 40  ASP A CA  1 
ATOM   154 C C   . ASP A 1 25  ? 2.447   -10.175 -3.303  1.00 22.15 ? 40  ASP A C   1 
ATOM   155 O O   . ASP A 1 25  ? 2.299   -10.233 -2.034  1.00 22.50 ? 40  ASP A O   1 
ATOM   156 C CB  . ASP A 1 25  ? 2.344   -7.690  -2.814  1.00 19.85 ? 40  ASP A CB  1 
ATOM   157 C CG  . ASP A 1 25  ? 3.458   -7.786  -1.821  1.00 20.07 ? 40  ASP A CG  1 
ATOM   158 O OD1 . ASP A 1 25  ? 4.633   -8.233  -2.093  1.00 21.53 ? 40  ASP A OD1 1 
ATOM   159 O OD2 . ASP A 1 25  ? 3.084   -7.380  -0.658  1.00 22.75 ? 40  ASP A OD2 1 
ATOM   160 N N   . PRO A 1 26  ? 2.594   -11.212 -4.108  1.00 22.37 ? 41  PRO A N   1 
ATOM   161 C CA  . PRO A 1 26  ? 2.555   -12.588 -3.528  1.00 26.28 ? 41  PRO A CA  1 
ATOM   162 C C   . PRO A 1 26  ? 3.639   -12.858 -2.472  1.00 25.47 ? 41  PRO A C   1 
ATOM   163 O O   . PRO A 1 26  ? 3.414   -13.772 -1.650  1.00 27.80 ? 41  PRO A O   1 
ATOM   164 C CB  . PRO A 1 26  ? 2.798   -13.484 -4.762  1.00 27.15 ? 41  PRO A CB  1 
ATOM   165 C CG  . PRO A 1 26  ? 3.509   -12.576 -5.768  1.00 29.66 ? 41  PRO A CG  1 
ATOM   166 C CD  . PRO A 1 26  ? 2.844   -11.203 -5.558  1.00 25.24 ? 41  PRO A CD  1 
ATOM   167 N N   . HIS A 1 27  ? 4.820   -12.246 -2.545  1.00 22.79 ? 42  HIS A N   1 
ATOM   168 C CA  . HIS A 1 27  ? 5.824   -12.415 -1.506  1.00 25.07 ? 42  HIS A CA  1 
ATOM   169 C C   . HIS A 1 27  ? 5.525   -11.753 -0.234  1.00 23.65 ? 42  HIS A C   1 
ATOM   170 O O   . HIS A 1 27  ? 6.235   -11.999 0.742   1.00 24.62 ? 42  HIS A O   1 
ATOM   171 C CB  . HIS A 1 27  ? 7.205   -11.943 -1.885  1.00 27.34 ? 42  HIS A CB  1 
ATOM   172 C CG  . HIS A 1 27  ? 7.744   -12.721 -3.029  1.00 31.41 ? 42  HIS A CG  1 
ATOM   173 N ND1 . HIS A 1 27  ? 8.290   -13.978 -2.819  1.00 33.23 ? 42  HIS A ND1 1 
ATOM   174 C CD2 . HIS A 1 27  ? 7.886   -12.442 -4.346  1.00 39.72 ? 42  HIS A CD2 1 
ATOM   175 C CE1 . HIS A 1 27  ? 8.693   -14.469 -3.981  1.00 39.70 ? 42  HIS A CE1 1 
ATOM   176 N NE2 . HIS A 1 27  ? 8.489   -13.546 -4.917  1.00 45.23 ? 42  HIS A NE2 1 
ATOM   177 N N   . GLY A 1 28  ? 4.497   -10.889 -0.249  1.00 20.97 ? 43  GLY A N   1 
ATOM   178 C CA  . GLY A 1 28  ? 4.206   -10.254 0.925   1.00 18.20 ? 43  GLY A CA  1 
ATOM   179 C C   . GLY A 1 28  ? 5.132   -9.156  1.471   1.00 21.73 ? 43  GLY A C   1 
ATOM   180 O O   . GLY A 1 28  ? 5.252   -8.842  2.647   1.00 21.02 ? 43  GLY A O   1 
ATOM   181 N N   . PHE A 1 29  ? 5.877   -8.546  0.501   1.00 21.35 ? 44  PHE A N   1 
ATOM   182 C CA  . PHE A 1 29  ? 6.850   -7.461  0.846   1.00 20.33 ? 44  PHE A CA  1 
ATOM   183 C C   . PHE A 1 29  ? 6.143   -6.290  1.520   1.00 18.53 ? 44  PHE A C   1 
ATOM   184 O O   . PHE A 1 29  ? 6.674   -5.567  2.354   1.00 20.88 ? 44  PHE A O   1 
ATOM   185 C CB  . PHE A 1 29  ? 7.569   -6.978  -0.465  1.00 24.01 ? 44  PHE A CB  1 
ATOM   186 C CG  . PHE A 1 29  ? 8.366   -8.015  -1.180  1.00 26.84 ? 44  PHE A CG  1 
ATOM   187 C CD1 . PHE A 1 29  ? 8.975   -9.063  -0.477  1.00 30.53 ? 44  PHE A CD1 1 
ATOM   188 C CD2 . PHE A 1 29  ? 8.581   -7.890  -2.550  1.00 34.65 ? 44  PHE A CD2 1 
ATOM   189 C CE1 . PHE A 1 29  ? 9.781   -9.976  -1.095  1.00 35.42 ? 44  PHE A CE1 1 
ATOM   190 C CE2 . PHE A 1 29  ? 9.391   -8.820  -3.208  1.00 37.93 ? 44  PHE A CE2 1 
ATOM   191 C CZ  . PHE A 1 29  ? 10.015  -9.806  -2.477  1.00 33.90 ? 44  PHE A CZ  1 
ATOM   192 N N   . PHE A 1 30  ? 4.822   -6.097  1.146   1.00 19.30 ? 45  PHE A N   1 
ATOM   193 C CA  . PHE A 1 30  ? 4.065   -4.911  1.698   1.00 18.92 ? 45  PHE A CA  1 
ATOM   194 C C   . PHE A 1 30  ? 2.925   -5.260  2.589   1.00 18.97 ? 45  PHE A C   1 
ATOM   195 O O   . PHE A 1 30  ? 2.070   -4.471  2.848   1.00 18.43 ? 45  PHE A O   1 
ATOM   196 C CB  . PHE A 1 30  ? 3.569   -4.121  0.443   1.00 21.80 ? 45  PHE A CB  1 
ATOM   197 C CG  . PHE A 1 30  ? 4.707   -3.547  -0.471  1.00 21.16 ? 45  PHE A CG  1 
ATOM   198 C CD1 . PHE A 1 30  ? 5.904   -3.033  0.022   1.00 21.90 ? 45  PHE A CD1 1 
ATOM   199 C CD2 . PHE A 1 30  ? 4.617   -3.907  -1.849  1.00 22.83 ? 45  PHE A CD2 1 
ATOM   200 C CE1 . PHE A 1 30  ? 6.951   -2.640  -0.918  1.00 22.06 ? 45  PHE A CE1 1 
ATOM   201 C CE2 . PHE A 1 30  ? 5.653   -3.444  -2.789  1.00 21.52 ? 45  PHE A CE2 1 
ATOM   202 C CZ  . PHE A 1 30  ? 6.750   -2.844  -2.264  1.00 24.43 ? 45  PHE A CZ  1 
ATOM   203 N N   . ALA A 1 31  ? 3.043   -6.523  3.021   1.00 18.30 ? 46  ALA A N   1 
ATOM   204 C CA  . ALA A 1 31  ? 1.950   -7.056  3.920   1.00 18.69 ? 46  ALA A CA  1 
ATOM   205 C C   . ALA A 1 31  ? 1.849   -6.400  5.251   1.00 18.89 ? 46  ALA A C   1 
ATOM   206 O O   . ALA A 1 31  ? 0.737   -6.247  5.756   1.00 20.99 ? 46  ALA A O   1 
ATOM   207 C CB  . ALA A 1 31  ? 2.098   -8.575  4.099   1.00 20.68 ? 46  ALA A CB  1 
ATOM   208 N N   . PHE A 1 32  ? 2.978   -6.058  5.896   1.00 18.23 ? 47  PHE A N   1 
ATOM   209 C CA  . PHE A 1 32  ? 2.952   -5.571  7.258   1.00 18.63 ? 47  PHE A CA  1 
ATOM   210 C C   . PHE A 1 32  ? 3.837   -4.403  7.419   1.00 19.79 ? 47  PHE A C   1 
ATOM   211 O O   . PHE A 1 32  ? 4.705   -4.171  6.527   1.00 20.81 ? 47  PHE A O   1 
ATOM   212 C CB  . PHE A 1 32  ? 3.337   -6.781  8.192   1.00 21.54 ? 47  PHE A CB  1 
ATOM   213 C CG  . PHE A 1 32  ? 2.291   -7.866  8.203   1.00 25.52 ? 47  PHE A CG  1 
ATOM   214 C CD1 . PHE A 1 32  ? 1.043   -7.506  8.721   1.00 25.51 ? 47  PHE A CD1 1 
ATOM   215 C CD2 . PHE A 1 32  ? 2.547   -9.104  7.616   1.00 28.03 ? 47  PHE A CD2 1 
ATOM   216 C CE1 . PHE A 1 32  ? -0.001  -8.443  8.745   1.00 30.63 ? 47  PHE A CE1 1 
ATOM   217 C CE2 . PHE A 1 32  ? 1.483   -10.115 7.646   1.00 26.37 ? 47  PHE A CE2 1 
ATOM   218 C CZ  . PHE A 1 32  ? 0.242   -9.684  8.156   1.00 27.61 ? 47  PHE A CZ  1 
ATOM   219 N N   . PRO A 1 33  ? 3.777   -3.649  8.512   1.00 20.86 ? 48  PRO A N   1 
ATOM   220 C CA  . PRO A 1 33  ? 4.621   -2.451  8.680   1.00 22.10 ? 48  PRO A CA  1 
ATOM   221 C C   . PRO A 1 33  ? 6.044   -2.856  8.626   1.00 23.15 ? 48  PRO A C   1 
ATOM   222 O O   . PRO A 1 33  ? 6.478   -3.847  9.153   1.00 24.29 ? 48  PRO A O   1 
ATOM   223 C CB  . PRO A 1 33  ? 4.207   -1.919  10.098  1.00 27.05 ? 48  PRO A CB  1 
ATOM   224 C CG  . PRO A 1 33  ? 2.783   -2.343  10.251  1.00 27.69 ? 48  PRO A CG  1 
ATOM   225 C CD  . PRO A 1 33  ? 2.736   -3.719  9.581   1.00 26.67 ? 48  PRO A CD  1 
ATOM   226 N N   . VAL A 1 34  ? 6.813   -1.922  7.971   1.00 25.51 ? 49  VAL A N   1 
ATOM   227 C CA  . VAL A 1 34  ? 8.281   -2.015  7.915   1.00 26.86 ? 49  VAL A CA  1 
ATOM   228 C C   . VAL A 1 34  ? 8.888   -1.683  9.309   1.00 27.73 ? 49  VAL A C   1 
ATOM   229 O O   . VAL A 1 34  ? 8.360   -0.818  9.967   1.00 31.63 ? 49  VAL A O   1 
ATOM   230 C CB  . VAL A 1 34  ? 8.770   -0.939  6.920   1.00 24.60 ? 49  VAL A CB  1 
ATOM   231 C CG1 . VAL A 1 34  ? 10.288  -1.095  6.770   1.00 26.80 ? 49  VAL A CG1 1 
ATOM   232 C CG2 . VAL A 1 34  ? 8.115   -1.232  5.521   1.00 27.09 ? 49  VAL A CG2 1 
ATOM   233 N N   . THR A 1 35  ? 9.875   -2.397  9.757   1.00 26.10 ? 50  THR A N   1 
ATOM   234 C CA  . THR A 1 35  ? 10.517  -1.952  11.045  1.00 28.04 ? 50  THR A CA  1 
ATOM   235 C C   . THR A 1 35  ? 11.967  -1.515  10.678  1.00 26.33 ? 50  THR A C   1 
ATOM   236 O O   . THR A 1 35  ? 12.568  -2.038  9.735   1.00 25.61 ? 50  THR A O   1 
ATOM   237 C CB  . THR A 1 35  ? 10.579  -3.059  12.065  1.00 27.06 ? 50  THR A CB  1 
ATOM   238 O OG1 . THR A 1 35  ? 11.324  -4.140  11.501  1.00 29.03 ? 50  THR A OG1 1 
ATOM   239 C CG2 . THR A 1 35  ? 9.168   -3.658  12.313  1.00 28.98 ? 50  THR A CG2 1 
ATOM   240 N N   . ASP A 1 36  ? 12.512  -0.700  11.586  1.00 23.82 ? 51  ASP A N   1 
ATOM   241 C CA  . ASP A 1 36  ? 13.908  -0.206  11.403  1.00 24.60 ? 51  ASP A CA  1 
ATOM   242 C C   . ASP A 1 36  ? 14.912  -1.319  11.570  1.00 23.75 ? 51  ASP A C   1 
ATOM   243 O O   . ASP A 1 36  ? 15.999  -1.288  10.830  1.00 23.23 ? 51  ASP A O   1 
ATOM   244 C CB  . ASP A 1 36  ? 14.243  0.874   12.423  1.00 23.98 ? 51  ASP A CB  1 
ATOM   245 C CG  . ASP A 1 36  ? 13.451  2.086   12.135  1.00 22.49 ? 51  ASP A CG  1 
ATOM   246 O OD1 . ASP A 1 36  ? 13.045  2.304   10.965  1.00 24.47 ? 51  ASP A OD1 1 
ATOM   247 O OD2 . ASP A 1 36  ? 13.363  2.899   13.119  1.00 25.92 ? 51  ASP A OD2 1 
ATOM   248 N N   . ALA A 1 37  ? 14.573  -2.440  12.306  1.00 25.38 ? 52  ALA A N   1 
ATOM   249 C CA  . ALA A 1 37  ? 15.621  -3.454  12.436  1.00 28.82 ? 52  ALA A CA  1 
ATOM   250 C C   . ALA A 1 37  ? 15.842  -4.191  11.089  1.00 25.05 ? 52  ALA A C   1 
ATOM   251 O O   . ALA A 1 37  ? 16.977  -4.571  10.700  1.00 30.02 ? 52  ALA A O   1 
ATOM   252 C CB  . ALA A 1 37  ? 15.108  -4.558  13.406  1.00 31.72 ? 52  ALA A CB  1 
ATOM   253 N N   . ILE A 1 38  ? 14.825  -4.336  10.317  1.00 25.76 ? 53  ILE A N   1 
ATOM   254 C CA  . ILE A 1 38  ? 14.951  -4.971  9.016   1.00 25.43 ? 53  ILE A CA  1 
ATOM   255 C C   . ILE A 1 38  ? 15.248  -3.987  7.850   1.00 24.74 ? 53  ILE A C   1 
ATOM   256 O O   . ILE A 1 38  ? 15.828  -4.376  6.767   1.00 27.72 ? 53  ILE A O   1 
ATOM   257 C CB  . ILE A 1 38  ? 13.585  -5.717  8.680   1.00 28.29 ? 53  ILE A CB  1 
ATOM   258 C CG1 . ILE A 1 38  ? 13.339  -6.851  9.709   1.00 31.84 ? 53  ILE A CG1 1 
ATOM   259 C CG2 . ILE A 1 38  ? 13.626  -6.277  7.234   1.00 29.65 ? 53  ILE A CG2 1 
ATOM   260 C CD1 . ILE A 1 38  ? 14.517  -7.814  9.778   1.00 29.96 ? 53  ILE A CD1 1 
ATOM   261 N N   . ALA A 1 39  ? 14.777  -2.698  7.987   1.00 23.71 ? 54  ALA A N   1 
ATOM   262 C CA  . ALA A 1 39  ? 15.095  -1.659  6.991   1.00 20.76 ? 54  ALA A CA  1 
ATOM   263 C C   . ALA A 1 39  ? 15.708  -0.455  7.718   1.00 19.37 ? 54  ALA A C   1 
ATOM   264 O O   . ALA A 1 39  ? 14.981  0.489   8.133   1.00 20.65 ? 54  ALA A O   1 
ATOM   265 C CB  . ALA A 1 39  ? 13.805  -1.243  6.396   1.00 22.46 ? 54  ALA A CB  1 
ATOM   266 N N   . PRO A 1 40  ? 17.008  -0.526  7.828   1.00 21.35 ? 55  PRO A N   1 
ATOM   267 C CA  . PRO A 1 40  ? 17.729  0.515   8.614   1.00 19.84 ? 55  PRO A CA  1 
ATOM   268 C C   . PRO A 1 40  ? 17.391  1.949   8.099   1.00 18.46 ? 55  PRO A C   1 
ATOM   269 O O   . PRO A 1 40  ? 17.336  2.204   6.904   1.00 21.17 ? 55  PRO A O   1 
ATOM   270 C CB  . PRO A 1 40  ? 19.179  0.133   8.486   1.00 21.75 ? 55  PRO A CB  1 
ATOM   271 C CG  . PRO A 1 40  ? 19.202  -1.437  8.186   1.00 24.79 ? 55  PRO A CG  1 
ATOM   272 C CD  . PRO A 1 40  ? 17.960  -1.585  7.355   1.00 21.21 ? 55  PRO A CD  1 
ATOM   273 N N   . GLY A 1 41  ? 17.109  2.813   9.080   1.00 19.12 ? 56  GLY A N   1 
ATOM   274 C CA  . GLY A 1 41  ? 16.740  4.201   8.841   1.00 17.98 ? 56  GLY A CA  1 
ATOM   275 C C   . GLY A 1 41  ? 15.343  4.474   8.383   1.00 21.57 ? 56  GLY A C   1 
ATOM   276 O O   . GLY A 1 41  ? 14.959  5.595   7.979   1.00 22.60 ? 56  GLY A O   1 
ATOM   277 N N   . TYR A 1 42  ? 14.556  3.399   8.211   1.00 19.86 ? 57  TYR A N   1 
ATOM   278 C CA  . TYR A 1 42  ? 13.201  3.653   7.599   1.00 21.59 ? 57  TYR A CA  1 
ATOM   279 C C   . TYR A 1 42  ? 12.445  4.770   8.244   1.00 21.46 ? 57  TYR A C   1 
ATOM   280 O O   . TYR A 1 42  ? 11.822  5.525   7.571   1.00 21.10 ? 57  TYR A O   1 
ATOM   281 C CB  . TYR A 1 42  ? 12.362  2.252   7.705   1.00 20.51 ? 57  TYR A CB  1 
ATOM   282 C CG  . TYR A 1 42  ? 11.251  2.309   6.701   1.00 20.67 ? 57  TYR A CG  1 
ATOM   283 C CD1 . TYR A 1 42  ? 11.472  1.960   5.313   1.00 20.26 ? 57  TYR A CD1 1 
ATOM   284 C CD2 . TYR A 1 42  ? 9.971   2.658   7.089   1.00 21.31 ? 57  TYR A CD2 1 
ATOM   285 C CE1 . TYR A 1 42  ? 10.365  1.980   4.398   1.00 20.30 ? 57  TYR A CE1 1 
ATOM   286 C CE2 . TYR A 1 42  ? 8.868   2.721   6.175   1.00 22.52 ? 57  TYR A CE2 1 
ATOM   287 C CZ  . TYR A 1 42  ? 9.113   2.363   4.862   1.00 20.07 ? 57  TYR A CZ  1 
ATOM   288 O OH  . TYR A 1 42  ? 8.108   2.489   3.896   1.00 22.99 ? 57  TYR A OH  1 
ATOM   289 N N   . SER A 1 43  ? 12.294  4.712   9.564   1.00 21.52 ? 58  SER A N   1 
ATOM   290 C CA  . SER A 1 43  ? 11.527  5.657   10.274  1.00 21.99 ? 58  SER A CA  1 
ATOM   291 C C   . SER A 1 43  ? 12.011  7.099   10.161  1.00 23.00 ? 58  SER A C   1 
ATOM   292 O O   . SER A 1 43  ? 11.296  8.101   10.371  1.00 28.82 ? 58  SER A O   1 
ATOM   293 C CB  . SER A 1 43  ? 11.329  5.239   11.706  1.00 24.33 ? 58  SER A CB  1 
ATOM   294 O OG  . SER A 1 43  ? 12.570  5.261   12.409  1.00 26.59 ? 58  SER A OG  1 
ATOM   295 N N   . MET A 1 44  ? 13.334  7.259   9.842   1.00 21.52 ? 59  MET A N   1 
ATOM   296 C CA  . MET A 1 44  ? 13.961  8.595   9.606   1.00 23.71 ? 59  MET A CA  1 
ATOM   297 C C   . MET A 1 44  ? 13.621  9.037   8.156   1.00 26.13 ? 59  MET A C   1 
ATOM   298 O O   . MET A 1 44  ? 13.314  10.231  7.898   1.00 27.91 ? 59  MET A O   1 
ATOM   299 C CB  . MET A 1 44  ? 15.539  8.404   9.841   1.00 23.20 ? 59  MET A CB  1 
ATOM   300 C CG  . MET A 1 44  ? 16.229  9.639   9.314   1.00 23.79 ? 59  MET A CG  1 
ATOM   301 S SD  . MET A 1 44  ? 17.991  9.347   9.564   1.00 25.01 ? 59  MET A SD  1 
ATOM   302 C CE  . MET A 1 44  ? 18.270  8.125   8.175   1.00 25.59 ? 59  MET A CE  1 
ATOM   303 N N   . ILE A 1 45  ? 13.552  8.093   7.207   1.00 22.15 ? 60  ILE A N   1 
ATOM   304 C CA  . ILE A 1 45  ? 13.377  8.505   5.839   1.00 23.67 ? 60  ILE A CA  1 
ATOM   305 C C   . ILE A 1 45  ? 11.869  8.658   5.506   1.00 23.12 ? 60  ILE A C   1 
ATOM   306 O O   . ILE A 1 45  ? 11.481  9.493   4.665   1.00 26.16 ? 60  ILE A O   1 
ATOM   307 C CB  . ILE A 1 45  ? 14.096  7.460   4.890   1.00 24.54 ? 60  ILE A CB  1 
ATOM   308 C CG1 . ILE A 1 45  ? 15.639  7.594   5.149   1.00 26.63 ? 60  ILE A CG1 1 
ATOM   309 C CG2 . ILE A 1 45  ? 13.782  7.414   3.334   1.00 24.87 ? 60  ILE A CG2 1 
ATOM   310 C CD1 . ILE A 1 45  ? 16.419  6.412   4.755   1.00 26.02 ? 60  ILE A CD1 1 
ATOM   311 N N   . ILE A 1 46  ? 11.038  7.757   6.058   1.00 22.07 ? 61  ILE A N   1 
ATOM   312 C CA  . ILE A 1 46  ? 9.632   7.731   5.728   1.00 23.06 ? 61  ILE A CA  1 
ATOM   313 C C   . ILE A 1 46  ? 8.761   8.271   6.871   1.00 24.43 ? 61  ILE A C   1 
ATOM   314 O O   . ILE A 1 46  ? 8.730   7.632   7.942   1.00 27.66 ? 61  ILE A O   1 
ATOM   315 C CB  . ILE A 1 46  ? 9.209   6.274   5.389   1.00 21.40 ? 61  ILE A CB  1 
ATOM   316 C CG1 . ILE A 1 46  ? 10.017  5.794   4.147   1.00 23.71 ? 61  ILE A CG1 1 
ATOM   317 C CG2 . ILE A 1 46  ? 7.656   6.148   5.209   1.00 22.83 ? 61  ILE A CG2 1 
ATOM   318 C CD1 . ILE A 1 46  ? 9.805   6.615   2.875   1.00 23.03 ? 61  ILE A CD1 1 
ATOM   319 N N   . LYS A 1 47  ? 8.108   9.386   6.595   1.00 26.41 ? 62  LYS A N   1 
ATOM   320 C CA  . LYS A 1 47  ? 7.348   9.947   7.724   1.00 27.63 ? 62  LYS A CA  1 
ATOM   321 C C   . LYS A 1 47  ? 5.994   9.422   8.030   1.00 26.61 ? 62  LYS A C   1 
ATOM   322 O O   . LYS A 1 47  ? 5.558   9.411   9.157   1.00 28.60 ? 62  LYS A O   1 
ATOM   323 C CB  . LYS A 1 47  ? 7.381   11.488  7.717   1.00 33.90 ? 62  LYS A CB  1 
ATOM   324 C CG  . LYS A 1 47  ? 8.744   12.021  8.231   1.00 44.43 ? 62  LYS A CG  1 
ATOM   325 C CD  . LYS A 1 47  ? 9.068   11.417  9.618   1.00 51.02 ? 62  LYS A CD  1 
ATOM   326 C CE  . LYS A 1 47  ? 10.461  10.818  9.712   1.00 49.07 ? 62  LYS A CE  1 
ATOM   327 N NZ  . LYS A 1 47  ? 11.494  11.879  9.884   1.00 58.00 ? 62  LYS A NZ  1 
ATOM   328 N N   . HIS A 1 48  ? 5.369   8.850   7.008   1.00 25.23 ? 63  HIS A N   1 
ATOM   329 C CA  . HIS A 1 48  ? 4.016   8.314   7.123   1.00 25.13 ? 63  HIS A CA  1 
ATOM   330 C C   . HIS A 1 48  ? 3.959   6.888   6.556   1.00 21.81 ? 63  HIS A C   1 
ATOM   331 O O   . HIS A 1 48  ? 3.557   6.747   5.388   1.00 25.21 ? 63  HIS A O   1 
ATOM   332 C CB  . HIS A 1 48  ? 2.985   9.238   6.435   1.00 25.40 ? 63  HIS A CB  1 
ATOM   333 C CG  . HIS A 1 48  ? 2.883   10.550  7.135   1.00 33.63 ? 63  HIS A CG  1 
ATOM   334 N ND1 . HIS A 1 48  ? 3.310   11.730  6.589   1.00 39.62 ? 63  HIS A ND1 1 
ATOM   335 C CD2 . HIS A 1 48  ? 2.454   10.833  8.391   1.00 34.31 ? 63  HIS A CD2 1 
ATOM   336 C CE1 . HIS A 1 48  ? 3.097   12.714  7.453   1.00 36.05 ? 63  HIS A CE1 1 
ATOM   337 N NE2 . HIS A 1 48  ? 2.584   12.197  8.556   1.00 44.19 ? 63  HIS A NE2 1 
ATOM   338 N N   . PRO A 1 49  ? 4.344   5.896   7.340   1.00 24.80 ? 64  PRO A N   1 
ATOM   339 C CA  . PRO A 1 49  ? 4.408   4.488   6.860   1.00 23.63 ? 64  PRO A CA  1 
ATOM   340 C C   . PRO A 1 49  ? 3.049   3.958   6.540   1.00 22.95 ? 64  PRO A C   1 
ATOM   341 O O   . PRO A 1 49  ? 2.063   4.400   7.081   1.00 22.82 ? 64  PRO A O   1 
ATOM   342 C CB  . PRO A 1 49  ? 5.018   3.705   8.023   1.00 24.79 ? 64  PRO A CB  1 
ATOM   343 C CG  . PRO A 1 49  ? 4.629   4.618   9.251   1.00 31.68 ? 64  PRO A CG  1 
ATOM   344 C CD  . PRO A 1 49  ? 4.779   6.030   8.758   1.00 25.86 ? 64  PRO A CD  1 
ATOM   345 N N   . MET A 1 50  ? 2.962   3.028   5.561   1.00 19.19 ? 65  MET A N   1 
ATOM   346 C CA  . MET A 1 50  ? 1.638   2.383   5.271   1.00 19.83 ? 65  MET A CA  1 
ATOM   347 C C   . MET A 1 50  ? 1.955   1.036   4.687   1.00 18.86 ? 65  MET A C   1 
ATOM   348 O O   . MET A 1 50  ? 3.046   0.769   4.166   1.00 22.01 ? 65  MET A O   1 
ATOM   349 C CB  . MET A 1 50  ? 0.858   3.239   4.267   1.00 22.54 ? 65  MET A CB  1 
ATOM   350 C CG  . MET A 1 50  ? -0.590  2.710   3.911   1.00 21.93 ? 65  MET A CG  1 
ATOM   351 S SD  . MET A 1 50  ? -1.605  2.459   5.425   1.00 24.48 ? 65  MET A SD  1 
ATOM   352 C CE  . MET A 1 50  ? -1.506  4.075   6.324   1.00 28.40 ? 65  MET A CE  1 
ATOM   353 N N   . ASP A 1 51  ? 0.985   0.125   4.879   1.00 20.30 ? 66  ASP A N   1 
ATOM   354 C CA  . ASP A 1 51  ? 1.144   -1.298  4.380   1.00 20.64 ? 66  ASP A CA  1 
ATOM   355 C C   . ASP A 1 51  ? -0.294  -1.929  4.287   1.00 18.98 ? 66  ASP A C   1 
ATOM   356 O O   . ASP A 1 51  ? -1.226  -1.303  4.783   1.00 20.49 ? 66  ASP A O   1 
ATOM   357 C CB  . ASP A 1 51  ? 1.935   -2.123  5.464   1.00 20.39 ? 66  ASP A CB  1 
ATOM   358 C CG  . ASP A 1 51  ? 1.194   -2.118  6.787   1.00 22.30 ? 66  ASP A CG  1 
ATOM   359 O OD1 . ASP A 1 51  ? 1.288   -1.188  7.620   1.00 26.90 ? 66  ASP A OD1 1 
ATOM   360 O OD2 . ASP A 1 51  ? 0.448   -3.166  7.038   1.00 23.85 ? 66  ASP A OD2 1 
ATOM   361 N N   . PHE A 1 52  ? -0.417  -3.075  3.594   1.00 17.94 ? 67  PHE A N   1 
ATOM   362 C CA  . PHE A 1 52  ? -1.706  -3.712  3.405   1.00 18.88 ? 67  PHE A CA  1 
ATOM   363 C C   . PHE A 1 52  ? -2.375  -4.055  4.704   1.00 21.73 ? 67  PHE A C   1 
ATOM   364 O O   . PHE A 1 52  ? -3.619  -3.977  4.635   1.00 20.61 ? 67  PHE A O   1 
ATOM   365 C CB  . PHE A 1 52  ? -1.516  -4.972  2.457   1.00 18.75 ? 67  PHE A CB  1 
ATOM   366 C CG  . PHE A 1 52  ? -1.194  -4.577  1.010   1.00 18.78 ? 67  PHE A CG  1 
ATOM   367 C CD1 . PHE A 1 52  ? -1.958  -3.625  0.337   1.00 21.45 ? 67  PHE A CD1 1 
ATOM   368 C CD2 . PHE A 1 52  ? -0.243  -5.286  0.351   1.00 19.04 ? 67  PHE A CD2 1 
ATOM   369 C CE1 . PHE A 1 52  ? -1.706  -3.337  -1.044  1.00 20.82 ? 67  PHE A CE1 1 
ATOM   370 C CE2 . PHE A 1 52  ? 0.010   -5.071  -1.039  1.00 20.37 ? 67  PHE A CE2 1 
ATOM   371 C CZ  . PHE A 1 52  ? -0.741  -4.113  -1.740  1.00 20.93 ? 67  PHE A CZ  1 
ATOM   372 N N   . GLY A 1 53  ? -1.624  -4.562  5.697   1.00 21.41 ? 68  GLY A N   1 
ATOM   373 C CA  . GLY A 1 53  ? -2.270  -4.992  7.002   1.00 24.71 ? 68  GLY A CA  1 
ATOM   374 C C   . GLY A 1 53  ? -2.989  -3.810  7.557   1.00 20.56 ? 68  GLY A C   1 
ATOM   375 O O   . GLY A 1 53  ? -4.123  -3.826  8.027   1.00 24.21 ? 68  GLY A O   1 
ATOM   376 N N   . THR A 1 54  ? -2.278  -2.694  7.611   1.00 20.08 ? 69  THR A N   1 
ATOM   377 C CA  . THR A 1 54  ? -2.826  -1.448  8.159   1.00 20.52 ? 69  THR A CA  1 
ATOM   378 C C   . THR A 1 54  ? -4.107  -0.972  7.399   1.00 22.85 ? 69  THR A C   1 
ATOM   379 O O   . THR A 1 54  ? -5.121  -0.482  7.992   1.00 25.32 ? 69  THR A O   1 
ATOM   380 C CB  . THR A 1 54  ? -1.763  -0.321  8.217   1.00 25.20 ? 69  THR A CB  1 
ATOM   381 O OG1 . THR A 1 54  ? -0.719  -0.860  9.041   1.00 27.98 ? 69  THR A OG1 1 
ATOM   382 C CG2 . THR A 1 54  ? -2.259  0.966   8.726   1.00 27.19 ? 69  THR A CG2 1 
ATOM   383 N N   . MET A 1 55  ? -4.043  -1.009  6.069   1.00 20.39 ? 70  MET A N   1 
ATOM   384 C CA  . MET A 1 55  ? -5.175  -0.675  5.292   1.00 22.47 ? 70  MET A CA  1 
ATOM   385 C C   . MET A 1 55  ? -6.375  -1.615  5.556   1.00 18.68 ? 70  MET A C   1 
ATOM   386 O O   . MET A 1 55  ? -7.482  -1.085  5.582   1.00 21.17 ? 70  MET A O   1 
ATOM   387 C CB  . MET A 1 55  ? -4.785  -0.738  3.751   1.00 22.10 ? 70  MET A CB  1 
ATOM   388 C CG  . MET A 1 55  ? -3.778  0.331   3.438   1.00 19.72 ? 70  MET A CG  1 
ATOM   389 S SD  . MET A 1 55  ? -3.320  0.287   1.692   1.00 26.37 ? 70  MET A SD  1 
ATOM   390 C CE  . MET A 1 55  ? -4.904  0.815   1.014   1.00 27.46 ? 70  MET A CE  1 
ATOM   391 N N   . LYS A 1 56  ? -6.139  -2.916  5.724   1.00 19.41 ? 71  LYS A N   1 
ATOM   392 C CA  . LYS A 1 56  ? -7.257  -3.833  5.984   1.00 23.66 ? 71  LYS A CA  1 
ATOM   393 C C   . LYS A 1 56  ? -7.837  -3.360  7.345   1.00 24.47 ? 71  LYS A C   1 
ATOM   394 O O   . LYS A 1 56  ? -9.137  -3.250  7.498   1.00 26.17 ? 71  LYS A O   1 
ATOM   395 C CB  . LYS A 1 56  ? -6.707  -5.256  6.111   1.00 23.00 ? 71  LYS A CB  1 
ATOM   396 C CG  . LYS A 1 56  ? -7.859  -6.219  6.514   1.00 24.88 ? 71  LYS A CG  1 
ATOM   397 C CD  . LYS A 1 56  ? -8.906  -6.475  5.465   1.00 28.82 ? 71  LYS A CD  1 
ATOM   398 C CE  . LYS A 1 56  ? -10.042 -7.359  6.025   1.00 43.63 ? 71  LYS A CE  1 
ATOM   399 N NZ  . LYS A 1 56  ? -9.476  -8.565  6.690   1.00 44.82 ? 71  LYS A NZ  1 
ATOM   400 N N   . ASP A 1 57  ? -6.995  -3.137  8.346   1.00 23.18 ? 72  ASP A N   1 
ATOM   401 C CA  . ASP A 1 57  ? -7.507  -2.674  9.645   1.00 25.59 ? 72  ASP A CA  1 
ATOM   402 C C   . ASP A 1 57  ? -8.377  -1.429  9.532   1.00 28.00 ? 72  ASP A C   1 
ATOM   403 O O   . ASP A 1 57  ? -9.468  -1.234  10.146  1.00 28.31 ? 72  ASP A O   1 
ATOM   404 C CB  . ASP A 1 57  ? -6.415  -2.510  10.671  1.00 26.06 ? 72  ASP A CB  1 
ATOM   405 C CG  . ASP A 1 57  ? -5.746  -3.811  11.049  1.00 30.45 ? 72  ASP A CG  1 
ATOM   406 O OD1 . ASP A 1 57  ? -6.378  -4.888  10.891  1.00 34.01 ? 72  ASP A OD1 1 
ATOM   407 O OD2 . ASP A 1 57  ? -4.530  -3.752  11.380  1.00 35.39 ? 72  ASP A OD2 1 
ATOM   408 N N   . LYS A 1 58  ? -7.892  -0.511  8.684   1.00 22.09 ? 73  LYS A N   1 
ATOM   409 C CA  . LYS A 1 58  ? -8.645  0.728   8.588   1.00 23.37 ? 73  LYS A CA  1 
ATOM   410 C C   . LYS A 1 58  ? -10.019 0.542   7.858   1.00 28.15 ? 73  LYS A C   1 
ATOM   411 O O   . LYS A 1 58  ? -11.002 1.263   8.144   1.00 28.27 ? 73  LYS A O   1 
ATOM   412 C CB  . LYS A 1 58  ? -7.847  1.804   7.771   1.00 24.21 ? 73  LYS A CB  1 
ATOM   413 C CG  . LYS A 1 58  ? -6.714  2.346   8.578   1.00 25.97 ? 73  LYS A CG  1 
ATOM   414 C CD  . LYS A 1 58  ? -5.791  3.336   7.830   1.00 25.24 ? 73  LYS A CD  1 
ATOM   415 C CE  . LYS A 1 58  ? -6.528  4.564   7.411   1.00 28.37 ? 73  LYS A CE  1 
ATOM   416 N NZ  . LYS A 1 58  ? -5.484  5.575   6.991   1.00 31.05 ? 73  LYS A NZ  1 
ATOM   417 N N   . ILE A 1 59  ? -10.100 -0.386  6.895   1.00 22.32 ? 74  ILE A N   1 
ATOM   418 C CA  . ILE A 1 59  ? -11.363 -0.705  6.309   1.00 24.79 ? 74  ILE A CA  1 
ATOM   419 C C   . ILE A 1 59  ? -12.374 -1.137  7.338   1.00 27.00 ? 74  ILE A C   1 
ATOM   420 O O   . ILE A 1 59  ? -13.486 -0.625  7.359   1.00 30.09 ? 74  ILE A O   1 
ATOM   421 C CB  . ILE A 1 59  ? -11.311 -1.802  5.203   1.00 24.49 ? 74  ILE A CB  1 
ATOM   422 C CG1 . ILE A 1 59  ? -10.443 -1.194  4.024   1.00 27.11 ? 74  ILE A CG1 1 
ATOM   423 C CG2 . ILE A 1 59  ? -12.725 -2.116  4.648   1.00 27.65 ? 74  ILE A CG2 1 
ATOM   424 C CD1 . ILE A 1 59  ? -10.066 -2.208  2.964   1.00 24.14 ? 74  ILE A CD1 1 
ATOM   425 N N   . VAL A 1 60  ? -11.978 -2.150  8.038   1.00 28.35 ? 75  VAL A N   1 
ATOM   426 C CA  . VAL A 1 60  ? -12.930 -2.780  9.034   1.00 30.24 ? 75  VAL A CA  1 
ATOM   427 C C   . VAL A 1 60  ? -13.307 -1.766  10.119  1.00 34.15 ? 75  VAL A C   1 
ATOM   428 O O   . VAL A 1 60  ? -14.455 -1.795  10.585  1.00 33.98 ? 75  VAL A O   1 
ATOM   429 C CB  . VAL A 1 60  ? -12.217 -3.974  9.596   1.00 29.52 ? 75  VAL A CB  1 
ATOM   430 C CG1 . VAL A 1 60  ? -13.144 -4.711  10.597  1.00 30.98 ? 75  VAL A CG1 1 
ATOM   431 C CG2 . VAL A 1 60  ? -11.968 -4.938  8.434   1.00 34.11 ? 75  VAL A CG2 1 
ATOM   432 N N   . ALA A 1 61  ? -12.387 -0.878  10.463  1.00 29.10 ? 76  ALA A N   1 
ATOM   433 C CA  . ALA A 1 61  ? -12.547 0.219   11.507  1.00 31.72 ? 76  ALA A CA  1 
ATOM   434 C C   . ALA A 1 61  ? -13.307 1.428   10.924  1.00 37.39 ? 76  ALA A C   1 
ATOM   435 O O   . ALA A 1 61  ? -13.362 2.503   11.589  1.00 38.63 ? 76  ALA A O   1 
ATOM   436 C CB  . ALA A 1 61  ? -11.185 0.679   11.990  1.00 34.99 ? 76  ALA A CB  1 
ATOM   437 N N   . ASN A 1 62  ? -13.824 1.289   9.692   1.00 37.50 ? 77  ASN A N   1 
ATOM   438 C CA  . ASN A 1 62  ? -14.398 2.386   8.856   1.00 36.55 ? 77  ASN A CA  1 
ATOM   439 C C   . ASN A 1 62  ? -13.705 3.697   8.807   1.00 37.56 ? 77  ASN A C   1 
ATOM   440 O O   . ASN A 1 62  ? -14.327 4.755   8.915   1.00 43.82 ? 77  ASN A O   1 
ATOM   441 C CB  . ASN A 1 62  ? -15.840 2.711   9.248   1.00 49.18 ? 77  ASN A CB  1 
ATOM   442 C CG  . ASN A 1 62  ? -16.646 1.491   9.551   1.00 49.74 ? 77  ASN A CG  1 
ATOM   443 O OD1 . ASN A 1 62  ? -16.902 1.203   10.715  1.00 55.88 ? 77  ASN A OD1 1 
ATOM   444 N ND2 . ASN A 1 62  ? -17.026 0.749   8.514   1.00 53.05 ? 77  ASN A ND2 1 
ATOM   445 N N   . GLU A 1 63  ? -12.423 3.646   8.620   1.00 31.82 ? 78  GLU A N   1 
ATOM   446 C CA  . GLU A 1 63  ? -11.651 4.836   8.736   1.00 33.40 ? 78  GLU A CA  1 
ATOM   447 C C   . GLU A 1 63  ? -11.595 5.482   7.349   1.00 35.70 ? 78  GLU A C   1 
ATOM   448 O O   . GLU A 1 63  ? -11.187 6.655   7.229   1.00 37.79 ? 78  GLU A O   1 
ATOM   449 C CB  . GLU A 1 63  ? -10.300 4.495   9.277   1.00 32.57 ? 78  GLU A CB  1 
ATOM   450 C CG  . GLU A 1 63  ? -10.325 4.337   10.788  1.00 36.76 ? 78  GLU A CG  1 
ATOM   451 C CD  . GLU A 1 63  ? -8.892  4.109   11.291  1.00 45.30 ? 78  GLU A CD  1 
ATOM   452 O OE1 . GLU A 1 63  ? -7.946  4.894   10.890  1.00 47.75 ? 78  GLU A OE1 1 
ATOM   453 O OE2 . GLU A 1 63  ? -8.696  3.145   12.065  1.00 51.76 ? 78  GLU A OE2 1 
ATOM   454 N N   . TYR A 1 64  ? -12.003 4.781   6.287   1.00 30.88 ? 79  TYR A N   1 
ATOM   455 C CA  . TYR A 1 64  ? -12.026 5.429   4.953   1.00 31.26 ? 79  TYR A CA  1 
ATOM   456 C C   . TYR A 1 64  ? -13.399 5.993   4.610   1.00 31.77 ? 79  TYR A C   1 
ATOM   457 O O   . TYR A 1 64  ? -14.345 5.257   4.468   1.00 39.21 ? 79  TYR A O   1 
ATOM   458 C CB  . TYR A 1 64  ? -11.696 4.371   3.878   1.00 28.05 ? 79  TYR A CB  1 
ATOM   459 C CG  . TYR A 1 64  ? -10.248 3.938   3.992   1.00 26.32 ? 79  TYR A CG  1 
ATOM   460 C CD1 . TYR A 1 64  ? -9.144  4.874   3.855   1.00 24.22 ? 79  TYR A CD1 1 
ATOM   461 C CD2 . TYR A 1 64  ? -9.965  2.591   4.216   1.00 25.89 ? 79  TYR A CD2 1 
ATOM   462 C CE1 . TYR A 1 64  ? -7.806  4.453   3.947   1.00 23.27 ? 79  TYR A CE1 1 
ATOM   463 C CE2 . TYR A 1 64  ? -8.629  2.140   4.306   1.00 23.31 ? 79  TYR A CE2 1 
ATOM   464 C CZ  . TYR A 1 64  ? -7.545  3.027   4.146   1.00 21.77 ? 79  TYR A CZ  1 
ATOM   465 O OH  . TYR A 1 64  ? -6.276  2.555   4.303   1.00 24.76 ? 79  TYR A OH  1 
ATOM   466 N N   . LYS A 1 65  ? -13.484 7.300   4.441   1.00 37.78 ? 80  LYS A N   1 
ATOM   467 C CA  . LYS A 1 65  ? -14.760 7.937   4.096   1.00 41.98 ? 80  LYS A CA  1 
ATOM   468 C C   . LYS A 1 65  ? -15.032 8.030   2.581   1.00 41.15 ? 80  LYS A C   1 
ATOM   469 O O   . LYS A 1 65  ? -16.160 8.334   2.161   1.00 43.74 ? 80  LYS A O   1 
ATOM   470 C CB  . LYS A 1 65  ? -14.843 9.315   4.755   1.00 44.98 ? 80  LYS A CB  1 
ATOM   471 C CG  . LYS A 1 65  ? -14.555 9.268   6.267   1.00 47.62 ? 80  LYS A CG  1 
ATOM   472 C CD  . LYS A 1 65  ? -15.040 10.504  7.001   1.00 58.88 ? 80  LYS A CD  1 
ATOM   473 C CE  . LYS A 1 65  ? -14.027 10.894  8.063   1.00 56.43 ? 80  LYS A CE  1 
ATOM   474 N NZ  . LYS A 1 65  ? -14.107 12.346  8.388   1.00 66.17 ? 80  LYS A NZ  1 
ATOM   475 N N   . SER A 1 66  ? -14.009 7.733   1.739   1.00 36.96 ? 81  SER A N   1 
ATOM   476 C CA  . SER A 1 66  ? -14.140 7.746   0.263   1.00 35.61 ? 81  SER A CA  1 
ATOM   477 C C   . SER A 1 66  ? -13.202 6.693   -0.333  1.00 27.91 ? 81  SER A C   1 
ATOM   478 O O   . SER A 1 66  ? -12.212 6.421   0.370   1.00 29.34 ? 81  SER A O   1 
ATOM   479 C CB  . SER A 1 66  ? -13.704 9.077   -0.324  1.00 34.92 ? 81  SER A CB  1 
ATOM   480 O OG  . SER A 1 66  ? -12.454 9.446   0.146   1.00 37.37 ? 81  SER A OG  1 
ATOM   481 N N   . VAL A 1 67  ? -13.490 6.204   -1.537  1.00 27.61 ? 82  VAL A N   1 
ATOM   482 C CA  . VAL A 1 67  ? -12.493 5.513   -2.359  1.00 27.42 ? 82  VAL A CA  1 
ATOM   483 C C   . VAL A 1 67  ? -11.277 6.382   -2.539  1.00 25.41 ? 82  VAL A C   1 
ATOM   484 O O   . VAL A 1 67  ? -10.162 5.838   -2.502  1.00 26.56 ? 82  VAL A O   1 
ATOM   485 C CB  . VAL A 1 67  ? -13.075 5.106   -3.752  1.00 27.88 ? 82  VAL A CB  1 
ATOM   486 C CG1 . VAL A 1 67  ? -12.013 4.497   -4.635  1.00 25.81 ? 82  VAL A CG1 1 
ATOM   487 C CG2 . VAL A 1 67  ? -14.197 4.078   -3.529  1.00 33.89 ? 82  VAL A CG2 1 
ATOM   488 N N   . THR A 1 68  ? -11.395 7.682   -2.781  1.00 27.71 ? 83  THR A N   1 
ATOM   489 C CA  . THR A 1 68  ? -10.276 8.564   -2.875  1.00 26.70 ? 83  THR A CA  1 
ATOM   490 C C   . THR A 1 68  ? -9.298  8.439   -1.608  1.00 27.83 ? 83  THR A C   1 
ATOM   491 O O   . THR A 1 68  ? -8.098  8.394   -1.749  1.00 24.75 ? 83  THR A O   1 
ATOM   492 C CB  . THR A 1 68  ? -10.776 10.020  -2.983  1.00 29.86 ? 83  THR A CB  1 
ATOM   493 O OG1 . THR A 1 68  ? -11.575 10.127  -4.164  1.00 34.55 ? 83  THR A OG1 1 
ATOM   494 C CG2 . THR A 1 68  ? -9.617  10.959  -3.010  1.00 31.42 ? 83  THR A CG2 1 
ATOM   495 N N   . GLU A 1 69  ? -9.772  8.392   -0.344  1.00 30.59 ? 84  GLU A N   1 
ATOM   496 C CA  . GLU A 1 69  ? -8.905  8.169   0.772   1.00 26.73 ? 84  GLU A CA  1 
ATOM   497 C C   . GLU A 1 69  ? -8.242  6.792   0.771   1.00 24.74 ? 84  GLU A C   1 
ATOM   498 O O   . GLU A 1 69  ? -7.066  6.689   1.106   1.00 23.93 ? 84  GLU A O   1 
ATOM   499 C CB  . GLU A 1 69  ? -9.693  8.304   2.076   1.00 29.05 ? 84  GLU A CB  1 
ATOM   500 C CG  . GLU A 1 69  ? -9.985  9.750   2.448   1.00 39.56 ? 84  GLU A CG  1 
ATOM   501 C CD  . GLU A 1 69  ? -10.913 9.866   3.644   1.00 46.02 ? 84  GLU A CD  1 
ATOM   502 O OE1 . GLU A 1 69  ? -11.101 8.874   4.406   1.00 39.83 ? 84  GLU A OE1 1 
ATOM   503 O OE2 . GLU A 1 69  ? -11.481 10.972  3.781   1.00 47.36 ? 84  GLU A OE2 1 
ATOM   504 N N   . PHE A 1 70  ? -8.991  5.786   0.341   1.00 23.97 ? 85  PHE A N   1 
ATOM   505 C CA  . PHE A 1 70  ? -8.311  4.468   0.239   1.00 25.20 ? 85  PHE A CA  1 
ATOM   506 C C   . PHE A 1 70  ? -7.169  4.535   -0.840  1.00 23.47 ? 85  PHE A C   1 
ATOM   507 O O   . PHE A 1 70  ? -6.060  4.014   -0.626  1.00 21.10 ? 85  PHE A O   1 
ATOM   508 C CB  . PHE A 1 70  ? -9.318  3.461   -0.139  1.00 24.63 ? 85  PHE A CB  1 
ATOM   509 C CG  . PHE A 1 70  ? -8.751  2.086   -0.377  1.00 21.99 ? 85  PHE A CG  1 
ATOM   510 C CD1 . PHE A 1 70  ? -8.595  1.139   0.655   1.00 23.36 ? 85  PHE A CD1 1 
ATOM   511 C CD2 . PHE A 1 70  ? -8.498  1.689   -1.681  1.00 24.86 ? 85  PHE A CD2 1 
ATOM   512 C CE1 . PHE A 1 70  ? -8.103  -0.147  0.372   1.00 26.93 ? 85  PHE A CE1 1 
ATOM   513 C CE2 . PHE A 1 70  ? -8.032  0.437   -1.938  1.00 21.33 ? 85  PHE A CE2 1 
ATOM   514 C CZ  . PHE A 1 70  ? -7.750  -0.430  -0.989  1.00 22.80 ? 85  PHE A CZ  1 
ATOM   515 N N   . LYS A 1 71  ? -7.467  5.093   -2.007  1.00 22.22 ? 86  LYS A N   1 
ATOM   516 C CA  . LYS A 1 71  ? -6.445  5.154   -3.047  1.00 23.34 ? 86  LYS A CA  1 
ATOM   517 C C   . LYS A 1 71  ? -5.256  5.980   -2.613  1.00 22.26 ? 86  LYS A C   1 
ATOM   518 O O   . LYS A 1 71  ? -4.119  5.558   -2.919  1.00 22.67 ? 86  LYS A O   1 
ATOM   519 C CB  . LYS A 1 71  ? -7.009  5.869   -4.325  1.00 24.24 ? 86  LYS A CB  1 
ATOM   520 C CG  . LYS A 1 71  ? -8.043  4.922   -5.010  1.00 24.48 ? 86  LYS A CG  1 
ATOM   521 C CD  . LYS A 1 71  ? -8.871  5.578   -6.157  1.00 28.55 ? 86  LYS A CD  1 
ATOM   522 C CE  . LYS A 1 71  ? -7.918  5.952   -7.293  1.00 29.90 ? 86  LYS A CE  1 
ATOM   523 N NZ  . LYS A 1 71  ? -8.690  6.449   -8.478  1.00 31.66 ? 86  LYS A NZ  1 
ATOM   524 N N   . ALA A 1 72  ? -5.474  6.979   -1.732  1.00 19.91 ? 87  ALA A N   1 
ATOM   525 C CA  . ALA A 1 72  ? -4.365  7.794   -1.240  1.00 21.24 ? 87  ALA A CA  1 
ATOM   526 C C   . ALA A 1 72  ? -3.444  6.925   -0.363  1.00 23.65 ? 87  ALA A C   1 
ATOM   527 O O   . ALA A 1 72  ? -2.231  7.061   -0.367  1.00 23.98 ? 87  ALA A O   1 
ATOM   528 C CB  . ALA A 1 72  ? -4.887  9.042   -0.477  1.00 24.86 ? 87  ALA A CB  1 
ATOM   529 N N   . ASP A 1 73  ? -3.973  5.966   0.395   1.00 21.68 ? 88  ASP A N   1 
ATOM   530 C CA  . ASP A 1 73  ? -3.118  5.130   1.267   1.00 20.72 ? 88  ASP A CA  1 
ATOM   531 C C   . ASP A 1 73  ? -2.402  4.120   0.409   1.00 20.01 ? 88  ASP A C   1 
ATOM   532 O O   . ASP A 1 73  ? -1.224  3.878   0.701   1.00 20.74 ? 88  ASP A O   1 
ATOM   533 C CB  . ASP A 1 73  ? -3.875  4.365   2.413   1.00 22.14 ? 88  ASP A CB  1 
ATOM   534 C CG  . ASP A 1 73  ? -3.995  5.174   3.754   1.00 26.35 ? 88  ASP A CG  1 
ATOM   535 O OD1 . ASP A 1 73  ? -3.219  6.172   3.955   1.00 27.81 ? 88  ASP A OD1 1 
ATOM   536 O OD2 . ASP A 1 73  ? -4.795  4.704   4.653   1.00 27.53 ? 88  ASP A OD2 1 
ATOM   537 N N   . PHE A 1 74  ? -3.032  3.560   -0.582  1.00 20.22 ? 89  PHE A N   1 
ATOM   538 C CA  . PHE A 1 74  ? -2.282  2.688   -1.488  1.00 18.16 ? 89  PHE A CA  1 
ATOM   539 C C   . PHE A 1 74  ? -1.145  3.495   -2.170  1.00 18.43 ? 89  PHE A C   1 
ATOM   540 O O   . PHE A 1 74  ? -0.001  2.901   -2.266  1.00 18.78 ? 89  PHE A O   1 
ATOM   541 C CB  . PHE A 1 74  ? -3.232  2.122   -2.525  1.00 19.81 ? 89  PHE A CB  1 
ATOM   542 C CG  . PHE A 1 74  ? -2.470  1.215   -3.541  1.00 19.20 ? 89  PHE A CG  1 
ATOM   543 C CD1 . PHE A 1 74  ? -1.749  0.031   -3.116  1.00 18.33 ? 89  PHE A CD1 1 
ATOM   544 C CD2 . PHE A 1 74  ? -2.611  1.468   -4.918  1.00 20.04 ? 89  PHE A CD2 1 
ATOM   545 C CE1 . PHE A 1 74  ? -1.004  -0.817  -4.026  1.00 20.43 ? 89  PHE A CE1 1 
ATOM   546 C CE2 . PHE A 1 74  ? -1.910  0.572   -5.854  1.00 21.11 ? 89  PHE A CE2 1 
ATOM   547 C CZ  . PHE A 1 74  ? -1.131  -0.566  -5.378  1.00 21.37 ? 89  PHE A CZ  1 
ATOM   548 N N   . LYS A 1 75  ? -1.389  4.683   -2.709  1.00 19.27 ? 90  LYS A N   1 
ATOM   549 C CA  . LYS A 1 75  ? -0.304  5.461   -3.336  1.00 18.57 ? 90  LYS A CA  1 
ATOM   550 C C   . LYS A 1 75  ? 0.774   5.792   -2.321  1.00 20.50 ? 90  LYS A C   1 
ATOM   551 O O   . LYS A 1 75  ? 1.942   5.739   -2.628  1.00 21.89 ? 90  LYS A O   1 
ATOM   552 C CB  . LYS A 1 75  ? -0.919  6.746   -3.924  1.00 23.39 ? 90  LYS A CB  1 
ATOM   553 C CG  . LYS A 1 75  ? 0.150   7.524   -4.645  1.00 24.82 ? 90  LYS A CG  1 
ATOM   554 C CD  . LYS A 1 75  ? -0.545  8.627   -5.368  1.00 24.68 ? 90  LYS A CD  1 
ATOM   555 C CE  . LYS A 1 75  ? 0.489   9.399   -6.236  1.00 26.98 ? 90  LYS A CE  1 
ATOM   556 N NZ  . LYS A 1 75  ? 1.550   10.068  -5.466  1.00 28.70 ? 90  LYS A NZ  1 
ATOM   557 N N   . LEU A 1 76  ? 0.418   5.996   -1.020  1.00 20.39 ? 91  LEU A N   1 
ATOM   558 C CA  . LEU A 1 76  ? 1.379   6.313   0.046   1.00 19.41 ? 91  LEU A CA  1 
ATOM   559 C C   . LEU A 1 76  ? 2.300   5.108   0.162   1.00 21.30 ? 91  LEU A C   1 
ATOM   560 O O   . LEU A 1 76  ? 3.473   5.229   0.274   1.00 22.08 ? 91  LEU A O   1 
ATOM   561 C CB  . LEU A 1 76  ? 0.598   6.675   1.320   1.00 22.74 ? 91  LEU A CB  1 
ATOM   562 C CG  . LEU A 1 76  ? 1.503   6.847   2.533   1.00 22.89 ? 91  LEU A CG  1 
ATOM   563 C CD1 . LEU A 1 76  ? 2.542   7.985   2.357   1.00 23.39 ? 91  LEU A CD1 1 
ATOM   564 C CD2 . LEU A 1 76  ? 0.670   7.151   3.783   1.00 25.11 ? 91  LEU A CD2 1 
ATOM   565 N N   . MET A 1 77  ? 1.742   3.905   0.278   1.00 20.01 ? 92  MET A N   1 
ATOM   566 C CA  . MET A 1 77  ? 2.550   2.741   0.448   1.00 21.77 ? 92  MET A CA  1 
ATOM   567 C C   . MET A 1 77  ? 3.520   2.585   -0.710  1.00 18.12 ? 92  MET A C   1 
ATOM   568 O O   . MET A 1 77  ? 4.711   2.287   -0.463  1.00 19.30 ? 92  MET A O   1 
ATOM   569 C CB  . MET A 1 77  ? 1.636   1.477   0.523   1.00 25.36 ? 92  MET A CB  1 
ATOM   570 C CG  . MET A 1 77  ? 2.318   0.185   0.895   1.00 25.02 ? 92  MET A CG  1 
ATOM   571 S SD  . MET A 1 77  ? 1.101   -1.159  0.711   1.00 29.03 ? 92  MET A SD  1 
ATOM   572 C CE  . MET A 1 77  ? -0.188  -0.373  0.912   1.00 15.16 ? 92  MET A CE  1 
ATOM   573 N N   . CYS A 1 78  ? 3.071   2.790   -1.919  1.00 19.22 ? 93  CYS A N   1 
ATOM   574 C CA  . CYS A 1 78  ? 3.995   2.607   -3.094  1.00 21.84 ? 93  CYS A CA  1 
ATOM   575 C C   . CYS A 1 78  ? 5.044   3.762   -3.195  1.00 20.26 ? 93  CYS A C   1 
ATOM   576 O O   . CYS A 1 78  ? 6.174   3.444   -3.483  1.00 20.43 ? 93  CYS A O   1 
ATOM   577 C CB  . CYS A 1 78  ? 3.139   2.545   -4.366  1.00 19.20 ? 93  CYS A CB  1 
ATOM   578 S SG  . CYS A 1 78  ? 2.056   1.076   -4.462  1.00 22.06 ? 93  CYS A SG  1 
ATOM   579 N N   . ASP A 1 79  ? 4.586   4.953   -2.883  1.00 20.28 ? 94  ASP A N   1 
ATOM   580 C CA  . ASP A 1 79  ? 5.504   6.099   -2.924  1.00 21.18 ? 94  ASP A CA  1 
ATOM   581 C C   . ASP A 1 79  ? 6.573   5.889   -1.887  1.00 22.08 ? 94  ASP A C   1 
ATOM   582 O O   . ASP A 1 79  ? 7.757   6.165   -2.154  1.00 22.75 ? 94  ASP A O   1 
ATOM   583 C CB  . ASP A 1 79  ? 4.786   7.414   -2.713  1.00 21.64 ? 94  ASP A CB  1 
ATOM   584 C CG  . ASP A 1 79  ? 4.026   7.866   -3.965  1.00 26.12 ? 94  ASP A CG  1 
ATOM   585 O OD1 . ASP A 1 79  ? 4.242   7.281   -5.040  1.00 27.21 ? 94  ASP A OD1 1 
ATOM   586 O OD2 . ASP A 1 79  ? 3.175   8.721   -3.790  1.00 28.58 ? 94  ASP A OD2 1 
ATOM   587 N N   . ASN A 1 80  ? 6.220   5.423   -0.656  1.00 19.08 ? 95  ASN A N   1 
ATOM   588 C CA  . ASN A 1 80  ? 7.189   5.176   0.370   1.00 20.95 ? 95  ASN A CA  1 
ATOM   589 C C   . ASN A 1 80  ? 8.229   4.202   -0.124  1.00 20.45 ? 95  ASN A C   1 
ATOM   590 O O   . ASN A 1 80  ? 9.447   4.325   0.179   1.00 20.62 ? 95  ASN A O   1 
ATOM   591 C CB  . ASN A 1 80  ? 6.575   4.646   1.661   1.00 22.25 ? 95  ASN A CB  1 
ATOM   592 C CG  . ASN A 1 80  ? 5.714   5.669   2.390   1.00 21.88 ? 95  ASN A CG  1 
ATOM   593 O OD1 . ASN A 1 80  ? 5.912   6.938   2.239   1.00 22.95 ? 95  ASN A OD1 1 
ATOM   594 N ND2 . ASN A 1 80  ? 4.863   5.213   3.320   1.00 22.38 ? 95  ASN A ND2 1 
ATOM   595 N N   . ALA A 1 81  ? 7.764   3.072   -0.690  1.00 19.45 ? 96  ALA A N   1 
ATOM   596 C CA  . ALA A 1 81  ? 8.674   2.100   -1.222  1.00 18.80 ? 96  ALA A CA  1 
ATOM   597 C C   . ALA A 1 81  ? 9.603   2.589   -2.299  1.00 20.38 ? 96  ALA A C   1 
ATOM   598 O O   . ALA A 1 81  ? 10.782  2.200   -2.338  1.00 21.69 ? 96  ALA A O   1 
ATOM   599 C CB  . ALA A 1 81  ? 7.889   0.826   -1.673  1.00 19.58 ? 96  ALA A CB  1 
ATOM   600 N N   . MET A 1 82  ? 9.049   3.495   -3.110  1.00 20.18 ? 97  MET A N   1 
ATOM   601 C CA  . MET A 1 82  ? 9.916   4.101   -4.242  1.00 23.27 ? 97  MET A CA  1 
ATOM   602 C C   . MET A 1 82  ? 10.873  5.079   -3.691  1.00 22.99 ? 97  MET A C   1 
ATOM   603 O O   . MET A 1 82  ? 11.848  5.387   -4.408  1.00 33.70 ? 97  MET A O   1 
ATOM   604 C CB  . MET A 1 82  ? 9.018   4.601   -5.330  1.00 23.07 ? 97  MET A CB  1 
ATOM   605 C CG  . MET A 1 82  ? 8.333   3.489   -6.031  1.00 23.65 ? 97  MET A CG  1 
ATOM   606 S SD  . MET A 1 82  ? 7.325   4.023   -7.431  1.00 27.15 ? 97  MET A SD  1 
ATOM   607 C CE  . MET A 1 82  ? 8.451   3.238   -8.392  1.00 34.34 ? 97  MET A CE  1 
ATOM   608 N N   . THR A 1 83  ? 10.665  5.681   -2.512  1.00 22.43 ? 98  THR A N   1 
ATOM   609 C CA  . THR A 1 83  ? 11.657  6.613   -1.942  1.00 22.63 ? 98  THR A CA  1 
ATOM   610 C C   . THR A 1 83  ? 12.685  5.803   -1.220  1.00 24.03 ? 98  THR A C   1 
ATOM   611 O O   . THR A 1 83  ? 13.923  6.128   -1.256  1.00 26.65 ? 98  THR A O   1 
ATOM   612 C CB  . THR A 1 83  ? 10.812  7.466   -0.978  1.00 24.11 ? 98  THR A CB  1 
ATOM   613 O OG1 . THR A 1 83  ? 9.901   8.318   -1.749  1.00 29.62 ? 98  THR A OG1 1 
ATOM   614 C CG2 . THR A 1 83  ? 11.718  8.445   -0.100  1.00 24.18 ? 98  THR A CG2 1 
ATOM   615 N N   . TYR A 1 84  ? 12.271  4.813   -0.344  1.00 24.10 ? 99  TYR A N   1 
ATOM   616 C CA  . TYR A 1 84  ? 13.320  4.143   0.493   1.00 21.84 ? 99  TYR A CA  1 
ATOM   617 C C   . TYR A 1 84  ? 14.214  3.225   -0.303  1.00 21.49 ? 99  TYR A C   1 
ATOM   618 O O   . TYR A 1 84  ? 15.473  3.119   -0.026  1.00 25.14 ? 99  TYR A O   1 
ATOM   619 C CB  . TYR A 1 84  ? 12.544  3.346   1.552   1.00 22.21 ? 99  TYR A CB  1 
ATOM   620 C CG  . TYR A 1 84  ? 13.515  2.685   2.547   1.00 19.75 ? 99  TYR A CG  1 
ATOM   621 C CD1 . TYR A 1 84  ? 14.210  3.400   3.525   1.00 19.31 ? 99  TYR A CD1 1 
ATOM   622 C CD2 . TYR A 1 84  ? 13.766  1.349   2.452   1.00 18.06 ? 99  TYR A CD2 1 
ATOM   623 C CE1 . TYR A 1 84  ? 15.099  2.764   4.399   1.00 20.08 ? 99  TYR A CE1 1 
ATOM   624 C CE2 . TYR A 1 84  ? 14.701  0.652   3.179   1.00 17.55 ? 99  TYR A CE2 1 
ATOM   625 C CZ  . TYR A 1 84  ? 15.396  1.345   4.201   1.00 18.67 ? 99  TYR A CZ  1 
ATOM   626 O OH  . TYR A 1 84  ? 16.281  0.676   4.976   1.00 21.77 ? 99  TYR A OH  1 
ATOM   627 N N   . ASN A 1 85  ? 13.752  2.523   -1.313  1.00 22.60 ? 100 ASN A N   1 
ATOM   628 C CA  . ASN A 1 85  ? 14.467  1.567   -2.050  1.00 23.62 ? 100 ASN A CA  1 
ATOM   629 C C   . ASN A 1 85  ? 14.939  2.258   -3.347  1.00 28.87 ? 100 ASN A C   1 
ATOM   630 O O   . ASN A 1 85  ? 14.194  3.099   -3.917  1.00 29.82 ? 100 ASN A O   1 
ATOM   631 C CB  . ASN A 1 85  ? 13.569  0.343   -2.378  1.00 25.70 ? 100 ASN A CB  1 
ATOM   632 C CG  . ASN A 1 85  ? 13.063  -0.361  -1.104  1.00 24.55 ? 100 ASN A CG  1 
ATOM   633 O OD1 . ASN A 1 85  ? 13.789  -1.109  -0.413  1.00 24.53 ? 100 ASN A OD1 1 
ATOM   634 N ND2 . ASN A 1 85  ? 11.756  -0.115  -0.825  1.00 23.45 ? 100 ASN A ND2 1 
ATOM   635 N N   . ARG A 1 86  ? 16.102  1.743   -3.783  1.00 31.66 ? 101 ARG A N   1 
ATOM   636 C CA  . ARG A 1 86  ? 16.642  2.243   -5.099  1.00 33.86 ? 101 ARG A CA  1 
ATOM   637 C C   . ARG A 1 86  ? 15.882  1.700   -6.278  1.00 34.10 ? 101 ARG A C   1 
ATOM   638 O O   . ARG A 1 86  ? 15.287  0.588   -6.166  1.00 27.44 ? 101 ARG A O   1 
ATOM   639 C CB  . ARG A 1 86  ? 18.100  1.777   -5.250  1.00 40.21 ? 101 ARG A CB  1 
ATOM   640 C CG  . ARG A 1 86  ? 19.098  2.370   -4.268  1.00 46.75 ? 101 ARG A CG  1 
ATOM   641 C CD  . ARG A 1 86  ? 18.726  3.759   -3.728  1.00 50.91 ? 101 ARG A CD  1 
ATOM   642 N NE  . ARG A 1 86  ? 18.305  4.818   -4.663  1.00 54.94 ? 101 ARG A NE  1 
ATOM   643 C CZ  . ARG A 1 86  ? 18.972  5.220   -5.759  1.00 61.36 ? 101 ARG A CZ  1 
ATOM   644 N NH1 . ARG A 1 86  ? 20.083  4.606   -6.148  1.00 67.36 ? 101 ARG A NH1 1 
ATOM   645 N NH2 . ARG A 1 86  ? 18.497  6.213   -6.507  1.00 58.74 ? 101 ARG A NH2 1 
ATOM   646 N N   . PRO A 1 87  ? 15.872  2.396   -7.449  1.00 31.15 ? 102 PRO A N   1 
ATOM   647 C CA  . PRO A 1 87  ? 15.159  1.919   -8.589  1.00 27.81 ? 102 PRO A CA  1 
ATOM   648 C C   . PRO A 1 87  ? 15.607  0.527   -9.100  1.00 26.34 ? 102 PRO A C   1 
ATOM   649 O O   . PRO A 1 87  ? 14.811  -0.149  -9.809  1.00 30.60 ? 102 PRO A O   1 
ATOM   650 C CB  . PRO A 1 87  ? 15.337  3.080   -9.655  1.00 30.98 ? 102 PRO A CB  1 
ATOM   651 C CG  . PRO A 1 87  ? 15.737  4.255   -8.841  1.00 29.22 ? 102 PRO A CG  1 
ATOM   652 C CD  . PRO A 1 87  ? 16.735  3.529   -7.883  1.00 32.77 ? 102 PRO A CD  1 
ATOM   653 N N   . ASP A 1 88  ? 16.834  0.083   -8.838  1.00 31.07 ? 103 ASP A N   1 
ATOM   654 C CA  . ASP A 1 88  ? 17.172  -1.267  -9.275  1.00 37.32 ? 103 ASP A CA  1 
ATOM   655 C C   . ASP A 1 88  ? 16.740  -2.458  -8.393  1.00 41.57 ? 103 ASP A C   1 
ATOM   656 O O   . ASP A 1 88  ? 16.945  -3.646  -8.753  1.00 46.71 ? 103 ASP A O   1 
ATOM   657 C CB  . ASP A 1 88  ? 18.635  -1.392  -9.691  1.00 45.33 ? 103 ASP A CB  1 
ATOM   658 C CG  . ASP A 1 88  ? 19.555  -1.200  -8.546  1.00 46.75 ? 103 ASP A CG  1 
ATOM   659 O OD1 . ASP A 1 88  ? 19.074  -1.065  -7.373  1.00 54.19 ? 103 ASP A OD1 1 
ATOM   660 O OD2 . ASP A 1 88  ? 20.780  -1.170  -8.830  1.00 51.15 ? 103 ASP A OD2 1 
ATOM   661 N N   . THR A 1 89  ? 16.008  -2.162  -7.321  1.00 33.45 ? 104 THR A N   1 
ATOM   662 C CA  . THR A 1 89  ? 15.656  -3.234  -6.362  1.00 29.67 ? 104 THR A CA  1 
ATOM   663 C C   . THR A 1 89  ? 14.310  -3.824  -6.721  1.00 29.65 ? 104 THR A C   1 
ATOM   664 O O   . THR A 1 89  ? 13.449  -3.162  -7.380  1.00 27.89 ? 104 THR A O   1 
ATOM   665 C CB  . THR A 1 89  ? 15.495  -2.646  -4.957  1.00 28.56 ? 104 THR A CB  1 
ATOM   666 O OG1 . THR A 1 89  ? 14.495  -1.634  -4.968  1.00 29.67 ? 104 THR A OG1 1 
ATOM   667 C CG2 . THR A 1 89  ? 16.900  -2.022  -4.452  1.00 33.01 ? 104 THR A CG2 1 
ATOM   668 N N   . VAL A 1 90  ? 14.170  -5.076  -6.246  1.00 28.65 ? 105 VAL A N   1 
ATOM   669 C CA  . VAL A 1 90  ? 12.890  -5.818  -6.359  1.00 30.07 ? 105 VAL A CA  1 
ATOM   670 C C   . VAL A 1 90  ? 11.742  -4.987  -5.770  1.00 28.55 ? 105 VAL A C   1 
ATOM   671 O O   . VAL A 1 90  ? 10.604  -4.937  -6.301  1.00 25.73 ? 105 VAL A O   1 
ATOM   672 C CB  . VAL A 1 90  ? 13.005  -7.185  -5.681  1.00 33.79 ? 105 VAL A CB  1 
ATOM   673 C CG1 . VAL A 1 90  ? 11.691  -7.872  -5.539  1.00 39.10 ? 105 VAL A CG1 1 
ATOM   674 C CG2 . VAL A 1 90  ? 13.997  -8.072  -6.432  1.00 38.58 ? 105 VAL A CG2 1 
ATOM   675 N N   . TYR A 1 91  ? 11.990  -4.316  -4.677  1.00 25.43 ? 106 TYR A N   1 
ATOM   676 C CA  . TYR A 1 91  ? 10.950  -3.540  -3.979  1.00 23.79 ? 106 TYR A CA  1 
ATOM   677 C C   . TYR A 1 91  ? 10.450  -2.326  -4.684  1.00 23.35 ? 106 TYR A C   1 
ATOM   678 O O   . TYR A 1 91  ? 9.257   -2.111  -4.832  1.00 22.91 ? 106 TYR A O   1 
ATOM   679 C CB  . TYR A 1 91  ? 11.406  -3.260  -2.527  1.00 23.08 ? 106 TYR A CB  1 
ATOM   680 C CG  . TYR A 1 91  ? 12.012  -4.458  -1.780  1.00 26.92 ? 106 TYR A CG  1 
ATOM   681 C CD1 . TYR A 1 91  ? 11.256  -5.590  -1.509  1.00 26.95 ? 106 TYR A CD1 1 
ATOM   682 C CD2 . TYR A 1 91  ? 13.362  -4.464  -1.413  1.00 25.51 ? 106 TYR A CD2 1 
ATOM   683 C CE1 . TYR A 1 91  ? 11.761  -6.693  -0.870  1.00 31.85 ? 106 TYR A CE1 1 
ATOM   684 C CE2 . TYR A 1 91  ? 13.886  -5.581  -0.768  1.00 29.53 ? 106 TYR A CE2 1 
ATOM   685 C CZ  . TYR A 1 91  ? 13.070  -6.659  -0.510  1.00 30.64 ? 106 TYR A CZ  1 
ATOM   686 O OH  . TYR A 1 91  ? 13.533  -7.799  0.080   1.00 36.54 ? 106 TYR A OH  1 
ATOM   687 N N   . TYR A 1 92  ? 11.384  -1.537  -5.176  1.00 23.37 ? 107 TYR A N   1 
ATOM   688 C CA  . TYR A 1 92  ? 10.986  -0.409  -5.964  1.00 24.02 ? 107 TYR A CA  1 
ATOM   689 C C   . TYR A 1 92  ? 10.226  -0.877  -7.259  1.00 21.07 ? 107 TYR A C   1 
ATOM   690 O O   . TYR A 1 92  ? 9.189   -0.299  -7.639  1.00 22.65 ? 107 TYR A O   1 
ATOM   691 C CB  . TYR A 1 92  ? 12.297  0.342   -6.399  1.00 23.68 ? 107 TYR A CB  1 
ATOM   692 C CG  . TYR A 1 92  ? 12.082  1.580   -7.282  1.00 26.63 ? 107 TYR A CG  1 
ATOM   693 C CD1 . TYR A 1 92  ? 11.755  1.432   -8.639  1.00 27.42 ? 107 TYR A CD1 1 
ATOM   694 C CD2 . TYR A 1 92  ? 12.149  2.875   -6.722  1.00 26.80 ? 107 TYR A CD2 1 
ATOM   695 C CE1 . TYR A 1 92  ? 11.553  2.543   -9.436  1.00 29.45 ? 107 TYR A CE1 1 
ATOM   696 C CE2 . TYR A 1 92  ? 12.012  4.016   -7.537  1.00 29.42 ? 107 TYR A CE2 1 
ATOM   697 C CZ  . TYR A 1 92  ? 11.620  3.802   -8.839  1.00 29.49 ? 107 TYR A CZ  1 
ATOM   698 O OH  . TYR A 1 92  ? 11.409  4.929   -9.651  1.00 33.79 ? 107 TYR A OH  1 
ATOM   699 N N   . LYS A 1 93  ? 10.774  -1.893  -7.932  1.00 23.00 ? 108 LYS A N   1 
ATOM   700 C CA  . LYS A 1 93  ? 10.174  -2.368  -9.197  1.00 26.05 ? 108 LYS A CA  1 
ATOM   701 C C   . LYS A 1 93  ? 8.748   -2.882  -8.966  1.00 24.60 ? 108 LYS A C   1 
ATOM   702 O O   . LYS A 1 93  ? 7.867   -2.565  -9.773  1.00 25.92 ? 108 LYS A O   1 
ATOM   703 C CB  . LYS A 1 93  ? 10.964  -3.451  -9.872  1.00 26.87 ? 108 LYS A CB  1 
ATOM   704 C CG  . LYS A 1 93  ? 12.365  -2.937  -10.320 1.00 31.34 ? 108 LYS A CG  1 
ATOM   705 C CD  . LYS A 1 93  ? 13.055  -4.104  -10.930 1.00 35.55 ? 108 LYS A CD  1 
ATOM   706 C CE  . LYS A 1 93  ? 14.227  -3.484  -11.702 1.00 37.48 ? 108 LYS A CE  1 
ATOM   707 N NZ  . LYS A 1 93  ? 15.274  -4.536  -11.663 1.00 45.91 ? 108 LYS A NZ  1 
ATOM   708 N N   . LEU A 1 94  ? 8.540   -3.595  -7.866  1.00 24.69 ? 109 LEU A N   1 
ATOM   709 C CA  . LEU A 1 94  ? 7.177   -4.110  -7.590  1.00 23.11 ? 109 LEU A CA  1 
ATOM   710 C C   . LEU A 1 94  ? 6.280   -2.901  -7.284  1.00 21.20 ? 109 LEU A C   1 
ATOM   711 O O   . LEU A 1 94  ? 5.138   -2.842  -7.725  1.00 21.59 ? 109 LEU A O   1 
ATOM   712 C CB  . LEU A 1 94  ? 7.228   -5.072  -6.386  1.00 24.31 ? 109 LEU A CB  1 
ATOM   713 C CG  . LEU A 1 94  ? 5.862   -5.641  -6.062  1.00 22.09 ? 109 LEU A CG  1 
ATOM   714 C CD1 . LEU A 1 94  ? 5.302   -6.410  -7.218  1.00 26.43 ? 109 LEU A CD1 1 
ATOM   715 C CD2 . LEU A 1 94  ? 6.101   -6.590  -4.912  1.00 23.29 ? 109 LEU A CD2 1 
ATOM   716 N N   . ALA A 1 95  ? 6.709   -1.992  -6.410  1.00 20.22 ? 110 ALA A N   1 
ATOM   717 C CA  . ALA A 1 95  ? 5.910   -0.827  -5.995  1.00 19.85 ? 110 ALA A CA  1 
ATOM   718 C C   . ALA A 1 95  ? 5.440   -0.076  -7.237  1.00 21.46 ? 110 ALA A C   1 
ATOM   719 O O   . ALA A 1 95  ? 4.286   0.303   -7.402  1.00 20.75 ? 110 ALA A O   1 
ATOM   720 C CB  . ALA A 1 95  ? 6.673   0.082   -5.027  1.00 21.65 ? 110 ALA A CB  1 
ATOM   721 N N   . LYS A 1 96  ? 6.400   0.181   -8.167  1.00 21.13 ? 111 LYS A N   1 
ATOM   722 C CA  . LYS A 1 96  ? 5.981   0.974   -9.317  1.00 24.81 ? 111 LYS A CA  1 
ATOM   723 C C   . LYS A 1 96  ? 4.990   0.264   -10.162 1.00 23.08 ? 111 LYS A C   1 
ATOM   724 O O   . LYS A 1 96  ? 4.034   0.849   -10.661 1.00 24.44 ? 111 LYS A O   1 
ATOM   725 C CB  . LYS A 1 96  ? 7.282   1.232   -10.144 1.00 28.28 ? 111 LYS A CB  1 
ATOM   726 C CG  . LYS A 1 96  ? 7.041   2.048   -11.440 1.00 28.87 ? 111 LYS A CG  1 
ATOM   727 C CD  . LYS A 1 96  ? 8.406   2.410   -12.082 1.00 32.19 ? 111 LYS A CD  1 
ATOM   728 C CE  . LYS A 1 96  ? 8.253   3.044   -13.484 1.00 40.37 ? 111 LYS A CE  1 
ATOM   729 N NZ  . LYS A 1 96  ? 9.573   3.120   -14.219 1.00 46.52 ? 111 LYS A NZ  1 
ATOM   730 N N   . LYS A 1 97  ? 5.258   -1.013  -10.366 1.00 22.48 ? 112 LYS A N   1 
ATOM   731 C CA  . LYS A 1 97  ? 4.334   -1.872  -11.129 1.00 25.57 ? 112 LYS A CA  1 
ATOM   732 C C   . LYS A 1 97  ? 2.926   -1.913  -10.539 1.00 22.87 ? 112 LYS A C   1 
ATOM   733 O O   . LYS A 1 97  ? 1.951   -1.724  -11.213 1.00 23.39 ? 112 LYS A O   1 
ATOM   734 C CB  . LYS A 1 97  ? 4.906   -3.294  -11.312 1.00 27.62 ? 112 LYS A CB  1 
ATOM   735 C CG  . LYS A 1 97  ? 3.926   -4.253  -12.054 1.00 33.09 ? 112 LYS A CG  1 
ATOM   736 C CD  . LYS A 1 97  ? 4.605   -5.615  -12.241 1.00 36.04 ? 112 LYS A CD  1 
ATOM   737 C CE  . LYS A 1 97  ? 4.181   -6.176  -13.594 1.00 44.04 ? 112 LYS A CE  1 
ATOM   738 N NZ  . LYS A 1 97  ? 4.051   -7.649  -13.523 1.00 50.83 ? 112 LYS A NZ  1 
ATOM   739 N N   . ILE A 1 98  ? 2.843   -2.250  -9.269  1.00 22.63 ? 113 ILE A N   1 
ATOM   740 C CA  . ILE A 1 98  ? 1.479   -2.377  -8.710  1.00 21.38 ? 113 ILE A CA  1 
ATOM   741 C C   . ILE A 1 98  ? 0.787   -1.057  -8.488  1.00 20.18 ? 113 ILE A C   1 
ATOM   742 O O   . ILE A 1 98  ? -0.417  -1.008  -8.559  1.00 20.23 ? 113 ILE A O   1 
ATOM   743 C CB  . ILE A 1 98  ? 1.482   -3.226  -7.383  1.00 22.42 ? 113 ILE A CB  1 
ATOM   744 C CG1 . ILE A 1 98  ? 2.093   -2.440  -6.220  1.00 23.05 ? 113 ILE A CG1 1 
ATOM   745 C CG2 . ILE A 1 98  ? 2.184   -4.593  -7.581  1.00 24.76 ? 113 ILE A CG2 1 
ATOM   746 C CD1 . ILE A 1 98  ? 1.971   -3.219  -4.860  1.00 23.25 ? 113 ILE A CD1 1 
ATOM   747 N N   . LEU A 1 99  ? 1.557   0.035   -8.279  1.00 20.85 ? 114 LEU A N   1 
ATOM   748 C CA  . LEU A 1 99  ? 0.946   1.344   -8.274  1.00 18.87 ? 114 LEU A CA  1 
ATOM   749 C C   . LEU A 1 99  ? 0.121   1.578   -9.548  1.00 21.48 ? 114 LEU A C   1 
ATOM   750 O O   . LEU A 1 99  ? -1.035  1.950   -9.541  1.00 22.81 ? 114 LEU A O   1 
ATOM   751 C CB  . LEU A 1 99  ? 1.937   2.486   -8.001  1.00 20.28 ? 114 LEU A CB  1 
ATOM   752 C CG  . LEU A 1 99  ? 1.290   3.906   -7.896  1.00 21.22 ? 114 LEU A CG  1 
ATOM   753 C CD1 . LEU A 1 99  ? 0.175   4.054   -6.818  1.00 25.59 ? 114 LEU A CD1 1 
ATOM   754 C CD2 . LEU A 1 99  ? 2.372   4.928   -7.543  1.00 26.43 ? 114 LEU A CD2 1 
ATOM   755 N N   . HIS A 1 100 ? 0.826   1.456   -10.649 1.00 22.42 ? 115 HIS A N   1 
ATOM   756 C CA  . HIS A 1 100 ? 0.137   1.701   -11.963 1.00 26.28 ? 115 HIS A CA  1 
ATOM   757 C C   . HIS A 1 100 ? -1.039  0.733   -12.199 1.00 23.43 ? 115 HIS A C   1 
ATOM   758 O O   . HIS A 1 100 ? -2.211  1.132   -12.543 1.00 24.40 ? 115 HIS A O   1 
ATOM   759 C CB  . HIS A 1 100 ? 1.260   1.723   -13.037 1.00 27.44 ? 115 HIS A CB  1 
ATOM   760 C CG  . HIS A 1 100 ? 0.710   1.925   -14.399 1.00 39.62 ? 115 HIS A CG  1 
ATOM   761 N ND1 . HIS A 1 100 ? 0.290   0.853   -15.172 1.00 34.28 ? 115 HIS A ND1 1 
ATOM   762 C CD2 . HIS A 1 100 ? 0.426   3.057   -15.097 1.00 42.56 ? 115 HIS A CD2 1 
ATOM   763 C CE1 . HIS A 1 100 ? -0.199  1.330   -16.317 1.00 40.90 ? 115 HIS A CE1 1 
ATOM   764 N NE2 . HIS A 1 100 ? -0.133  2.654   -16.287 1.00 46.58 ? 115 HIS A NE2 1 
ATOM   765 N N   . ALA A 1 101 ? -0.778  -0.543  -11.948 1.00 23.53 ? 116 ALA A N   1 
ATOM   766 C CA  . ALA A 1 101 ? -1.801  -1.569  -12.227 1.00 24.81 ? 116 ALA A CA  1 
ATOM   767 C C   . ALA A 1 101 ? -3.010  -1.362  -11.289 1.00 20.35 ? 116 ALA A C   1 
ATOM   768 O O   . ALA A 1 101 ? -4.171  -1.587  -11.702 1.00 25.86 ? 116 ALA A O   1 
ATOM   769 C CB  . ALA A 1 101 ? -1.306  -3.023  -12.197 1.00 27.48 ? 116 ALA A CB  1 
ATOM   770 N N   . GLY A 1 102 ? -2.711  -0.994  -10.037 1.00 21.58 ? 117 GLY A N   1 
ATOM   771 C CA  . GLY A 1 102 ? -3.787  -0.960  -9.113  1.00 22.92 ? 117 GLY A CA  1 
ATOM   772 C C   . GLY A 1 102 ? -4.611  0.310   -9.349  1.00 22.47 ? 117 GLY A C   1 
ATOM   773 O O   . GLY A 1 102 ? -5.843  0.301   -9.235  1.00 23.04 ? 117 GLY A O   1 
ATOM   774 N N   . PHE A 1 103 ? -4.052  1.462   -9.725  1.00 21.39 ? 118 PHE A N   1 
ATOM   775 C CA  . PHE A 1 103 ? -4.889  2.620   -10.025 1.00 21.48 ? 118 PHE A CA  1 
ATOM   776 C C   . PHE A 1 103 ? -5.753  2.411   -11.258 1.00 22.15 ? 118 PHE A C   1 
ATOM   777 O O   . PHE A 1 103 ? -6.912  2.840   -11.323 1.00 24.68 ? 118 PHE A O   1 
ATOM   778 C CB  . PHE A 1 103 ? -4.014  3.910   -10.204 1.00 23.07 ? 118 PHE A CB  1 
ATOM   779 C CG  . PHE A 1 103 ? -3.908  4.727   -8.888  1.00 22.60 ? 118 PHE A CG  1 
ATOM   780 C CD1 . PHE A 1 103 ? -3.442  4.185   -7.737  1.00 26.35 ? 118 PHE A CD1 1 
ATOM   781 C CD2 . PHE A 1 103 ? -4.387  5.978   -8.772  1.00 22.86 ? 118 PHE A CD2 1 
ATOM   782 C CE1 . PHE A 1 103 ? -3.462  4.819   -6.473  1.00 25.71 ? 118 PHE A CE1 1 
ATOM   783 C CE2 . PHE A 1 103 ? -4.331  6.692   -7.596  1.00 25.38 ? 118 PHE A CE2 1 
ATOM   784 C CZ  . PHE A 1 103 ? -3.829  6.150   -6.447  1.00 24.11 ? 118 PHE A CZ  1 
ATOM   785 N N   . LYS A 1 104 ? -5.149  1.712   -12.232 1.00 22.29 ? 119 LYS A N   1 
ATOM   786 C CA  . LYS A 1 104 ? -5.907  1.305   -13.448 1.00 24.51 ? 119 LYS A CA  1 
ATOM   787 C C   . LYS A 1 104 ? -7.139  0.472   -13.078 1.00 25.74 ? 119 LYS A C   1 
ATOM   788 O O   . LYS A 1 104 ? -8.214  0.730   -13.602 1.00 27.57 ? 119 LYS A O   1 
ATOM   789 C CB  . LYS A 1 104 ? -4.988  0.565   -14.384 1.00 23.94 ? 119 LYS A CB  1 
ATOM   790 C CG  . LYS A 1 104 ? -5.659  0.278   -15.783 1.00 31.16 ? 119 LYS A CG  1 
ATOM   791 C CD  . LYS A 1 104 ? -4.624  -0.409  -16.731 1.00 37.66 ? 119 LYS A CD  1 
ATOM   792 C CE  . LYS A 1 104 ? -5.376  -0.845  -17.994 1.00 44.57 ? 119 LYS A CE  1 
ATOM   793 N NZ  . LYS A 1 104 ? -4.534  -1.447  -19.068 1.00 56.55 ? 119 LYS A NZ  1 
ATOM   794 N N   . MET A 1 105 ? -6.946  -0.447  -12.131 1.00 24.33 ? 120 MET A N   1 
ATOM   795 C CA  . MET A 1 105 ? -8.085  -1.279  -11.753 1.00 26.71 ? 120 MET A CA  1 
ATOM   796 C C   . MET A 1 105 ? -9.162  -0.477  -11.011 1.00 27.64 ? 120 MET A C   1 
ATOM   797 O O   . MET A 1 105 ? -10.377 -0.700  -11.240 1.00 28.70 ? 120 MET A O   1 
ATOM   798 C CB  . MET A 1 105 ? -7.530  -2.363  -10.816 1.00 28.14 ? 120 MET A CB  1 
ATOM   799 C CG  . MET A 1 105 ? -8.496  -3.503  -10.466 1.00 27.95 ? 120 MET A CG  1 
ATOM   800 S SD  . MET A 1 105 ? -9.079  -3.017  -8.874  1.00 36.02 ? 120 MET A SD  1 
ATOM   801 C CE  . MET A 1 105 ? -7.676  -2.975  -7.632  1.00 29.35 ? 120 MET A CE  1 
ATOM   802 N N   . MET A 1 106 ? -8.784  0.503   -10.144 1.00 23.02 ? 121 MET A N   1 
ATOM   803 C CA  . MET A 1 106 ? -9.669  1.227   -9.291  1.00 29.09 ? 121 MET A CA  1 
ATOM   804 C C   . MET A 1 106 ? -10.390 2.304   -10.049 1.00 33.67 ? 121 MET A C   1 
ATOM   805 O O   . MET A 1 106 ? -11.273 2.881   -9.497  1.00 36.53 ? 121 MET A O   1 
ATOM   806 C CB  . MET A 1 106 ? -8.946  1.723   -7.997  1.00 24.48 ? 121 MET A CB  1 
ATOM   807 C CG  . MET A 1 106 ? -8.504  0.515   -7.203  1.00 21.83 ? 121 MET A CG  1 
ATOM   808 S SD  . MET A 1 106 ? -7.922  1.031   -5.627  1.00 25.69 ? 121 MET A SD  1 
ATOM   809 C CE  . MET A 1 106 ? -6.254  1.666   -5.993  1.00 24.32 ? 121 MET A CE  1 
ATOM   810 N N   . SER A 1 107 ? -9.908  2.686   -11.221 1.00 31.42 ? 122 SER A N   1 
ATOM   811 C CA  . SER A 1 107 ? -10.529 3.811   -11.874 1.00 38.20 ? 122 SER A CA  1 
ATOM   812 C C   . SER A 1 107 ? -11.927 3.453   -12.385 1.00 46.81 ? 122 SER A C   1 
ATOM   813 O O   . SER A 1 107 ? -12.311 2.252   -12.553 1.00 40.24 ? 122 SER A O   1 
ATOM   814 C CB  . SER A 1 107 ? -9.647  4.400   -12.936 1.00 41.47 ? 122 SER A CB  1 
ATOM   815 O OG  . SER A 1 107 ? -9.493  3.449   -13.966 1.00 42.59 ? 122 SER A OG  1 
ATOM   816 N N   . LYS A 1 108 ? -12.728 4.500   -12.494 1.00 46.99 ? 123 LYS A N   1 
ATOM   817 C CA  . LYS A 1 108 ? -14.024 4.409   -13.211 1.00 53.92 ? 123 LYS A CA  1 
ATOM   818 C C   . LYS A 1 108 ? -13.871 4.034   -14.699 1.00 61.73 ? 123 LYS A C   1 
ATOM   819 O O   . LYS A 1 108 ? -13.041 4.667   -15.386 1.00 63.68 ? 123 LYS A O   1 
ATOM   820 C CB  . LYS A 1 108 ? -14.843 5.672   -12.980 1.00 58.41 ? 123 LYS A CB  1 
ATOM   821 C CG  . LYS A 1 108 ? -15.398 5.680   -11.567 1.00 57.81 ? 123 LYS A CG  1 
ATOM   822 C CD  . LYS A 1 108 ? -16.521 6.689   -11.383 1.00 68.17 ? 123 LYS A CD  1 
ATOM   823 C CE  . LYS A 1 108 ? -17.228 6.435   -10.062 1.00 67.84 ? 123 LYS A CE  1 
ATOM   824 N NZ  . LYS A 1 108 ? -16.246 6.259   -8.954  1.00 68.10 ? 123 LYS A NZ  1 
ATOM   825 O OXT . LYS A 1 108 ? -14.513 3.063   -15.216 1.00 62.91 ? 123 LYS A OXT 1 
HETATM 826 S S   . DMS B 2 .   ? 10.440  -2.205  2.171   1.00 32.16 ? 201 DMS A S   1 
HETATM 827 O O   . DMS B 2 .   ? 10.173  -1.018  1.276   1.00 27.72 ? 201 DMS A O   1 
HETATM 828 C C1  . DMS B 2 .   ? 9.083   -3.261  2.297   1.00 33.62 ? 201 DMS A C1  1 
HETATM 829 C C2  . DMS B 2 .   ? 11.711  -3.161  1.576   1.00 41.39 ? 201 DMS A C2  1 
HETATM 830 O O   . HOH C 3 .   ? 13.743  -10.022 -0.905  1.00 41.53 ? 301 HOH A O   1 
HETATM 831 O O   . HOH C 3 .   ? -7.736  5.288   -10.471 1.00 38.46 ? 302 HOH A O   1 
HETATM 832 O O   . HOH C 3 .   ? 5.587   2.236   4.210   1.00 22.74 ? 303 HOH A O   1 
HETATM 833 O O   . HOH C 3 .   ? 15.907  -7.537  1.031   1.00 42.73 ? 304 HOH A O   1 
HETATM 834 O O   . HOH C 3 .   ? -7.326  0.965   12.023  1.00 45.26 ? 305 HOH A O   1 
HETATM 835 O O   . HOH C 3 .   ? -2.918  7.301   6.267   1.00 38.05 ? 306 HOH A O   1 
HETATM 836 O O   . HOH C 3 .   ? 2.981   0.763   7.823   1.00 28.10 ? 307 HOH A O   1 
HETATM 837 O O   . HOH C 3 .   ? 8.363   1.020   1.766   1.00 22.64 ? 308 HOH A O   1 
HETATM 838 O O   . HOH C 3 .   ? 1.194   -8.582  0.666   1.00 30.31 ? 309 HOH A O   1 
HETATM 839 O O   . HOH C 3 .   ? 5.455   -9.891  -3.923  1.00 26.14 ? 310 HOH A O   1 
HETATM 840 O O   . HOH C 3 .   ? -0.935  -2.725  10.848  1.00 45.53 ? 311 HOH A O   1 
HETATM 841 O O   . HOH C 3 .   ? -4.772  -3.069  -13.770 1.00 32.25 ? 312 HOH A O   1 
HETATM 842 O O   . HOH C 3 .   ? 5.690   -3.331  4.224   1.00 26.06 ? 313 HOH A O   1 
HETATM 843 O O   . HOH C 3 .   ? 18.915  4.015   5.795   1.00 29.88 ? 314 HOH A O   1 
HETATM 844 O O   . HOH C 3 .   ? -3.135  8.566   2.824   1.00 35.44 ? 315 HOH A O   1 
HETATM 845 O O   . HOH C 3 .   ? 6.737   1.182   9.309   1.00 32.89 ? 316 HOH A O   1 
HETATM 846 O O   . HOH C 3 .   ? 8.373   -1.820  -12.314 1.00 32.24 ? 317 HOH A O   1 
HETATM 847 O O   . HOH C 3 .   ? 3.865   8.389   -7.474  1.00 45.79 ? 318 HOH A O   1 
HETATM 848 O O   . HOH C 3 .   ? -4.970  -8.818  -8.653  1.00 33.86 ? 319 HOH A O   1 
HETATM 849 O O   . HOH C 3 .   ? -8.819  -5.387  11.947  1.00 37.70 ? 320 HOH A O   1 
HETATM 850 O O   . HOH C 3 .   ? -22.675 0.471   -2.137  1.00 39.14 ? 321 HOH A O   1 
HETATM 851 O O   . HOH C 3 .   ? 0.473   -12.189 -8.487  1.00 43.24 ? 322 HOH A O   1 
HETATM 852 O O   . HOH C 3 .   ? 4.399   -1.209  2.885   1.00 25.20 ? 323 HOH A O   1 
HETATM 853 O O   . HOH C 3 .   ? 18.442  -0.609  11.835  1.00 28.71 ? 324 HOH A O   1 
HETATM 854 O O   . HOH C 3 .   ? 3.760   3.469   -11.405 1.00 38.15 ? 325 HOH A O   1 
HETATM 855 O O   . HOH C 3 .   ? -5.635  -9.682  0.928   1.00 33.93 ? 326 HOH A O   1 
HETATM 856 O O   . HOH C 3 .   ? 1.936   9.560   -1.478  1.00 27.61 ? 327 HOH A O   1 
HETATM 857 O O   . HOH C 3 .   ? 14.455  12.699  8.443   1.00 33.48 ? 328 HOH A O   1 
HETATM 858 O O   . HOH C 3 .   ? -5.326  -10.953 -1.607  1.00 27.69 ? 329 HOH A O   1 
HETATM 859 O O   . HOH C 3 .   ? 5.746   0.795   1.644   1.00 22.02 ? 330 HOH A O   1 
HETATM 860 O O   . HOH C 3 .   ? -9.711  -2.791  12.438  1.00 34.02 ? 331 HOH A O   1 
HETATM 861 O O   . HOH C 3 .   ? 0.898   3.815   9.539   1.00 40.97 ? 332 HOH A O   1 
HETATM 862 O O   . HOH C 3 .   ? -14.318 -9.986  -4.564  1.00 35.45 ? 333 HOH A O   1 
HETATM 863 O O   . HOH C 3 .   ? 1.871   -2.035  -13.993 1.00 35.46 ? 334 HOH A O   1 
HETATM 864 O O   . HOH C 3 .   ? 6.253   8.630   0.027   1.00 33.00 ? 335 HOH A O   1 
HETATM 865 O O   . HOH C 3 .   ? 9.809   10.443  2.612   1.00 30.55 ? 336 HOH A O   1 
HETATM 866 O O   . HOH C 3 .   ? -15.884 -7.564  -0.987  1.00 31.75 ? 337 HOH A O   1 
HETATM 867 O O   . HOH C 3 .   ? -0.774  9.403   -0.967  1.00 27.24 ? 338 HOH A O   1 
HETATM 868 O O   . HOH C 3 .   ? 9.938   -6.795  -8.326  1.00 29.03 ? 339 HOH A O   1 
HETATM 869 O O   . HOH C 3 .   ? 7.916   10.668  4.062   1.00 28.36 ? 340 HOH A O   1 
HETATM 870 O O   . HOH C 3 .   ? -14.525 0.463   -12.665 1.00 32.73 ? 341 HOH A O   1 
HETATM 871 O O   . HOH C 3 .   ? 17.636  0.191   -1.948  1.00 38.49 ? 342 HOH A O   1 
HETATM 872 O O   . HOH C 3 .   ? -1.068  -13.823 -5.587  1.00 34.09 ? 343 HOH A O   1 
HETATM 873 O O   . HOH C 3 .   ? 12.603  7.534   14.131  1.00 38.90 ? 344 HOH A O   1 
HETATM 874 O O   . HOH C 3 .   ? -6.630  9.616   -3.868  1.00 26.39 ? 345 HOH A O   1 
HETATM 875 O O   . HOH C 3 .   ? 10.138  -6.045  9.738   1.00 36.31 ? 346 HOH A O   1 
HETATM 876 O O   . HOH C 3 .   ? -5.807  8.482   2.937   1.00 32.07 ? 347 HOH A O   1 
HETATM 877 O O   . HOH C 3 .   ? -1.404  -8.057  5.171   1.00 22.51 ? 348 HOH A O   1 
HETATM 878 O O   . HOH C 3 .   ? 8.283   8.000   -4.290  1.00 37.53 ? 349 HOH A O   1 
HETATM 879 O O   . HOH C 3 .   ? 1.106   6.933   8.014   1.00 37.35 ? 350 HOH A O   1 
HETATM 880 O O   . HOH C 3 .   ? 10.240  1.673   10.877  1.00 35.88 ? 351 HOH A O   1 
HETATM 881 O O   . HOH C 3 .   ? -2.652  3.806   -13.570 1.00 37.83 ? 352 HOH A O   1 
HETATM 882 O O   . HOH C 3 .   ? -0.328  -11.899 -1.547  1.00 36.64 ? 353 HOH A O   1 
HETATM 883 O O   . HOH C 3 .   ? -9.692  -7.201  1.888   1.00 34.39 ? 354 HOH A O   1 
HETATM 884 O O   . HOH C 3 .   ? 5.639   9.144   4.124   1.00 25.83 ? 355 HOH A O   1 
HETATM 885 O O   . HOH C 3 .   ? 5.684   -7.308  5.086   1.00 22.68 ? 356 HOH A O   1 
HETATM 886 O O   . HOH C 3 .   ? -7.049  8.392   -9.911  1.00 38.41 ? 357 HOH A O   1 
HETATM 887 O O   . HOH C 3 .   ? -4.796  0.465   10.757  1.00 37.01 ? 358 HOH A O   1 
HETATM 888 O O   . HOH C 3 .   ? -0.269  12.023  -4.199  1.00 33.71 ? 359 HOH A O   1 
HETATM 889 O O   . HOH C 3 .   ? -13.521 2.234   5.936   1.00 36.30 ? 360 HOH A O   1 
HETATM 890 O O   . HOH C 3 .   ? 5.458   0.506   6.815   1.00 28.74 ? 361 HOH A O   1 
HETATM 891 O O   . HOH C 3 .   ? -14.151 8.741   -3.437  1.00 39.20 ? 362 HOH A O   1 
HETATM 892 O O   . HOH C 3 .   ? -6.696  7.866   5.438   1.00 35.23 ? 363 HOH A O   1 
HETATM 893 O O   . HOH C 3 .   ? 7.422   -5.484  6.174   1.00 30.56 ? 364 HOH A O   1 
HETATM 894 O O   . HOH C 3 .   ? 12.752  -2.026  14.781  1.00 38.71 ? 365 HOH A O   1 
HETATM 895 O O   . HOH C 3 .   ? 0.671   -15.388 -1.791  1.00 38.63 ? 366 HOH A O   1 
HETATM 896 O O   . HOH C 3 .   ? 10.883  0.433   14.128  1.00 45.58 ? 367 HOH A O   1 
HETATM 897 O O   . HOH C 3 .   ? 7.870   -6.124  -10.049 1.00 35.33 ? 368 HOH A O   1 
HETATM 898 O O   . HOH C 3 .   ? 0.856   -11.520 0.848   1.00 29.96 ? 369 HOH A O   1 
HETATM 899 O O   . HOH C 3 .   ? -4.071  -7.263  8.690   1.00 40.11 ? 370 HOH A O   1 
HETATM 900 O O   . HOH C 3 .   ? -0.943  -10.786 4.736   1.00 33.47 ? 371 HOH A O   1 
HETATM 901 O O   . HOH C 3 .   ? 1.686   5.019   -11.711 1.00 39.84 ? 372 HOH A O   1 
HETATM 902 O O   . HOH C 3 .   ? -2.952  -12.270 -1.365  1.00 33.53 ? 373 HOH A O   1 
HETATM 903 O O   . HOH C 3 .   ? 3.943   10.985  2.880   1.00 30.26 ? 374 HOH A O   1 
HETATM 904 O O   . HOH C 3 .   ? -3.907  9.224   -4.444  1.00 24.70 ? 375 HOH A O   1 
HETATM 905 O O   . HOH C 3 .   ? -1.098  -12.162 2.606   1.00 36.88 ? 376 HOH A O   1 
HETATM 906 O O   . HOH C 3 .   ? -1.187  10.263  1.597   1.00 39.41 ? 377 HOH A O   1 
HETATM 907 O O   . HOH C 3 .   ? 2.451   1.637   10.122  1.00 48.89 ? 378 HOH A O   1 
HETATM 908 O O   . HOH C 3 .   ? -0.376  10.554  5.748   1.00 34.99 ? 379 HOH A O   1 
HETATM 909 O O   . HOH C 3 .   ? -7.423  -3.163  -14.999 1.00 43.04 ? 380 HOH A O   1 
HETATM 910 O O   . HOH C 3 .   ? 1.164   11.311  3.264   1.00 39.83 ? 381 HOH A O   1 
HETATM 911 O O   . HOH C 3 .   ? 12.258  -11.911 -4.579  1.00 43.33 ? 382 HOH A O   1 
HETATM 912 O O   . HOH C 3 .   ? -3.715  -8.173  6.437   1.00 34.50 ? 383 HOH A O   1 
HETATM 913 O O   . HOH C 3 .   ? -8.887  12.595  -6.368  0.50 33.87 ? 384 HOH A O   1 
HETATM 914 O O   . HOH C 3 .   ? -7.851  10.090  -6.288  1.00 33.75 ? 385 HOH A O   1 
HETATM 915 O O   . HOH C 3 .   ? -0.459  13.633  -6.862  1.00 51.42 ? 386 HOH A O   1 
HETATM 916 O O   . HOH C 3 .   ? 6.418   -10.138 -6.670  1.00 30.26 ? 387 HOH A O   1 
HETATM 917 O O   . HOH C 3 .   ? -0.902  -14.152 -3.205  1.00 44.70 ? 388 HOH A O   1 
HETATM 918 O O   . HOH C 3 .   ? 4.022   10.550  0.139   1.00 30.50 ? 389 HOH A O   1 
HETATM 919 O O   . HOH C 3 .   ? -2.240  10.765  -2.813  1.00 27.80 ? 390 HOH A O   1 
HETATM 920 O O   . HOH C 3 .   ? -6.165  10.135  -8.382  1.00 33.00 ? 391 HOH A O   1 
HETATM 921 O O   . HOH C 3 .   ? 9.038   -9.152  -7.055  1.00 37.81 ? 392 HOH A O   1 
HETATM 922 O O   . HOH C 3 .   ? 4.979   2.015   11.290  1.00 45.82 ? 393 HOH A O   1 
HETATM 923 O O   . HOH C 3 .   ? -6.282  11.142  2.398   1.00 36.95 ? 394 HOH A O   1 
HETATM 924 O O   . HOH C 3 .   ? -0.720  8.537   7.189   1.00 40.15 ? 395 HOH A O   1 
HETATM 925 O O   . HOH C 3 .   ? -5.399  7.278   -12.085 1.00 36.98 ? 396 HOH A O   1 
HETATM 926 O O   . HOH C 3 .   ? 18.919  4.649   3.020   1.00 30.55 ? 397 HOH A O   1 
HETATM 927 O O   . HOH C 3 .   ? -2.003  9.137   -9.015  1.00 35.81 ? 398 HOH A O   1 
HETATM 928 O O   . HOH C 3 .   ? -3.728  10.198  -6.998  1.00 30.40 ? 399 HOH A O   1 
HETATM 929 O O   . HOH C 3 .   ? -3.750  12.581  -1.695  1.00 34.80 ? 400 HOH A O   1 
# 
loop_
_atom_site_anisotrop.id 
_atom_site_anisotrop.type_symbol 
_atom_site_anisotrop.pdbx_label_atom_id 
_atom_site_anisotrop.pdbx_label_alt_id 
_atom_site_anisotrop.pdbx_label_comp_id 
_atom_site_anisotrop.pdbx_label_asym_id 
_atom_site_anisotrop.pdbx_label_seq_id 
_atom_site_anisotrop.pdbx_PDB_ins_code 
_atom_site_anisotrop.U[1][1] 
_atom_site_anisotrop.U[2][2] 
_atom_site_anisotrop.U[3][3] 
_atom_site_anisotrop.U[1][2] 
_atom_site_anisotrop.U[1][3] 
_atom_site_anisotrop.U[2][3] 
_atom_site_anisotrop.pdbx_auth_seq_id 
_atom_site_anisotrop.pdbx_auth_comp_id 
_atom_site_anisotrop.pdbx_auth_asym_id 
_atom_site_anisotrop.pdbx_auth_atom_id 
1   N N   . THR A 8   ? 0.7154 0.8384 0.7476 0.0025  0.0108  -0.0857 23  THR A N   
2   C CA  . THR A 8   ? 0.6198 0.7482 0.6537 -0.0038 0.0151  -0.0817 23  THR A CA  
3   C C   . THR A 8   ? 0.5860 0.7077 0.6240 -0.0026 0.0125  -0.0820 23  THR A C   
4   O O   . THR A 8   ? 0.6462 0.7679 0.6852 -0.0077 0.0149  -0.0775 23  THR A O   
5   C CB  . THR A 8   ? 0.7225 0.8720 0.7598 -0.0079 0.0201  -0.0849 23  THR A CB  
6   O OG1 . THR A 8   ? 0.5915 0.7533 0.6325 -0.0025 0.0184  -0.0952 23  THR A OG1 
7   C CG2 . THR A 8   ? 0.6146 0.7667 0.6451 -0.0141 0.0249  -0.0772 23  THR A CG2 
8   N N   . PRO A 9   ? 0.5361 0.6517 0.5765 0.0042  0.0069  -0.0868 24  PRO A N   
9   C CA  . PRO A 9   ? 0.5371 0.6468 0.5798 0.0051  0.0047  -0.0862 24  PRO A CA  
10  C C   . PRO A 9   ? 0.4752 0.5684 0.5108 0.0043  0.0039  -0.0775 24  PRO A C   
11  O O   . PRO A 9   ? 0.4394 0.5282 0.4756 0.0043  0.0026  -0.0760 24  PRO A O   
12  C CB  . PRO A 9   ? 0.5145 0.6235 0.5613 0.0127  -0.0011 -0.0936 24  PRO A CB  
13  C CG  . PRO A 9   ? 0.6007 0.7029 0.6436 0.0158  -0.0035 -0.0929 24  PRO A CG  
14  C CD  . PRO A 9   ? 0.6679 0.7799 0.7091 0.0111  0.0018  -0.0922 24  PRO A CD  
15  N N   . ILE A 10  ? 0.4491 0.5348 0.4783 0.0038  0.0044  -0.0726 25  ILE A N   
16  C CA  . ILE A 10  ? 0.4207 0.4925 0.4440 0.0033  0.0036  -0.0651 25  ILE A CA  
17  C C   . ILE A 10  ? 0.4166 0.4877 0.4361 -0.0029 0.0078  -0.0589 25  ILE A C   
18  O O   . ILE A 10  ? 0.3414 0.4030 0.3569 -0.0040 0.0076  -0.0533 25  ILE A O   
19  C CB  . ILE A 10  ? 0.4394 0.5011 0.4589 0.0076  0.0000  -0.0634 25  ILE A CB  
20  C CG1 . ILE A 10  ? 0.4692 0.5335 0.4873 0.0066  0.0014  -0.0638 25  ILE A CG1 
21  C CG2 . ILE A 10  ? 0.4456 0.5068 0.4689 0.0138  -0.0051 -0.0688 25  ILE A CG2 
22  C CD1 . ILE A 10  ? 0.4823 0.5364 0.4984 0.0101  -0.0022 -0.0619 25  ILE A CD1 
23  N N   . GLN A 11  ? 0.3523 0.4338 0.3735 -0.0071 0.0115  -0.0595 26  GLN A N   
24  C CA  . GLN A 11  ? 0.3558 0.4343 0.3727 -0.0127 0.0146  -0.0525 26  GLN A CA  
25  C C   . GLN A 11  ? 0.3601 0.4315 0.3776 -0.0157 0.0142  -0.0477 26  GLN A C   
26  O O   . GLN A 11  ? 0.3486 0.4108 0.3616 -0.0171 0.0140  -0.0423 26  GLN A O   
27  C CB  . GLN A 11  ? 0.4182 0.5105 0.4366 -0.0174 0.0187  -0.0529 26  GLN A CB  
28  C CG  . GLN A 11  ? 0.4672 0.5569 0.4804 -0.0226 0.0213  -0.0455 26  GLN A CG  
29  C CD  . GLN A 11  ? 0.5718 0.6765 0.5849 -0.0262 0.0253  -0.0459 26  GLN A CD  
30  O OE1 . GLN A 11  ? 0.5826 0.6914 0.5917 -0.0241 0.0257  -0.0480 26  GLN A OE1 
31  N NE2 . GLN A 11  ? 0.4884 0.6024 0.5062 -0.0315 0.0281  -0.0445 26  GLN A NE2 
32  N N   . GLN A 12  ? 0.3500 0.4262 0.3739 -0.0166 0.0139  -0.0506 27  GLN A N   
33  C CA  . GLN A 12  ? 0.3500 0.4196 0.3757 -0.0181 0.0124  -0.0478 27  GLN A CA  
34  C C   . GLN A 12  ? 0.2976 0.3562 0.3191 -0.0130 0.0089  -0.0472 27  GLN A C   
35  O O   . GLN A 12  ? 0.3077 0.3595 0.3278 -0.0145 0.0082  -0.0435 27  GLN A O   
36  C CB  . GLN A 12  ? 0.3652 0.4429 0.4000 -0.0197 0.0122  -0.0519 27  GLN A CB  
37  C CG  . GLN A 12  ? 0.3894 0.4770 0.4284 -0.0272 0.0163  -0.0494 27  GLN A CG  
38  C CD  . GLN A 12  ? 0.4716 0.5650 0.5208 -0.0308 0.0160  -0.0511 27  GLN A CD  
39  O OE1 . GLN A 12  ? 0.4815 0.5675 0.5340 -0.0312 0.0131  -0.0500 27  GLN A OE1 
40  N NE2 . GLN A 12  ? 0.5197 0.6272 0.5750 -0.0337 0.0188  -0.0542 27  GLN A NE2 
41  N N   . LEU A 13  ? 0.2863 0.3440 0.3062 -0.0074 0.0067  -0.0505 28  LEU A N   
42  C CA  . LEU A 13  ? 0.2992 0.3478 0.3146 -0.0027 0.0037  -0.0488 28  LEU A CA  
43  C C   . LEU A 13  ? 0.2818 0.3231 0.2909 -0.0041 0.0049  -0.0431 28  LEU A C   
44  O O   . LEU A 13  ? 0.2738 0.3088 0.2798 -0.0039 0.0041  -0.0398 28  LEU A O   
45  C CB  . LEU A 13  ? 0.3068 0.3560 0.3223 0.0030  0.0008  -0.0528 28  LEU A CB  
46  C CG  . LEU A 13  ? 0.3043 0.3448 0.3141 0.0072  -0.0020 -0.0495 28  LEU A CG  
47  C CD1 . LEU A 13  ? 0.3457 0.3857 0.3557 0.0090  -0.0038 -0.0500 28  LEU A CD1 
48  C CD2 . LEU A 13  ? 0.3628 0.4025 0.3727 0.0122  -0.0052 -0.0518 28  LEU A CD2 
49  N N   . LEU A 14  ? 0.2647 0.3076 0.2721 -0.0053 0.0066  -0.0425 29  LEU A N   
50  C CA  . LEU A 14  ? 0.2682 0.3043 0.2701 -0.0063 0.0073  -0.0377 29  LEU A CA  
51  C C   . LEU A 14  ? 0.2572 0.2910 0.2580 -0.0107 0.0089  -0.0335 29  LEU A C   
52  O O   . LEU A 14  ? 0.2672 0.2939 0.2643 -0.0106 0.0084  -0.0297 29  LEU A O   
53  C CB  . LEU A 14  ? 0.2797 0.3193 0.2810 -0.0063 0.0083  -0.0390 29  LEU A CB  
54  C CG  . LEU A 14  ? 0.2889 0.3295 0.2923 -0.0014 0.0056  -0.0436 29  LEU A CG  
55  C CD1 . LEU A 14  ? 0.3121 0.3549 0.3152 -0.0009 0.0058  -0.0452 29  LEU A CD1 
56  C CD2 . LEU A 14  ? 0.2914 0.3231 0.2928 0.0025  0.0024  -0.0410 29  LEU A CD2 
57  N N   . GLU A 15  ? 0.2754 0.3151 0.2800 -0.0152 0.0107  -0.0337 30  GLU A N   
58  C CA  . GLU A 15  ? 0.2760 0.3123 0.2805 -0.0197 0.0112  -0.0292 30  GLU A CA  
59  C C   . GLU A 15  ? 0.2631 0.2927 0.2685 -0.0175 0.0083  -0.0290 30  GLU A C   
60  O O   . GLU A 15  ? 0.2725 0.2957 0.2763 -0.0188 0.0073  -0.0255 30  GLU A O   
61  C CB  . GLU A 15  ? 0.3084 0.3524 0.3179 -0.0254 0.0133  -0.0283 30  GLU A CB  
62  C CG  . GLU A 15  ? 0.3894 0.4422 0.3968 -0.0270 0.0164  -0.0289 30  GLU A CG  
63  C CD  . GLU A 15  ? 0.7380 0.7956 0.7453 -0.0334 0.0192  -0.0239 30  GLU A CD  
64  O OE1 . GLU A 15  ? 0.9557 1.0055 0.9595 -0.0357 0.0184  -0.0184 30  GLU A OE1 
65  O OE2 . GLU A 15  ? 0.6173 0.6868 0.6272 -0.0361 0.0219  -0.0254 30  GLU A OE2 
66  N N   . HIS A 16  ? 0.2475 0.2797 0.2565 -0.0146 0.0065  -0.0332 31  HIS A N   
67  C CA  . HIS A 16  ? 0.2639 0.2920 0.2738 -0.0115 0.0035  -0.0344 31  HIS A CA  
68  C C   . HIS A 16  ? 0.2711 0.2939 0.2741 -0.0077 0.0029  -0.0323 31  HIS A C   
69  O O   . HIS A 16  ? 0.2534 0.2720 0.2550 -0.0074 0.0017  -0.0307 31  HIS A O   
70  C CB  . HIS A 16  ? 0.2639 0.2968 0.2780 -0.0084 0.0017  -0.0397 31  HIS A CB  
71  C CG  . HIS A 16  ? 0.2699 0.3002 0.2833 -0.0039 -0.0016 -0.0415 31  HIS A CG  
72  N ND1 . HIS A 16  ? 0.2390 0.2675 0.2567 -0.0050 -0.0037 -0.0423 31  HIS A ND1 
73  C CD2 . HIS A 16  ? 0.2440 0.2734 0.2524 0.0017  -0.0031 -0.0422 31  HIS A CD2 
74  C CE1 . HIS A 16  ? 0.2431 0.2713 0.2586 0.0003  -0.0065 -0.0446 31  HIS A CE1 
75  N NE2 . HIS A 16  ? 0.2495 0.2785 0.2589 0.0041  -0.0058 -0.0440 31  HIS A NE2 
76  N N   . PHE A 17  ? 0.2672 0.2902 0.2668 -0.0050 0.0034  -0.0323 32  PHE A N   
77  C CA  . PHE A 17  ? 0.2323 0.2507 0.2266 -0.0022 0.0030  -0.0294 32  PHE A CA  
78  C C   . PHE A 17  ? 0.2490 0.2632 0.2409 -0.0053 0.0043  -0.0256 32  PHE A C   
79  O O   . PHE A 17  ? 0.2681 0.2792 0.2576 -0.0040 0.0035  -0.0238 32  PHE A O   
80  C CB  . PHE A 17  ? 0.2713 0.2894 0.2637 -0.0002 0.0031  -0.0290 32  PHE A CB  
81  C CG  . PHE A 17  ? 0.2521 0.2725 0.2455 0.0040  0.0008  -0.0319 32  PHE A CG  
82  C CD1 . PHE A 17  ? 0.2570 0.2795 0.2511 0.0065  -0.0010 -0.0339 32  PHE A CD1 
83  C CD2 . PHE A 17  ? 0.2764 0.2965 0.2701 0.0061  -0.0003 -0.0326 32  PHE A CD2 
84  C CE1 . PHE A 17  ? 0.2532 0.2777 0.2475 0.0108  -0.0036 -0.0363 32  PHE A CE1 
85  C CE2 . PHE A 17  ? 0.2834 0.3046 0.2779 0.0100  -0.0030 -0.0347 32  PHE A CE2 
86  C CZ  . PHE A 17  ? 0.2855 0.3089 0.2799 0.0125  -0.0046 -0.0362 32  PHE A CZ  
87  N N   . LEU A 18  ? 0.2387 0.2536 0.2310 -0.0089 0.0061  -0.0244 33  LEU A N   
88  C CA  . LEU A 18  ? 0.2667 0.2771 0.2561 -0.0112 0.0067  -0.0208 33  LEU A CA  
89  C C   . LEU A 18  ? 0.2665 0.2744 0.2579 -0.0128 0.0054  -0.0200 33  LEU A C   
90  O O   . LEU A 18  ? 0.2844 0.2880 0.2734 -0.0122 0.0046  -0.0181 33  LEU A O   
91  C CB  . LEU A 18  ? 0.2679 0.2811 0.2570 -0.0146 0.0088  -0.0200 33  LEU A CB  
92  C CG  . LEU A 18  ? 0.3079 0.3170 0.2936 -0.0165 0.0093  -0.0164 33  LEU A CG  
93  C CD1 . LEU A 18  ? 0.3306 0.3359 0.3137 -0.0136 0.0087  -0.0157 33  LEU A CD1 
94  C CD2 . LEU A 18  ? 0.3212 0.3349 0.3056 -0.0193 0.0113  -0.0158 33  LEU A CD2 
95  N N   . ARG A 19  ? 0.2662 0.2759 0.2624 -0.0148 0.0044  -0.0215 34  ARG A N   
96  C CA  . ARG A 19  ? 0.2816 0.2878 0.2811 -0.0159 0.0017  -0.0212 34  ARG A CA  
97  C C   . ARG A 19  ? 0.2682 0.2738 0.2667 -0.0107 -0.0004 -0.0239 34  ARG A C   
98  O O   . ARG A 19  ? 0.2743 0.2761 0.2728 -0.0101 -0.0024 -0.0234 34  ARG A O   
99  C CB  . ARG A 19  ? 0.2912 0.3004 0.2980 -0.0185 0.0005  -0.0232 34  ARG A CB  
100 C CG  . ARG A 19  ? 0.3825 0.3928 0.3908 -0.0248 0.0025  -0.0191 34  ARG A CG  
101 C CD  . ARG A 19  ? 0.3944 0.4071 0.4115 -0.0288 0.0011  -0.0198 34  ARG A CD  
102 N NE  . ARG A 19  ? 0.3685 0.3873 0.3896 -0.0263 0.0010  -0.0250 34  ARG A NE  
103 C CZ  . ARG A 19  ? 0.3799 0.4066 0.4023 -0.0277 0.0040  -0.0264 34  ARG A CZ  
104 N NH1 . ARG A 19  ? 0.4051 0.4359 0.4257 -0.0321 0.0074  -0.0227 34  ARG A NH1 
105 N NH2 . ARG A 19  ? 0.3366 0.3683 0.3630 -0.0249 0.0032  -0.0317 34  ARG A NH2 
106 N N   . GLN A 20  ? 0.2563 0.2656 0.2537 -0.0068 -0.0003 -0.0265 35  GLN A N   
107 C CA  . GLN A 20  ? 0.2715 0.2818 0.2671 -0.0020 -0.0022 -0.0284 35  GLN A CA  
108 C C   . GLN A 20  ? 0.2861 0.2943 0.2763 -0.0012 -0.0007 -0.0249 35  GLN A C   
109 O O   . GLN A 20  ? 0.2783 0.2871 0.2677 0.0012  -0.0021 -0.0259 35  GLN A O   
110 C CB  . GLN A 20  ? 0.2517 0.2666 0.2460 0.0017  -0.0023 -0.0307 35  GLN A CB  
111 C CG  . GLN A 20  ? 0.2682 0.2867 0.2688 0.0019  -0.0043 -0.0354 35  GLN A CG  
112 C CD  . GLN A 20  ? 0.3191 0.3377 0.3243 0.0031  -0.0078 -0.0389 35  GLN A CD  
113 O OE1 . GLN A 20  ? 0.4130 0.4287 0.4234 -0.0004 -0.0090 -0.0388 35  GLN A OE1 
114 N NE2 . GLN A 20  ? 0.4133 0.4360 0.4169 0.0085  -0.0099 -0.0425 35  GLN A NE2 
115 N N   . LEU A 21  ? 0.2331 0.2400 0.2204 -0.0026 0.0016  -0.0218 36  LEU A N   
116 C CA  . LEU A 21  ? 0.2606 0.2657 0.2441 -0.0018 0.0027  -0.0189 36  LEU A CA  
117 C C   . LEU A 21  ? 0.2632 0.2647 0.2473 -0.0041 0.0022  -0.0178 36  LEU A C   
118 O O   . LEU A 21  ? 0.2558 0.2574 0.2385 -0.0023 0.0018  -0.0174 36  LEU A O   
119 C CB  . LEU A 21  ? 0.2482 0.2518 0.2300 -0.0029 0.0045  -0.0163 36  LEU A CB  
120 C CG  . LEU A 21  ? 0.2777 0.2835 0.2591 -0.0004 0.0043  -0.0169 36  LEU A CG  
121 C CD1 . LEU A 21  ? 0.3171 0.3215 0.2989 -0.0015 0.0050  -0.0161 36  LEU A CD1 
122 C CD2 . LEU A 21  ? 0.2837 0.2916 0.2623 0.0031  0.0036  -0.0154 36  LEU A CD2 
123 N N   . GLN A 22  ? 0.2587 0.2575 0.2447 -0.0080 0.0022  -0.0171 37  GLN A N   
124 C CA  . GLN A 22  ? 0.2359 0.2305 0.2224 -0.0100 0.0009  -0.0156 37  GLN A CA  
125 C C   . GLN A 22  ? 0.2543 0.2482 0.2440 -0.0081 -0.0024 -0.0183 37  GLN A C   
126 O O   . GLN A 22  ? 0.2910 0.2825 0.2807 -0.0076 -0.0039 -0.0181 37  GLN A O   
127 C CB  . GLN A 22  ? 0.3370 0.3298 0.3244 -0.0145 0.0014  -0.0134 37  GLN A CB  
128 C CG  . GLN A 22  ? 0.3927 0.3808 0.3787 -0.0166 0.0005  -0.0106 37  GLN A CG  
129 C CD  . GLN A 22  ? 0.3306 0.3192 0.3140 -0.0201 0.0024  -0.0076 37  GLN A CD  
130 O OE1 . GLN A 22  ? 0.3709 0.3639 0.3550 -0.0221 0.0043  -0.0076 37  GLN A OE1 
131 N NE2 . GLN A 22  ? 0.3031 0.2887 0.2838 -0.0206 0.0020  -0.0055 37  GLN A NE2 
132 N N   . ARG A 23  ? 0.2572 0.2539 0.2504 -0.0064 -0.0042 -0.0218 38  ARG A N   
133 C CA  . ARG A 23  ? 0.2881 0.2853 0.2854 -0.0037 -0.0082 -0.0260 38  ARG A CA  
134 C C   . ARG A 23  ? 0.3006 0.3023 0.2946 0.0009  -0.0077 -0.0275 38  ARG A C   
135 O O   . ARG A 23  ? 0.3108 0.3133 0.3077 0.0035  -0.0111 -0.0312 38  ARG A O   
136 C CB  . ARG A 23  ? 0.3425 0.3429 0.3444 -0.0023 -0.0101 -0.0300 38  ARG A CB  
137 C CG  . ARG A 23  ? 0.5226 0.5235 0.5313 0.0002  -0.0154 -0.0356 38  ARG A CG  
138 C CD  . ARG A 23  ? 0.5457 0.5468 0.5617 -0.0011 -0.0179 -0.0385 38  ARG A CD  
139 N NE  . ARG A 23  ? 0.5830 0.5866 0.5973 -0.0033 -0.0143 -0.0365 38  ARG A NE  
140 C CZ  . ARG A 23  ? 0.5583 0.5600 0.5761 -0.0089 -0.0131 -0.0335 38  ARG A CZ  
141 N NH1 . ARG A 23  ? 0.6909 0.6873 0.7136 -0.0135 -0.0151 -0.0308 38  ARG A NH1 
142 N NH2 . ARG A 23  ? 0.5496 0.5556 0.5660 -0.0098 -0.0099 -0.0332 38  ARG A NH2 
143 N N   . LYS A 24  ? 0.2871 0.2915 0.2757 0.0017  -0.0042 -0.0248 39  LYS A N   
144 C CA  . LYS A 24  ? 0.2775 0.2870 0.2632 0.0051  -0.0033 -0.0248 39  LYS A CA  
145 C C   . LYS A 24  ? 0.3212 0.3280 0.3064 0.0036  -0.0027 -0.0228 39  LYS A C   
146 O O   . LYS A 24  ? 0.3005 0.3125 0.2841 0.0059  -0.0018 -0.0230 39  LYS A O   
147 C CB  . LYS A 24  ? 0.3140 0.3277 0.2952 0.0064  -0.0004 -0.0221 39  LYS A CB  
148 C CG  . LYS A 24  ? 0.3551 0.3717 0.3365 0.0083  -0.0012 -0.0242 39  LYS A CG  
149 C CD  . LYS A 24  ? 0.3978 0.4164 0.3748 0.0091  0.0011  -0.0202 39  LYS A CD  
150 C CE  . LYS A 24  ? 0.4760 0.4968 0.4531 0.0110  0.0001  -0.0220 39  LYS A CE  
151 N NZ  . LYS A 24  ? 0.5502 0.5776 0.5278 0.0152  -0.0022 -0.0268 39  LYS A NZ  
152 N N   . ASP A 25  ? 0.2700 0.2697 0.2562 -0.0002 -0.0031 -0.0206 40  ASP A N   
153 C CA  . ASP A 25  ? 0.2704 0.2665 0.2563 -0.0016 -0.0033 -0.0189 40  ASP A CA  
154 C C   . ASP A 25  ? 0.2872 0.2775 0.2768 -0.0031 -0.0074 -0.0203 40  ASP A C   
155 O O   . ASP A 25  ? 0.2938 0.2785 0.2824 -0.0068 -0.0072 -0.0168 40  ASP A O   
156 C CB  . ASP A 25  ? 0.2595 0.2523 0.2424 -0.0048 -0.0004 -0.0146 40  ASP A CB  
157 C CG  . ASP A 25  ? 0.2636 0.2526 0.2463 -0.0063 -0.0010 -0.0130 40  ASP A CG  
158 O OD1 . ASP A 25  ? 0.2814 0.2713 0.2655 -0.0045 -0.0025 -0.0147 40  ASP A OD1 
159 O OD2 . ASP A 25  ? 0.2993 0.2850 0.2802 -0.0090 0.0000  -0.0105 40  ASP A OD2 
160 N N   . PRO A 26  ? 0.2880 0.2801 0.2818 -0.0003 -0.0110 -0.0248 41  PRO A N   
161 C CA  . PRO A 26  ? 0.3381 0.3234 0.3369 -0.0017 -0.0161 -0.0259 41  PRO A CA  
162 C C   . PRO A 26  ? 0.3300 0.3096 0.3283 -0.0034 -0.0176 -0.0235 41  PRO A C   
163 O O   . PRO A 26  ? 0.3611 0.3334 0.3620 -0.0062 -0.0211 -0.0216 41  PRO A O   
164 C CB  . PRO A 26  ? 0.3460 0.3356 0.3499 0.0031  -0.0204 -0.0329 41  PRO A CB  
165 C CG  . PRO A 26  ? 0.3759 0.3753 0.3758 0.0070  -0.0169 -0.0347 41  PRO A CG  
166 C CD  . PRO A 26  ? 0.3215 0.3220 0.3157 0.0046  -0.0114 -0.0294 41  PRO A CD  
167 N N   . HIS A 27  ? 0.2959 0.2786 0.2916 -0.0015 -0.0159 -0.0239 42  HIS A N   
168 C CA  . HIS A 27  ? 0.3266 0.3042 0.3217 -0.0028 -0.0174 -0.0219 42  HIS A CA  
169 C C   . HIS A 27  ? 0.3115 0.2849 0.3022 -0.0069 -0.0148 -0.0163 42  HIS A C   
170 O O   . HIS A 27  ? 0.3256 0.2944 0.3155 -0.0080 -0.0166 -0.0145 42  HIS A O   
171 C CB  . HIS A 27  ? 0.3537 0.3365 0.3486 0.0001  -0.0164 -0.0241 42  HIS A CB  
172 C CG  . HIS A 27  ? 0.4019 0.3903 0.4013 0.0047  -0.0196 -0.0307 42  HIS A CG  
173 N ND1 . HIS A 27  ? 0.4247 0.4087 0.4293 0.0063  -0.0259 -0.0343 42  HIS A ND1 
174 C CD2 . HIS A 27  ? 0.5035 0.5023 0.5033 0.0083  -0.0178 -0.0344 42  HIS A CD2 
175 C CE1 . HIS A 27  ? 0.5026 0.4943 0.5113 0.0111  -0.0281 -0.0411 42  HIS A CE1 
176 N NE2 . HIS A 27  ? 0.5706 0.5721 0.5759 0.0124  -0.0229 -0.0412 42  HIS A NE2 
177 N N   . GLY A 28  ? 0.2777 0.2536 0.2657 -0.0085 -0.0108 -0.0142 43  GLY A N   
178 C CA  . GLY A 28  ? 0.2444 0.2183 0.2287 -0.0116 -0.0085 -0.0102 43  GLY A CA  
179 C C   . GLY A 28  ? 0.2898 0.2646 0.2712 -0.0113 -0.0062 -0.0091 43  GLY A C   
180 O O   . GLY A 28  ? 0.2825 0.2550 0.2612 -0.0132 -0.0058 -0.0066 43  GLY A O   
181 N N   . PHE A 29  ? 0.2831 0.2626 0.2657 -0.0085 -0.0049 -0.0112 44  PHE A N   
182 C CA  . PHE A 29  ? 0.2699 0.2508 0.2517 -0.0082 -0.0029 -0.0103 44  PHE A CA  
183 C C   . PHE A 29  ? 0.2480 0.2287 0.2273 -0.0100 -0.0003 -0.0079 44  PHE A C   
184 O O   . PHE A 29  ? 0.2782 0.2580 0.2572 -0.0106 0.0002  -0.0071 44  PHE A O   
185 C CB  . PHE A 29  ? 0.3136 0.3012 0.2976 -0.0057 -0.0013 -0.0119 44  PHE A CB  
186 C CG  . PHE A 29  ? 0.3476 0.3379 0.3344 -0.0032 -0.0039 -0.0155 44  PHE A CG  
187 C CD1 . PHE A 29  ? 0.3955 0.3809 0.3838 -0.0029 -0.0079 -0.0172 44  PHE A CD1 
188 C CD2 . PHE A 29  ? 0.4435 0.4419 0.4313 -0.0006 -0.0025 -0.0175 44  PHE A CD2 
189 C CE1 . PHE A 29  ? 0.4553 0.4433 0.4472 0.0001  -0.0110 -0.0217 44  PHE A CE1 
190 C CE2 . PHE A 29  ? 0.4824 0.4854 0.4735 0.0025  -0.0050 -0.0222 44  PHE A CE2 
191 C CZ  . PHE A 29  ? 0.4321 0.4300 0.4258 0.0029  -0.0093 -0.0245 44  PHE A CZ  
192 N N   . PHE A 30  ? 0.2575 0.2397 0.2361 -0.0106 0.0012  -0.0076 45  PHE A N   
193 C CA  . PHE A 30  ? 0.2529 0.2360 0.2301 -0.0116 0.0032  -0.0066 45  PHE A CA  
194 C C   . PHE A 30  ? 0.2543 0.2369 0.2297 -0.0137 0.0034  -0.0059 45  PHE A C   
195 O O   . PHE A 30  ? 0.2469 0.2317 0.2218 -0.0140 0.0048  -0.0063 45  PHE A O   
196 C CB  . PHE A 30  ? 0.2878 0.2745 0.2661 -0.0099 0.0049  -0.0067 45  PHE A CB  
197 C CG  . PHE A 30  ? 0.2783 0.2674 0.2583 -0.0083 0.0056  -0.0060 45  PHE A CG  
198 C CD1 . PHE A 30  ? 0.2874 0.2757 0.2691 -0.0087 0.0055  -0.0053 45  PHE A CD1 
199 C CD2 . PHE A 30  ? 0.2979 0.2915 0.2782 -0.0064 0.0059  -0.0066 45  PHE A CD2 
200 C CE1 . PHE A 30  ? 0.2873 0.2796 0.2714 -0.0079 0.0065  -0.0042 45  PHE A CE1 
201 C CE2 . PHE A 30  ? 0.2794 0.2776 0.2607 -0.0052 0.0071  -0.0054 45  PHE A CE2 
202 C CZ  . PHE A 30  ? 0.3158 0.3132 0.2992 -0.0062 0.0075  -0.0040 45  PHE A CZ  
203 N N   . ALA A 31  ? 0.2469 0.2266 0.2218 -0.0151 0.0013  -0.0051 46  ALA A N   
204 C CA  . ALA A 31  ? 0.2522 0.2323 0.2256 -0.0182 0.0015  -0.0033 46  ALA A CA  
205 C C   . ALA A 31  ? 0.2553 0.2372 0.2253 -0.0194 0.0027  -0.0023 46  ALA A C   
206 O O   . ALA A 31  ? 0.2809 0.2668 0.2499 -0.0212 0.0044  -0.0019 46  ALA A O   
207 C CB  . ALA A 31  ? 0.2786 0.2542 0.2529 -0.0200 -0.0017 -0.0016 46  ALA A CB  
208 N N   . PHE A 32  ? 0.2481 0.2282 0.2165 -0.0185 0.0017  -0.0022 47  PHE A N   
209 C CA  . PHE A 32  ? 0.2533 0.2359 0.2184 -0.0192 0.0022  -0.0019 47  PHE A CA  
210 C C   . PHE A 32  ? 0.2676 0.2505 0.2338 -0.0167 0.0020  -0.0044 47  PHE A C   
211 O O   . PHE A 32  ? 0.2803 0.2607 0.2498 -0.0150 0.0015  -0.0052 47  PHE A O   
212 C CB  . PHE A 32  ? 0.2924 0.2719 0.2541 -0.0213 -0.0002 0.0017  47  PHE A CB  
213 C CG  . PHE A 32  ? 0.3428 0.3224 0.3044 -0.0247 -0.0001 0.0050  47  PHE A CG  
214 C CD1 . PHE A 32  ? 0.3410 0.3273 0.3009 -0.0267 0.0027  0.0054  47  PHE A CD1 
215 C CD2 . PHE A 32  ? 0.3757 0.3493 0.3400 -0.0256 -0.0031 0.0066  47  PHE A CD2 
216 C CE1 . PHE A 32  ? 0.4050 0.3926 0.3660 -0.0305 0.0032  0.0087  47  PHE A CE1 
217 C CE2 . PHE A 32  ? 0.3543 0.3276 0.3200 -0.0293 -0.0036 0.0099  47  PHE A CE2 
218 C CZ  . PHE A 32  ? 0.3681 0.3487 0.3323 -0.0318 0.0000  0.0109  47  PHE A CZ  
219 N N   . PRO A 33  ? 0.2807 0.2670 0.2450 -0.0161 0.0022  -0.0057 48  PRO A N   
220 C CA  . PRO A 33  ? 0.2954 0.2816 0.2626 -0.0137 0.0013  -0.0088 48  PRO A CA  
221 C C   . PRO A 33  ? 0.3098 0.2916 0.2779 -0.0130 -0.0007 -0.0083 48  PRO A C   
222 O O   . PRO A 33  ? 0.3261 0.3058 0.2910 -0.0138 -0.0023 -0.0064 48  PRO A O   
223 C CB  . PRO A 33  ? 0.3573 0.3491 0.3214 -0.0131 0.0011  -0.0110 48  PRO A CB  
224 C CG  . PRO A 33  ? 0.3647 0.3616 0.3259 -0.0151 0.0034  -0.0098 48  PRO A CG  
225 C CD  . PRO A 33  ? 0.3536 0.3459 0.3139 -0.0177 0.0034  -0.0053 48  PRO A CD  
226 N N   . VAL A 34  ? 0.3382 0.3191 0.3119 -0.0116 -0.0009 -0.0100 49  VAL A N   
227 C CA  . VAL A 34  ? 0.3552 0.3335 0.3317 -0.0106 -0.0027 -0.0104 49  VAL A CA  
228 C C   . VAL A 34  ? 0.3665 0.3455 0.3418 -0.0095 -0.0050 -0.0126 49  VAL A C   
229 O O   . VAL A 34  ? 0.4148 0.3967 0.3901 -0.0086 -0.0050 -0.0149 49  VAL A O   
230 C CB  . VAL A 34  ? 0.3243 0.3029 0.3075 -0.0100 -0.0018 -0.0109 49  VAL A CB  
231 C CG1 . VAL A 34  ? 0.3512 0.3289 0.3382 -0.0096 -0.0032 -0.0115 49  VAL A CG1 
232 C CG2 . VAL A 34  ? 0.3555 0.3350 0.3389 -0.0107 0.0004  -0.0088 49  VAL A CG2 
233 N N   . THR A 35  ? 0.3470 0.3236 0.3209 -0.0090 -0.0073 -0.0126 50  THR A N   
234 C CA  . THR A 35  ? 0.3714 0.3493 0.3447 -0.0073 -0.0099 -0.0154 50  THR A CA  
235 C C   . THR A 35  ? 0.3478 0.3242 0.3283 -0.0061 -0.0115 -0.0176 50  THR A C   
236 O O   . THR A 35  ? 0.3383 0.3129 0.3218 -0.0066 -0.0111 -0.0164 50  THR A O   
237 C CB  . THR A 35  ? 0.3617 0.3387 0.3276 -0.0074 -0.0120 -0.0133 50  THR A CB  
238 O OG1 . THR A 35  ? 0.3881 0.3604 0.3547 -0.0078 -0.0136 -0.0116 50  THR A OG1 
239 C CG2 . THR A 35  ? 0.3877 0.3667 0.3470 -0.0097 -0.0100 -0.0099 50  THR A CG2 
240 N N   . ASP A 36  ? 0.3148 0.2926 0.2978 -0.0042 -0.0138 -0.0213 51  ASP A N   
241 C CA  . ASP A 36  ? 0.3221 0.2992 0.3133 -0.0034 -0.0156 -0.0238 51  ASP A CA  
242 C C   . ASP A 36  ? 0.3127 0.2877 0.3021 -0.0026 -0.0179 -0.0236 51  ASP A C   
243 O O   . ASP A 36  ? 0.3036 0.2788 0.3003 -0.0026 -0.0181 -0.0246 51  ASP A O   
244 C CB  . ASP A 36  ? 0.3123 0.2914 0.3075 -0.0011 -0.0184 -0.0286 51  ASP A CB  
245 C CG  . ASP A 36  ? 0.2915 0.2719 0.2913 -0.0014 -0.0173 -0.0297 51  ASP A CG  
246 O OD1 . ASP A 36  ? 0.3159 0.2953 0.3187 -0.0035 -0.0145 -0.0266 51  ASP A OD1 
247 O OD2 . ASP A 36  ? 0.3335 0.3163 0.3351 0.0009  -0.0200 -0.0345 51  ASP A OD2 
248 N N   . ALA A 37  ? 0.3368 0.3102 0.3173 -0.0023 -0.0195 -0.0217 52  ALA A N   
249 C CA  . ALA A 37  ? 0.3815 0.3520 0.3616 -0.0012 -0.0227 -0.0219 52  ALA A CA  
250 C C   . ALA A 37  ? 0.3331 0.3021 0.3166 -0.0023 -0.0214 -0.0204 52  ALA A C   
251 O O   . ALA A 37  ? 0.3944 0.3634 0.3829 -0.0011 -0.0233 -0.0226 52  ALA A O   
252 C CB  . ALA A 37  ? 0.4225 0.3905 0.3923 -0.0013 -0.0251 -0.0186 52  ALA A CB  
253 N N   . ILE A 38  ? 0.3427 0.3118 0.3244 -0.0041 -0.0183 -0.0176 53  ILE A N   
254 C CA  . ILE A 38  ? 0.3374 0.3066 0.3222 -0.0046 -0.0172 -0.0170 53  ILE A CA  
255 C C   . ILE A 38  ? 0.3247 0.2986 0.3169 -0.0051 -0.0137 -0.0179 53  ILE A C   
256 O O   . ILE A 38  ? 0.3600 0.3367 0.3565 -0.0048 -0.0129 -0.0186 53  ILE A O   
257 C CB  . ILE A 38  ? 0.3761 0.3435 0.3555 -0.0063 -0.0157 -0.0134 53  ILE A CB  
258 C CG1 . ILE A 38  ? 0.4247 0.3874 0.3977 -0.0066 -0.0193 -0.0110 53  ILE A CG1 
259 C CG2 . ILE A 38  ? 0.3916 0.3603 0.3748 -0.0062 -0.0146 -0.0138 53  ILE A CG2 
260 C CD1 . ILE A 38  ? 0.4013 0.3607 0.3764 -0.0046 -0.0241 -0.0127 53  ILE A CD1 
261 N N   . ALA A 39  ? 0.3105 0.2860 0.3045 -0.0061 -0.0116 -0.0176 54  ALA A N   
262 C CA  . ALA A 39  ? 0.2694 0.2485 0.2709 -0.0071 -0.0089 -0.0171 54  ALA A CA  
263 C C   . ALA A 39  ? 0.2496 0.2291 0.2571 -0.0069 -0.0103 -0.0193 54  ALA A C   
264 O O   . ALA A 39  ? 0.2661 0.2447 0.2738 -0.0071 -0.0102 -0.0195 54  ALA A O   
265 C CB  . ALA A 39  ? 0.2916 0.2710 0.2907 -0.0083 -0.0061 -0.0145 54  ALA A CB  
266 N N   . PRO A 40  ? 0.2724 0.2535 0.2854 -0.0062 -0.0121 -0.0217 55  PRO A N   
267 C CA  . PRO A 40  ? 0.2508 0.2321 0.2708 -0.0057 -0.0144 -0.0248 55  PRO A CA  
268 C C   . PRO A 40  ? 0.2308 0.2128 0.2579 -0.0077 -0.0127 -0.0230 55  PRO A C   
269 O O   . PRO A 40  ? 0.2632 0.2476 0.2936 -0.0099 -0.0096 -0.0195 55  PRO A O   
270 C CB  . PRO A 40  ? 0.2722 0.2561 0.2981 -0.0051 -0.0158 -0.0272 55  PRO A CB  
271 C CG  . PRO A 40  ? 0.3133 0.2966 0.3322 -0.0038 -0.0163 -0.0269 55  PRO A CG  
272 C CD  . PRO A 40  ? 0.2697 0.2526 0.2835 -0.0053 -0.0129 -0.0230 55  PRO A CD  
273 N N   . GLY A 41  ? 0.2391 0.2193 0.2680 -0.0066 -0.0153 -0.0260 56  GLY A N   
274 C CA  . GLY A 41  ? 0.2224 0.2019 0.2590 -0.0078 -0.0154 -0.0253 56  GLY A CA  
275 C C   . GLY A 41  ? 0.2697 0.2479 0.3019 -0.0084 -0.0134 -0.0225 56  GLY A C   
276 O O   . GLY A 41  ? 0.2810 0.2580 0.3197 -0.0095 -0.0137 -0.0211 56  GLY A O   
277 N N   . TYR A 42  ? 0.2514 0.2298 0.2732 -0.0080 -0.0111 -0.0207 57  TYR A N   
278 C CA  . TYR A 42  ? 0.2747 0.2525 0.2930 -0.0087 -0.0091 -0.0181 57  TYR A CA  
279 C C   . TYR A 42  ? 0.2724 0.2492 0.2937 -0.0074 -0.0113 -0.0209 57  TYR A C   
280 O O   . TYR A 42  ? 0.2672 0.2431 0.2918 -0.0083 -0.0108 -0.0189 57  TYR A O   
281 C CB  . TYR A 42  ? 0.2647 0.2430 0.2716 -0.0083 -0.0073 -0.0171 57  TYR A CB  
282 C CG  . TYR A 42  ? 0.2674 0.2458 0.2720 -0.0093 -0.0047 -0.0139 57  TYR A CG  
283 C CD1 . TYR A 42  ? 0.2615 0.2413 0.2669 -0.0106 -0.0021 -0.0102 57  TYR A CD1 
284 C CD2 . TYR A 42  ? 0.2765 0.2552 0.2782 -0.0086 -0.0047 -0.0150 57  TYR A CD2 
285 C CE1 . TYR A 42  ? 0.2627 0.2431 0.2655 -0.0109 -0.0001 -0.0077 57  TYR A CE1 
286 C CE2 . TYR A 42  ? 0.2923 0.2713 0.2921 -0.0092 -0.0026 -0.0126 57  TYR A CE2 
287 C CZ  . TYR A 42  ? 0.2609 0.2404 0.2612 -0.0103 -0.0005 -0.0089 57  TYR A CZ  
288 O OH  . TYR A 42  ? 0.2982 0.2784 0.2968 -0.0105 0.0011  -0.0067 57  TYR A OH  
289 N N   . SER A 43  ? 0.2738 0.2518 0.2919 -0.0051 -0.0138 -0.0257 58  SER A N   
290 C CA  . SER A 43  ? 0.2789 0.2577 0.2990 -0.0031 -0.0162 -0.0298 58  SER A CA  
291 C C   . SER A 43  ? 0.2880 0.2646 0.3213 -0.0029 -0.0196 -0.0319 58  SER A C   
292 O O   . SER A 43  ? 0.3603 0.3364 0.3983 -0.0013 -0.0221 -0.0350 58  SER A O   
293 C CB  . SER A 43  ? 0.3094 0.2920 0.3229 -0.0003 -0.0180 -0.0346 58  SER A CB  
294 O OG  . SER A 43  ? 0.3370 0.3195 0.3540 0.0010  -0.0209 -0.0377 58  SER A OG  
295 N N   . MET A 44  ? 0.2672 0.2423 0.3082 -0.0045 -0.0203 -0.0305 59  MET A N   
296 C CA  . MET A 44  ? 0.2910 0.2635 0.3465 -0.0055 -0.0236 -0.0311 59  MET A CA  
297 C C   . MET A 44  ? 0.3212 0.2914 0.3803 -0.0089 -0.0210 -0.0238 59  MET A C   
298 O O   . MET A 44  ? 0.3419 0.3086 0.4100 -0.0094 -0.0239 -0.0233 59  MET A O   
299 C CB  . MET A 44  ? 0.2822 0.2554 0.3438 -0.0064 -0.0247 -0.0322 59  MET A CB  
300 C CG  . MET A 44  ? 0.2853 0.2561 0.3626 -0.0090 -0.0270 -0.0305 59  MET A CG  
301 S SD  . MET A 44  ? 0.2973 0.2708 0.3820 -0.0101 -0.0278 -0.0321 59  MET A SD  
302 C CE  . MET A 44  ? 0.3061 0.2833 0.3830 -0.0134 -0.0207 -0.0242 59  MET A CE  
303 N N   . ILE A 45  ? 0.2727 0.2446 0.3242 -0.0109 -0.0162 -0.0183 60  ILE A N   
304 C CA  . ILE A 45  ? 0.2913 0.2624 0.3457 -0.0138 -0.0139 -0.0113 60  ILE A CA  
305 C C   . ILE A 45  ? 0.2867 0.2562 0.3355 -0.0126 -0.0134 -0.0105 60  ILE A C   
306 O O   . ILE A 45  ? 0.3244 0.2916 0.3779 -0.0140 -0.0140 -0.0060 60  ILE A O   
307 C CB  . ILE A 45  ? 0.3023 0.2778 0.3524 -0.0159 -0.0092 -0.0067 60  ILE A CB  
308 C CG1 . ILE A 45  ? 0.3251 0.3026 0.3839 -0.0173 -0.0103 -0.0079 60  ILE A CG1 
309 C CG2 . ILE A 45  ? 0.3064 0.2843 0.3544 -0.0183 -0.0054 0.0006  60  ILE A CG2 
310 C CD1 . ILE A 45  ? 0.3172 0.2998 0.3717 -0.0176 -0.0072 -0.0073 60  ILE A CD1 
311 N N   . ILE A 46  ? 0.2762 0.2477 0.3145 -0.0103 -0.0122 -0.0136 61  ILE A N   
312 C CA  . ILE A 46  ? 0.2907 0.2620 0.3234 -0.0093 -0.0113 -0.0132 61  ILE A CA  
313 C C   . ILE A 46  ? 0.3078 0.2796 0.3409 -0.0062 -0.0146 -0.0199 61  ILE A C   
314 O O   . ILE A 46  ? 0.3496 0.3244 0.3770 -0.0045 -0.0146 -0.0242 61  ILE A O   
315 C CB  . ILE A 46  ? 0.2724 0.2469 0.2939 -0.0096 -0.0071 -0.0115 61  ILE A CB  
316 C CG1 . ILE A 46  ? 0.3012 0.2769 0.3228 -0.0119 -0.0042 -0.0060 61  ILE A CG1 
317 C CG2 . ILE A 46  ? 0.2921 0.2674 0.3079 -0.0084 -0.0063 -0.0121 61  ILE A CG2 
318 C CD1 . ILE A 46  ? 0.2914 0.2664 0.3173 -0.0134 -0.0035 -0.0003 61  ILE A CD1 
319 N N   . LYS A 47  ? 0.3316 0.3007 0.3712 -0.0054 -0.0174 -0.0204 62  LYS A N   
320 C CA  . LYS A 47  ? 0.3460 0.3170 0.3869 -0.0017 -0.0212 -0.0283 62  LYS A CA  
321 C C   . LYS A 47  ? 0.3342 0.3101 0.3667 0.0002  -0.0194 -0.0311 62  LYS A C   
322 O O   . LYS A 47  ? 0.3586 0.3394 0.3889 0.0029  -0.0208 -0.0376 62  LYS A O   
323 C CB  . LYS A 47  ? 0.4225 0.3889 0.4769 -0.0005 -0.0271 -0.0305 62  LYS A CB  
324 C CG  . LYS A 47  ? 0.5532 0.5174 0.6174 -0.0011 -0.0305 -0.0322 62  LYS A CG  
325 C CD  . LYS A 47  ? 0.6366 0.6063 0.6956 0.0016  -0.0307 -0.0393 62  LYS A CD  
326 C CE  . LYS A 47  ? 0.6119 0.5816 0.6710 -0.0005 -0.0292 -0.0371 62  LYS A CE  
327 N NZ  . LYS A 47  ? 0.7214 0.6873 0.7950 -0.0009 -0.0341 -0.0390 62  LYS A NZ  
328 N N   . HIS A 48  ? 0.3187 0.2943 0.3457 -0.0014 -0.0158 -0.0261 63  HIS A N   
329 C CA  . HIS A 48  ? 0.3183 0.2985 0.3381 -0.0003 -0.0138 -0.0280 63  HIS A CA  
330 C C   . HIS A 48  ? 0.2787 0.2605 0.2893 -0.0027 -0.0089 -0.0232 63  HIS A C   
331 O O   . HIS A 48  ? 0.3227 0.3028 0.3322 -0.0037 -0.0073 -0.0190 63  HIS A O   
332 C CB  . HIS A 48  ? 0.3206 0.2991 0.3452 0.0011  -0.0162 -0.0285 63  HIS A CB  
333 C CG  . HIS A 48  ? 0.4221 0.3995 0.4561 0.0043  -0.0220 -0.0348 63  HIS A CG  
334 N ND1 . HIS A 48  ? 0.4969 0.4672 0.5414 0.0042  -0.0264 -0.0329 63  HIS A ND1 
335 C CD2 . HIS A 48  ? 0.4285 0.4119 0.4633 0.0076  -0.0244 -0.0434 63  HIS A CD2 
336 C CE1 . HIS A 48  ? 0.4488 0.4196 0.5013 0.0077  -0.0320 -0.0406 63  HIS A CE1 
337 N NE2 . HIS A 48  ? 0.5510 0.5304 0.5976 0.0101  -0.0308 -0.0476 63  HIS A NE2 
338 N N   . PRO A 49  ? 0.3177 0.3022 0.3223 -0.0033 -0.0071 -0.0239 64  PRO A N   
339 C CA  . PRO A 49  ? 0.3052 0.2901 0.3024 -0.0056 -0.0035 -0.0196 64  PRO A CA  
340 C C   . PRO A 49  ? 0.2971 0.2851 0.2898 -0.0058 -0.0015 -0.0195 64  PRO A C   
341 O O   . PRO A 49  ? 0.2940 0.2860 0.2871 -0.0043 -0.0021 -0.0233 64  PRO A O   
342 C CB  . PRO A 49  ? 0.3207 0.3076 0.3136 -0.0057 -0.0035 -0.0211 64  PRO A CB  
343 C CG  . PRO A 49  ? 0.4059 0.3968 0.4009 -0.0030 -0.0062 -0.0273 64  PRO A CG  
344 C CD  . PRO A 49  ? 0.3302 0.3177 0.3348 -0.0017 -0.0092 -0.0289 64  PRO A CD  
345 N N   . MET A 50  ? 0.2509 0.2378 0.2404 -0.0073 0.0009  -0.0155 65  MET A N   
346 C CA  . MET A 50  ? 0.2592 0.2494 0.2449 -0.0079 0.0027  -0.0155 65  MET A CA  
347 C C   . MET A 50  ? 0.2485 0.2374 0.2305 -0.0096 0.0044  -0.0121 65  MET A C   
348 O O   . MET A 50  ? 0.2892 0.2753 0.2719 -0.0099 0.0043  -0.0100 65  MET A O   
349 C CB  . MET A 50  ? 0.2925 0.2821 0.2818 -0.0064 0.0020  -0.0156 65  MET A CB  
350 C CG  . MET A 50  ? 0.2843 0.2778 0.2711 -0.0064 0.0035  -0.0166 65  MET A CG  
351 S SD  . MET A 50  ? 0.3148 0.3160 0.2994 -0.0067 0.0042  -0.0213 65  MET A SD  
352 C CE  . MET A 50  ? 0.3622 0.3648 0.3520 -0.0035 0.0008  -0.0269 65  MET A CE  
353 N N   . ASP A 51  ? 0.2669 0.2588 0.2455 -0.0108 0.0057  -0.0123 66  ASP A N   
354 C CA  . ASP A 51  ? 0.2726 0.2630 0.2487 -0.0125 0.0064  -0.0097 66  ASP A CA  
355 C C   . ASP A 51  ? 0.2508 0.2445 0.2257 -0.0137 0.0075  -0.0102 66  ASP A C   
356 O O   . ASP A 51  ? 0.2683 0.2664 0.2438 -0.0134 0.0081  -0.0125 66  ASP A O   
357 C CB  . ASP A 51  ? 0.2709 0.2598 0.2440 -0.0139 0.0057  -0.0086 66  ASP A CB  
358 C CG  . ASP A 51  ? 0.2946 0.2880 0.2648 -0.0150 0.0062  -0.0096 66  ASP A CG  
359 O OD1 . ASP A 51  ? 0.3518 0.3479 0.3222 -0.0136 0.0057  -0.0123 66  ASP A OD1 
360 O OD2 . ASP A 51  ? 0.3144 0.3096 0.2823 -0.0174 0.0070  -0.0077 66  ASP A OD2 
361 N N   . PHE A 52  ? 0.2380 0.2305 0.2129 -0.0147 0.0075  -0.0087 67  PHE A N   
362 C CA  . PHE A 52  ? 0.2487 0.2443 0.2241 -0.0162 0.0082  -0.0092 67  PHE A CA  
363 C C   . PHE A 52  ? 0.2842 0.2837 0.2579 -0.0190 0.0092  -0.0087 67  PHE A C   
364 O O   . PHE A 52  ? 0.2678 0.2722 0.2431 -0.0196 0.0104  -0.0103 67  PHE A O   
365 C CB  . PHE A 52  ? 0.2477 0.2402 0.2244 -0.0165 0.0070  -0.0082 67  PHE A CB  
366 C CG  . PHE A 52  ? 0.2478 0.2399 0.2257 -0.0133 0.0065  -0.0093 67  PHE A CG  
367 C CD1 . PHE A 52  ? 0.2804 0.2752 0.2593 -0.0114 0.0072  -0.0107 67  PHE A CD1 
368 C CD2 . PHE A 52  ? 0.2517 0.2417 0.2301 -0.0123 0.0051  -0.0090 67  PHE A CD2 
369 C CE1 . PHE A 52  ? 0.2721 0.2675 0.2513 -0.0086 0.0067  -0.0108 67  PHE A CE1 
370 C CE2 . PHE A 52  ? 0.2676 0.2595 0.2468 -0.0094 0.0050  -0.0100 67  PHE A CE2 
371 C CZ  . PHE A 52  ? 0.2740 0.2686 0.2529 -0.0077 0.0059  -0.0104 67  PHE A CZ  
372 N N   . GLY A 53  ? 0.2817 0.2794 0.2525 -0.0206 0.0087  -0.0063 68  GLY A N   
373 C CA  . GLY A 53  ? 0.3226 0.3256 0.2906 -0.0237 0.0099  -0.0047 68  GLY A CA  
374 C C   . GLY A 53  ? 0.2675 0.2781 0.2355 -0.0223 0.0115  -0.0084 68  GLY A C   
375 O O   . GLY A 53  ? 0.3112 0.3296 0.2793 -0.0239 0.0134  -0.0092 68  GLY A O   
376 N N   . THR A 54  ? 0.2618 0.2710 0.2301 -0.0190 0.0105  -0.0111 69  THR A N   
377 C CA  . THR A 54  ? 0.2648 0.2805 0.2344 -0.0166 0.0107  -0.0159 69  THR A CA  
378 C C   . THR A 54  ? 0.2916 0.3112 0.2652 -0.0156 0.0114  -0.0190 69  THR A C   
379 O O   . THR A 54  ? 0.3196 0.3482 0.2942 -0.0150 0.0124  -0.0228 69  THR A O   
380 C CB  . THR A 54  ? 0.3247 0.3365 0.2962 -0.0133 0.0085  -0.0183 69  THR A CB  
381 O OG1 . THR A 54  ? 0.3618 0.3716 0.3295 -0.0143 0.0079  -0.0160 69  THR A OG1 
382 C CG2 . THR A 54  ? 0.3471 0.3644 0.3215 -0.0103 0.0076  -0.0239 69  THR A CG2 
383 N N   . MET A 55  ? 0.2616 0.2754 0.2376 -0.0146 0.0107  -0.0180 70  MET A N   
384 C CA  . MET A 55  ? 0.2860 0.3027 0.2652 -0.0134 0.0108  -0.0206 70  MET A CA  
385 C C   . MET A 55  ? 0.2356 0.2590 0.2150 -0.0166 0.0129  -0.0205 70  MET A C   
386 O O   . MET A 55  ? 0.2639 0.2942 0.2462 -0.0154 0.0134  -0.0243 70  MET A O   
387 C CB  . MET A 55  ? 0.2830 0.2928 0.2638 -0.0120 0.0096  -0.0187 70  MET A CB  
388 C CG  . MET A 55  ? 0.2543 0.2591 0.2359 -0.0094 0.0079  -0.0184 70  MET A CG  
389 S SD  . MET A 55  ? 0.3399 0.3396 0.3223 -0.0079 0.0071  -0.0156 70  MET A SD  
390 C CE  . MET A 55  ? 0.3516 0.3553 0.3365 -0.0058 0.0063  -0.0189 70  MET A CE  
391 N N   . LYS A 56  ? 0.2461 0.2676 0.2237 -0.0202 0.0136  -0.0162 71  LYS A N   
392 C CA  . LYS A 56  ? 0.2975 0.3250 0.2766 -0.0239 0.0154  -0.0151 71  LYS A CA  
393 C C   . LYS A 56  ? 0.3046 0.3431 0.2820 -0.0250 0.0175  -0.0169 71  LYS A C   
394 O O   . LYS A 56  ? 0.3219 0.3702 0.3023 -0.0259 0.0193  -0.0198 71  LYS A O   
395 C CB  . LYS A 56  ? 0.2912 0.3135 0.2691 -0.0278 0.0148  -0.0095 71  LYS A CB  
396 C CG  . LYS A 56  ? 0.3122 0.3408 0.2925 -0.0328 0.0164  -0.0073 71  LYS A CG  
397 C CD  . LYS A 56  ? 0.3593 0.3896 0.3459 -0.0328 0.0162  -0.0099 71  LYS A CD  
398 C CE  . LYS A 56  ? 0.5433 0.5811 0.5334 -0.0384 0.0181  -0.0075 71  LYS A CE  
399 N NZ  . LYS A 56  ? 0.5603 0.5937 0.5490 -0.0432 0.0172  -0.0004 71  LYS A NZ  
400 N N   . ASP A 57  ? 0.2896 0.3283 0.2627 -0.0247 0.0175  -0.0158 72  ASP A N   
401 C CA  . ASP A 57  ? 0.3169 0.3677 0.2877 -0.0250 0.0193  -0.0182 72  ASP A CA  
402 C C   . ASP A 57  ? 0.3437 0.4019 0.3184 -0.0210 0.0191  -0.0259 72  ASP A C   
403 O O   . ASP A 57  ? 0.3428 0.4141 0.3188 -0.0216 0.0212  -0.0294 72  ASP A O   
404 C CB  . ASP A 57  ? 0.3249 0.3747 0.2904 -0.0243 0.0185  -0.0169 72  ASP A CB  
405 C CG  . ASP A 57  ? 0.3837 0.4283 0.3448 -0.0285 0.0185  -0.0094 72  ASP A CG  
406 O OD1 . ASP A 57  ? 0.4282 0.4736 0.3903 -0.0330 0.0197  -0.0049 72  ASP A OD1 
407 O OD2 . ASP A 57  ? 0.4495 0.4879 0.4074 -0.0270 0.0165  -0.0080 72  ASP A OD2 
408 N N   . LYS A 58  ? 0.2705 0.3208 0.2482 -0.0168 0.0163  -0.0287 73  LYS A N   
409 C CA  . LYS A 58  ? 0.2833 0.3393 0.2655 -0.0126 0.0149  -0.0360 73  LYS A CA  
410 C C   . LYS A 58  ? 0.3407 0.4016 0.3272 -0.0131 0.0159  -0.0382 73  LYS A C   
411 O O   . LYS A 58  ? 0.3377 0.4084 0.3279 -0.0106 0.0157  -0.0447 73  LYS A O   
412 C CB  . LYS A 58  ? 0.2966 0.3417 0.2815 -0.0083 0.0111  -0.0376 73  LYS A CB  
413 C CG  . LYS A 58  ? 0.3203 0.3631 0.3035 -0.0067 0.0094  -0.0381 73  LYS A CG  
414 C CD  . LYS A 58  ? 0.3133 0.3455 0.3002 -0.0036 0.0058  -0.0381 73  LYS A CD  
415 C CE  . LYS A 58  ? 0.3505 0.3837 0.3437 0.0003  0.0027  -0.0438 73  LYS A CE  
416 N NZ  . LYS A 58  ? 0.3865 0.4098 0.3835 0.0026  -0.0012 -0.0430 73  LYS A NZ  
417 N N   . ILE A 59  ? 0.2687 0.3235 0.2558 -0.0155 0.0163  -0.0339 74  ILE A N   
418 C CA  . ILE A 59  ? 0.2968 0.3569 0.2883 -0.0163 0.0172  -0.0360 74  ILE A CA  
419 C C   . ILE A 59  ? 0.3197 0.3941 0.3120 -0.0198 0.0206  -0.0372 74  ILE A C   
420 O O   . ILE A 59  ? 0.3541 0.4384 0.3509 -0.0182 0.0209  -0.0431 74  ILE A O   
421 C CB  . ILE A 59  ? 0.2953 0.3477 0.2877 -0.0186 0.0169  -0.0316 74  ILE A CB  
422 C CG1 . ILE A 59  ? 0.3325 0.3733 0.3242 -0.0144 0.0137  -0.0313 74  ILE A CG1 
423 C CG2 . ILE A 59  ? 0.3310 0.3902 0.3292 -0.0193 0.0174  -0.0348 74  ILE A CG2 
424 C CD1 . ILE A 59  ? 0.2972 0.3309 0.2890 -0.0156 0.0130  -0.0275 74  ILE A CD1 
425 N N   . VAL A 60  ? 0.3379 0.4130 0.3265 -0.0246 0.0227  -0.0312 75  VAL A N   
426 C CA  . VAL A 60  ? 0.3568 0.4464 0.3457 -0.0295 0.0266  -0.0300 75  VAL A CA  
427 C C   . VAL A 60  ? 0.4021 0.5056 0.3898 -0.0268 0.0278  -0.0363 75  VAL A C   
428 O O   . VAL A 60  ? 0.3938 0.5124 0.3846 -0.0284 0.0305  -0.0393 75  VAL A O   
429 C CB  . VAL A 60  ? 0.3507 0.4359 0.3349 -0.0348 0.0277  -0.0213 75  VAL A CB  
430 C CG1 . VAL A 60  ? 0.3643 0.4641 0.3488 -0.0410 0.0318  -0.0179 75  VAL A CG1 
431 C CG2 . VAL A 60  ? 0.4122 0.4846 0.3994 -0.0367 0.0257  -0.0172 75  VAL A CG2 
432 N N   . ALA A 61  ? 0.3405 0.4399 0.3250 -0.0224 0.0255  -0.0388 76  ALA A N   
433 C CA  . ALA A 61  ? 0.3698 0.4815 0.3538 -0.0182 0.0252  -0.0463 76  ALA A CA  
434 C C   . ALA A 61  ? 0.4384 0.5528 0.4295 -0.0124 0.0224  -0.0557 76  ALA A C   
435 O O   . ALA A 61  ? 0.4510 0.5731 0.4435 -0.0076 0.0204  -0.0634 76  ALA A O   
436 C CB  . ALA A 61  ? 0.4155 0.5194 0.3947 -0.0156 0.0228  -0.0455 76  ALA A CB  
437 N N   . ASN A 62  ? 0.4404 0.5482 0.4362 -0.0123 0.0213  -0.0555 77  ASN A N   
438 C CA  . ASN A 62  ? 0.4268 0.5326 0.4292 -0.0067 0.0173  -0.0629 77  ASN A CA  
439 C C   . ASN A 62  ? 0.4415 0.5402 0.4454 -0.0007 0.0125  -0.0674 77  ASN A C   
440 O O   . ASN A 62  ? 0.5170 0.6217 0.5263 0.0043  0.0094  -0.0758 77  ASN A O   
441 C CB  . ASN A 62  ? 0.5792 0.7024 0.5871 -0.0054 0.0185  -0.0709 77  ASN A CB  
442 C CG  . ASN A 62  ? 0.5827 0.7168 0.5905 -0.0119 0.0238  -0.0671 77  ASN A CG  
443 O OD1 . ASN A 62  ? 0.6563 0.8049 0.6617 -0.0146 0.0275  -0.0670 77  ASN A OD1 
444 N ND2 . ASN A 62  ? 0.6259 0.7534 0.6364 -0.0144 0.0240  -0.0634 77  ASN A ND2 
445 N N   . GLU A 63  ? 0.3745 0.4602 0.3745 -0.0011 0.0112  -0.0619 78  GLU A N   
446 C CA  . GLU A 63  ? 0.3957 0.4754 0.3978 0.0036  0.0067  -0.0653 78  GLU A CA  
447 C C   . GLU A 63  ? 0.4276 0.4948 0.4340 0.0064  0.0025  -0.0647 78  GLU A C   
448 O O   . GLU A 63  ? 0.4547 0.5160 0.4652 0.0106  -0.0023 -0.0679 78  GLU A O   
449 C CB  . GLU A 63  ? 0.3892 0.4626 0.3858 0.0016  0.0073  -0.0600 78  GLU A CB  
450 C CG  . GLU A 63  ? 0.4390 0.5258 0.4320 0.0009  0.0096  -0.0628 78  GLU A CG  
451 C CD  . GLU A 63  ? 0.5513 0.6307 0.5392 -0.0001 0.0092  -0.0581 78  GLU A CD  
452 O OE1 . GLU A 63  ? 0.5852 0.6532 0.5758 0.0028  0.0052  -0.0585 78  GLU A OE1 
453 O OE2 . GLU A 63  ? 0.6335 0.7181 0.6150 -0.0040 0.0127  -0.0536 78  GLU A OE2 
454 N N   . TYR A 64  ? 0.3682 0.4311 0.3739 0.0044  0.0039  -0.0606 79  TYR A N   
455 C CA  . TYR A 64  ? 0.3754 0.4282 0.3844 0.0074  -0.0001 -0.0599 79  TYR A CA  
456 C C   . TYR A 64  ? 0.3775 0.4370 0.3925 0.0110  -0.0025 -0.0669 79  TYR A C   
457 O O   . TYR A 64  ? 0.4691 0.5362 0.4845 0.0091  0.0002  -0.0681 79  TYR A O   
458 C CB  . TYR A 64  ? 0.3384 0.3838 0.3436 0.0043  0.0019  -0.0525 79  TYR A CB  
459 C CG  . TYR A 64  ? 0.3208 0.3580 0.3211 0.0017  0.0031  -0.0459 79  TYR A CG  
460 C CD1 . TYR A 64  ? 0.2970 0.3254 0.2980 0.0039  0.0000  -0.0442 79  TYR A CD1 
461 C CD2 . TYR A 64  ? 0.3166 0.3546 0.3126 -0.0028 0.0069  -0.0413 79  TYR A CD2 
462 C CE1 . TYR A 64  ? 0.2883 0.3103 0.2857 0.0015  0.0011  -0.0387 79  TYR A CE1 
463 C CE2 . TYR A 64  ? 0.2877 0.3185 0.2796 -0.0047 0.0075  -0.0358 79  TYR A CE2 
464 C CZ  . TYR A 64  ? 0.2706 0.2938 0.2629 -0.0025 0.0050  -0.0347 79  TYR A CZ  
465 O OH  . TYR A 64  ? 0.3112 0.3290 0.3003 -0.0045 0.0057  -0.0302 79  TYR A OH  
466 N N   . LYS A 65  ? 0.4530 0.5092 0.4732 0.0160  -0.0080 -0.0716 80  LYS A N   
467 C CA  . LYS A 65  ? 0.5023 0.5639 0.5288 0.0202  -0.0113 -0.0790 80  LYS A CA  
468 C C   . LYS A 65  ? 0.4947 0.5470 0.5218 0.0218  -0.0141 -0.0755 80  LYS A C   
469 O O   . LYS A 65  ? 0.5243 0.5814 0.5561 0.0249  -0.0167 -0.0810 80  LYS A O   
470 C CB  . LYS A 65  ? 0.5374 0.6011 0.5707 0.0256  -0.0169 -0.0872 80  LYS A CB  
471 C CG  . LYS A 65  ? 0.5676 0.6420 0.5998 0.0249  -0.0145 -0.0915 80  LYS A CG  
472 C CD  . LYS A 65  ? 0.7049 0.7869 0.7454 0.0310  -0.0200 -0.1029 80  LYS A CD  
473 C CE  . LYS A 65  ? 0.6740 0.7562 0.7137 0.0317  -0.0210 -0.1044 80  LYS A CE  
474 N NZ  . LYS A 65  ? 0.7944 0.8760 0.8438 0.0385  -0.0291 -0.1140 80  LYS A NZ  
475 N N   . SER A 66  ? 0.4472 0.4876 0.4694 0.0198  -0.0138 -0.0666 81  SER A N   
476 C CA  . SER A 66  ? 0.4330 0.4657 0.4542 0.0211  -0.0160 -0.0623 81  SER A CA  
477 C C   . SER A 66  ? 0.3397 0.3668 0.3540 0.0171  -0.0121 -0.0537 81  SER A C   
478 O O   . SER A 66  ? 0.3593 0.3846 0.3707 0.0142  -0.0096 -0.0507 81  SER A O   
479 C CB  . SER A 66  ? 0.4269 0.4491 0.4510 0.0250  -0.0224 -0.0605 81  SER A CB  
480 O OG  . SER A 66  ? 0.4602 0.4760 0.4836 0.0235  -0.0225 -0.0566 81  SER A OG  
481 N N   . VAL A 67  ? 0.3375 0.3623 0.3494 0.0175  -0.0122 -0.0508 82  VAL A N   
482 C CA  . VAL A 67  ? 0.3391 0.3577 0.3453 0.0154  -0.0102 -0.0432 82  VAL A CA  
483 C C   . VAL A 67  ? 0.3170 0.3266 0.3220 0.0157  -0.0123 -0.0377 82  VAL A C   
484 O O   . VAL A 67  ? 0.3339 0.3405 0.3350 0.0128  -0.0095 -0.0326 82  VAL A O   
485 C CB  . VAL A 67  ? 0.3454 0.3639 0.3499 0.0173  -0.0115 -0.0421 82  VAL A CB  
486 C CG1 . VAL A 67  ? 0.3228 0.3363 0.3214 0.0160  -0.0099 -0.0351 82  VAL A CG1 
487 C CG2 . VAL A 67  ? 0.4178 0.4452 0.4246 0.0160  -0.0091 -0.0473 82  VAL A CG2 
488 N N   . THR A 68  ? 0.3463 0.3513 0.3552 0.0191  -0.0174 -0.0382 83  THR A N   
489 C CA  . THR A 68  ? 0.3362 0.3327 0.3458 0.0190  -0.0197 -0.0327 83  THR A CA  
490 C C   . THR A 68  ? 0.3502 0.3470 0.3603 0.0160  -0.0172 -0.0331 83  THR A C   
491 O O   . THR A 68  ? 0.3135 0.3054 0.3216 0.0137  -0.0159 -0.0272 83  THR A O   
492 C CB  . THR A 68  ? 0.3753 0.3675 0.3916 0.0230  -0.0266 -0.0352 83  THR A CB  
493 O OG1 . THR A 68  ? 0.4353 0.4268 0.4504 0.0260  -0.0292 -0.0341 83  THR A OG1 
494 C CG2 . THR A 68  ? 0.3972 0.3804 0.4161 0.0223  -0.0294 -0.0293 83  THR A CG2 
495 N N   . GLU A 69  ? 0.3820 0.3855 0.3949 0.0160  -0.0164 -0.0402 84  GLU A N   
496 C CA  . GLU A 69  ? 0.3330 0.3376 0.3450 0.0136  -0.0141 -0.0404 84  GLU A CA  
497 C C   . GLU A 69  ? 0.3096 0.3152 0.3150 0.0094  -0.0086 -0.0357 84  GLU A C   
498 O O   . GLU A 69  ? 0.3011 0.3032 0.3050 0.0074  -0.0075 -0.0321 84  GLU A O   
499 C CB  . GLU A 69  ? 0.3580 0.3723 0.3733 0.0149  -0.0140 -0.0490 84  GLU A CB  
500 C CG  . GLU A 69  ? 0.4889 0.5020 0.5120 0.0193  -0.0202 -0.0551 84  GLU A CG  
501 C CD  . GLU A 69  ? 0.5656 0.5910 0.5919 0.0214  -0.0201 -0.0649 84  GLU A CD  
502 O OE1 . GLU A 69  ? 0.4855 0.5203 0.5073 0.0185  -0.0148 -0.0660 84  GLU A OE1 
503 O OE2 . GLU A 69  ? 0.5799 0.6061 0.6136 0.0260  -0.0258 -0.0717 84  GLU A OE2 
504 N N   . PHE A 70  ? 0.2993 0.3096 0.3018 0.0084  -0.0059 -0.0359 85  PHE A N   
505 C CA  . PHE A 70  ? 0.3168 0.3266 0.3141 0.0047  -0.0019 -0.0314 85  PHE A CA  
506 C C   . PHE A 70  ? 0.2982 0.3006 0.2930 0.0046  -0.0024 -0.0248 85  PHE A C   
507 O O   . PHE A 70  ? 0.2697 0.2698 0.2621 0.0022  -0.0004 -0.0213 85  PHE A O   
508 C CB  . PHE A 70  ? 0.3081 0.3233 0.3046 0.0038  0.0000  -0.0331 85  PHE A CB  
509 C CG  . PHE A 70  ? 0.2762 0.2905 0.2688 0.0006  0.0028  -0.0292 85  PHE A CG  
510 C CD1 . PHE A 70  ? 0.2928 0.3104 0.2843 -0.0031 0.0056  -0.0289 85  PHE A CD1 
511 C CD2 . PHE A 70  ? 0.3142 0.3253 0.3050 0.0016  0.0023  -0.0262 85  PHE A CD2 
512 C CE1 . PHE A 70  ? 0.3396 0.3551 0.3285 -0.0058 0.0071  -0.0255 85  PHE A CE1 
513 C CE2 . PHE A 70  ? 0.2705 0.2811 0.2589 -0.0006 0.0040  -0.0241 85  PHE A CE2 
514 C CZ  . PHE A 70  ? 0.2889 0.3005 0.2768 -0.0040 0.0060  -0.0235 85  PHE A CZ  
515 N N   . LYS A 71  ? 0.2831 0.2828 0.2784 0.0071  -0.0049 -0.0230 86  LYS A N   
516 C CA  . LYS A 71  ? 0.2997 0.2948 0.2923 0.0068  -0.0048 -0.0164 86  LYS A CA  
517 C C   . LYS A 71  ? 0.2870 0.2769 0.2818 0.0057  -0.0058 -0.0131 86  LYS A C   
518 O O   . LYS A 71  ? 0.2934 0.2820 0.2858 0.0038  -0.0038 -0.0086 86  LYS A O   
519 C CB  . LYS A 71  ? 0.3117 0.3051 0.3043 0.0100  -0.0080 -0.0143 86  LYS A CB  
520 C CG  . LYS A 71  ? 0.3137 0.3124 0.3040 0.0113  -0.0071 -0.0173 86  LYS A CG  
521 C CD  . LYS A 71  ? 0.3654 0.3637 0.3556 0.0152  -0.0108 -0.0168 86  LYS A CD  
522 C CE  . LYS A 71  ? 0.3848 0.3801 0.3711 0.0156  -0.0113 -0.0089 86  LYS A CE  
523 N NZ  . LYS A 71  ? 0.4075 0.4031 0.3922 0.0194  -0.0148 -0.0075 86  LYS A NZ  
524 N N   . ALA A 72  ? 0.2559 0.2444 0.2560 0.0067  -0.0086 -0.0166 87  ALA A N   
525 C CA  . ALA A 72  ? 0.2732 0.2566 0.2771 0.0059  -0.0102 -0.0144 87  ALA A CA  
526 C C   . ALA A 72  ? 0.3040 0.2893 0.3053 0.0030  -0.0068 -0.0145 87  ALA A C   
527 O O   . ALA A 72  ? 0.3089 0.2910 0.3110 0.0014  -0.0063 -0.0107 87  ALA A O   
528 C CB  . ALA A 72  ? 0.3171 0.2991 0.3284 0.0084  -0.0151 -0.0197 87  ALA A CB  
529 N N   . ASP A 73  ? 0.2782 0.2690 0.2764 0.0023  -0.0042 -0.0185 88  ASP A N   
530 C CA  . ASP A 73  ? 0.2666 0.2585 0.2620 -0.0002 -0.0015 -0.0182 88  ASP A CA  
531 C C   . ASP A 73  ? 0.2594 0.2501 0.2506 -0.0021 0.0009  -0.0134 88  ASP A C   
532 O O   . ASP A 73  ? 0.2695 0.2583 0.2603 -0.0036 0.0018  -0.0112 88  ASP A O   
533 C CB  . ASP A 73  ? 0.2831 0.2817 0.2763 -0.0012 0.0004  -0.0228 88  ASP A CB  
534 C CG  . ASP A 73  ? 0.3343 0.3362 0.3306 0.0002  -0.0014 -0.0281 88  ASP A CG  
535 O OD1 . ASP A 73  ? 0.3528 0.3503 0.3534 0.0015  -0.0043 -0.0284 88  ASP A OD1 
536 O OD2 . ASP A 73  ? 0.3472 0.3568 0.3419 -0.0002 0.0002  -0.0319 88  ASP A OD2 
537 N N   . PHE A 74  ? 0.2623 0.2547 0.2513 -0.0015 0.0018  -0.0124 89  PHE A N   
538 C CA  . PHE A 74  ? 0.2374 0.2296 0.2232 -0.0024 0.0034  -0.0088 89  PHE A CA  
539 C C   . PHE A 74  ? 0.2414 0.2305 0.2284 -0.0023 0.0028  -0.0039 89  PHE A C   
540 O O   . PHE A 74  ? 0.2462 0.2354 0.2320 -0.0037 0.0044  -0.0017 89  PHE A O   
541 C CB  . PHE A 74  ? 0.2580 0.2530 0.2418 -0.0009 0.0036  -0.0095 89  PHE A CB  
542 C CG  . PHE A 74  ? 0.2507 0.2471 0.2317 -0.0009 0.0048  -0.0068 89  PHE A CG  
543 C CD1 . PHE A 74  ? 0.2400 0.2367 0.2197 -0.0027 0.0061  -0.0073 89  PHE A CD1 
544 C CD2 . PHE A 74  ? 0.2613 0.2595 0.2407 0.0014  0.0042  -0.0047 89  PHE A CD2 
545 C CE1 . PHE A 74  ? 0.2666 0.2652 0.2446 -0.0020 0.0066  -0.0063 89  PHE A CE1 
546 C CE2 . PHE A 74  ? 0.2747 0.2764 0.2513 0.0020  0.0052  -0.0035 89  PHE A CE2 
547 C CZ  . PHE A 74  ? 0.2779 0.2797 0.2542 0.0005  0.0063  -0.0049 89  PHE A CZ  
548 N N   . LYS A 75  ? 0.2519 0.2387 0.2416 -0.0009 0.0005  -0.0018 90  LYS A N   
549 C CA  . LYS A 75  ? 0.2431 0.2274 0.2349 -0.0018 0.0000  0.0041  90  LYS A CA  
550 C C   . LYS A 75  ? 0.2671 0.2487 0.2629 -0.0037 -0.0002 0.0039  90  LYS A C   
551 O O   . LYS A 75  ? 0.2844 0.2663 0.2809 -0.0053 0.0011  0.0076  90  LYS A O   
552 C CB  . LYS A 75  ? 0.3043 0.2854 0.2992 -0.0001 -0.0035 0.0064  90  LYS A CB  
553 C CG  . LYS A 75  ? 0.3223 0.3012 0.3197 -0.0017 -0.0040 0.0139  90  LYS A CG  
554 C CD  . LYS A 75  ? 0.3210 0.2964 0.3204 -0.0001 -0.0077 0.0173  90  LYS A CD  
555 C CE  . LYS A 75  ? 0.3497 0.3237 0.3515 -0.0025 -0.0080 0.0267  90  LYS A CE  
556 N NZ  . LYS A 75  ? 0.3706 0.3403 0.3797 -0.0053 -0.0091 0.0282  90  LYS A NZ  
557 N N   . LEU A 76  ? 0.2653 0.2459 0.2635 -0.0034 -0.0016 -0.0013 91  LEU A N   
558 C CA  . LEU A 76  ? 0.2523 0.2310 0.2542 -0.0046 -0.0023 -0.0027 91  LEU A CA  
559 C C   . LEU A 76  ? 0.2769 0.2577 0.2747 -0.0063 0.0007  -0.0018 91  LEU A C   
560 O O   . LEU A 76  ? 0.2864 0.2660 0.2865 -0.0076 0.0009  0.0002  91  LEU A O   
561 C CB  . LEU A 76  ? 0.2936 0.2730 0.2975 -0.0030 -0.0044 -0.0092 91  LEU A CB  
562 C CG  . LEU A 76  ? 0.2948 0.2737 0.3013 -0.0034 -0.0052 -0.0118 91  LEU A CG  
563 C CD1 . LEU A 76  ? 0.3001 0.2739 0.3146 -0.0041 -0.0082 -0.0092 91  LEU A CD1 
564 C CD2 . LEU A 76  ? 0.3213 0.3037 0.3289 -0.0014 -0.0070 -0.0190 91  LEU A CD2 
565 N N   . MET A 77  ? 0.2614 0.2452 0.2539 -0.0062 0.0027  -0.0039 92  MET A N   
566 C CA  . MET A 77  ? 0.2842 0.2692 0.2737 -0.0075 0.0045  -0.0035 92  MET A CA  
567 C C   . MET A 77  ? 0.2376 0.2237 0.2272 -0.0079 0.0057  0.0006  92  MET A C   
568 O O   . MET A 77  ? 0.2522 0.2384 0.2428 -0.0089 0.0061  0.0012  92  MET A O   
569 C CB  . MET A 77  ? 0.3303 0.3178 0.3153 -0.0076 0.0056  -0.0055 92  MET A CB  
570 C CG  . MET A 77  ? 0.3269 0.3143 0.3093 -0.0088 0.0063  -0.0057 92  MET A CG  
571 S SD  . MET A 77  ? 0.3780 0.3676 0.3574 -0.0093 0.0069  -0.0072 92  MET A SD  
572 C CE  . MET A 77  ? 0.2014 0.1928 0.1817 -0.0086 0.0069  -0.0090 92  MET A CE  
573 N N   . CYS A 78  ? 0.2513 0.2392 0.2398 -0.0070 0.0061  0.0031  93  CYS A N   
574 C CA  . CYS A 78  ? 0.2834 0.2750 0.2712 -0.0071 0.0076  0.0070  93  CYS A CA  
575 C C   . CYS A 78  ? 0.2620 0.2525 0.2552 -0.0089 0.0073  0.0115  93  CYS A C   
576 O O   . CYS A 78  ? 0.2629 0.2565 0.2569 -0.0099 0.0088  0.0130  93  CYS A O   
577 C CB  . CYS A 78  ? 0.2500 0.2449 0.2346 -0.0053 0.0079  0.0085  93  CYS A CB  
578 S SG  . CYS A 78  ? 0.2868 0.2842 0.2673 -0.0036 0.0081  0.0033  93  CYS A SG  
579 N N   . ASP A 79  ? 0.2625 0.2484 0.2596 -0.0089 0.0050  0.0124  94  ASP A N   
580 C CA  . ASP A 79  ? 0.2724 0.2560 0.2763 -0.0109 0.0038  0.0167  94  ASP A CA  
581 C C   . ASP A 79  ? 0.2830 0.2657 0.2903 -0.0123 0.0038  0.0140  94  ASP A C   
582 O O   . ASP A 79  ? 0.2895 0.2740 0.3011 -0.0143 0.0047  0.0174  94  ASP A O   
583 C CB  . ASP A 79  ? 0.2785 0.2563 0.2874 -0.0105 0.0000  0.0174  94  ASP A CB  
584 C CG  . ASP A 79  ? 0.3358 0.3141 0.3425 -0.0095 -0.0005 0.0222  94  ASP A CG  
585 O OD1 . ASP A 79  ? 0.3494 0.3334 0.3511 -0.0096 0.0023  0.0258  94  ASP A OD1 
586 O OD2 . ASP A 79  ? 0.3675 0.3411 0.3773 -0.0081 -0.0041 0.0213  94  ASP A OD2 
587 N N   . ASN A 80  ? 0.2461 0.2269 0.2520 -0.0111 0.0029  0.0081  95  ASN A N   
588 C CA  . ASN A 80  ? 0.2692 0.2493 0.2774 -0.0119 0.0024  0.0054  95  ASN A CA  
589 C C   . ASN A 80  ? 0.2621 0.2466 0.2683 -0.0127 0.0049  0.0067  95  ASN A C   
590 O O   . ASN A 80  ? 0.2625 0.2476 0.2733 -0.0140 0.0047  0.0068  95  ASN A O   
591 C CB  . ASN A 80  ? 0.2871 0.2663 0.2919 -0.0105 0.0014  -0.0004 95  ASN A CB  
592 C CG  . ASN A 80  ? 0.2823 0.2590 0.2903 -0.0092 -0.0015 -0.0035 95  ASN A CG  
593 O OD1 . ASN A 80  ? 0.2943 0.2680 0.3097 -0.0093 -0.0041 -0.0022 95  ASN A OD1 
594 N ND2 . ASN A 80  ? 0.2894 0.2678 0.2934 -0.0078 -0.0016 -0.0080 95  ASN A ND2 
595 N N   . ALA A 81  ? 0.2505 0.2381 0.2503 -0.0117 0.0067  0.0060  96  ALA A N   
596 C CA  . ALA A 81  ? 0.2412 0.2335 0.2396 -0.0117 0.0084  0.0060  96  ALA A CA  
597 C C   . ALA A 81  ? 0.2583 0.2560 0.2602 -0.0129 0.0102  0.0106  96  ALA A C   
598 O O   . ALA A 81  ? 0.2727 0.2745 0.2769 -0.0135 0.0110  0.0100  96  ALA A O   
599 C CB  . ALA A 81  ? 0.2524 0.2469 0.2448 -0.0100 0.0090  0.0039  96  ALA A CB  
600 N N   . MET A 82  ? 0.2554 0.2535 0.2578 -0.0134 0.0105  0.0151  97  MET A N   
601 C CA  . MET A 82  ? 0.2914 0.2957 0.2969 -0.0153 0.0126  0.0214  97  MET A CA  
602 C C   . MET A 82  ? 0.2858 0.2878 0.2999 -0.0182 0.0115  0.0237  97  MET A C   
603 O O   . MET A 82  ? 0.4180 0.4264 0.4359 -0.0205 0.0136  0.0283  97  MET A O   
604 C CB  . MET A 82  ? 0.2895 0.2954 0.2917 -0.0147 0.0129  0.0260  97  MET A CB  
605 C CG  . MET A 82  ? 0.2977 0.3085 0.2924 -0.0117 0.0141  0.0232  97  MET A CG  
606 S SD  . MET A 82  ? 0.3425 0.3566 0.3326 -0.0103 0.0143  0.0285  97  MET A SD  
607 C CE  . MET A 82  ? 0.4298 0.4569 0.4180 -0.0101 0.0178  0.0291  97  MET A CE  
608 N N   . THR A 83  ? 0.2801 0.2740 0.2984 -0.0183 0.0085  0.0209  98  THR A N   
609 C CA  . THR A 83  ? 0.2800 0.2716 0.3082 -0.0209 0.0068  0.0221  98  THR A CA  
610 C C   . THR A 83  ? 0.2967 0.2907 0.3257 -0.0205 0.0072  0.0173  98  THR A C   
611 O O   . THR A 83  ? 0.3263 0.3237 0.3627 -0.0229 0.0077  0.0190  98  THR A O   
612 C CB  . THR A 83  ? 0.3007 0.2835 0.3318 -0.0198 0.0026  0.0192  98  THR A CB  
613 O OG1 . THR A 83  ? 0.3712 0.3515 0.4028 -0.0199 0.0014  0.0240  98  THR A OG1 
614 C CG2 . THR A 83  ? 0.2991 0.2780 0.3417 -0.0214 -0.0007 0.0181  98  THR A CG2 
615 N N   . TYR A 84  ? 0.3002 0.2920 0.3234 -0.0179 0.0064  0.0112  99  TYR A N   
616 C CA  . TYR A 84  ? 0.2709 0.2636 0.2954 -0.0175 0.0055  0.0067  99  TYR A CA  
617 C C   . TYR A 84  ? 0.2642 0.2648 0.2878 -0.0175 0.0082  0.0071  99  TYR A C   
618 O O   . TYR A 84  ? 0.3074 0.3112 0.3365 -0.0182 0.0080  0.0054  99  TYR A O   
619 C CB  . TYR A 84  ? 0.2791 0.2676 0.2970 -0.0150 0.0039  0.0016  99  TYR A CB  
620 C CG  . TYR A 84  ? 0.2478 0.2360 0.2666 -0.0141 0.0022  -0.0027 99  TYR A CG  
621 C CD1 . TYR A 84  ? 0.2408 0.2268 0.2660 -0.0144 -0.0005 -0.0051 99  TYR A CD1 
622 C CD2 . TYR A 84  ? 0.2274 0.2176 0.2411 -0.0129 0.0026  -0.0046 99  TYR A CD2 
623 C CE1 . TYR A 84  ? 0.2506 0.2365 0.2758 -0.0132 -0.0023 -0.0091 99  TYR A CE1 
624 C CE2 . TYR A 84  ? 0.2207 0.2109 0.2351 -0.0119 0.0007  -0.0081 99  TYR A CE2 
625 C CZ  . TYR A 84  ? 0.2338 0.2219 0.2535 -0.0119 -0.0017 -0.0103 99  TYR A CZ  
626 O OH  . TYR A 84  ? 0.2733 0.2610 0.2931 -0.0106 -0.0041 -0.0140 99  TYR A OH  
627 N N   . ASN A 85  ? 0.2785 0.2839 0.2963 -0.0164 0.0104  0.0081  100 ASN A N   
628 C CA  . ASN A 85  ? 0.2891 0.3029 0.3056 -0.0154 0.0122  0.0069  100 ASN A CA  
629 C C   . ASN A 85  ? 0.3516 0.3743 0.3712 -0.0176 0.0155  0.0128  100 ASN A C   
630 O O   . ASN A 85  ? 0.3643 0.3858 0.3831 -0.0188 0.0163  0.0181  100 ASN A O   
631 C CB  . ASN A 85  ? 0.3180 0.3319 0.3265 -0.0124 0.0120  0.0039  100 ASN A CB  
632 C CG  . ASN A 85  ? 0.3074 0.3129 0.3126 -0.0112 0.0090  -0.0005 100 ASN A CG  
633 O OD1 . ASN A 85  ? 0.3072 0.3116 0.3132 -0.0102 0.0070  -0.0042 100 ASN A OD1 
634 N ND2 . ASN A 85  ? 0.2965 0.2966 0.2978 -0.0110 0.0085  0.0003  100 ASN A ND2 
635 N N   . ARG A 86  ? 0.3826 0.4150 0.4052 -0.0175 0.0172  0.0114  101 ARG A N   
636 C CA  . ARG A 86  ? 0.4057 0.4503 0.4307 -0.0196 0.0211  0.0172  101 ARG A CA  
637 C C   . ARG A 86  ? 0.4091 0.4603 0.4262 -0.0172 0.0229  0.0180  101 ARG A C   
638 O O   . ARG A 86  ? 0.3273 0.3765 0.3387 -0.0134 0.0213  0.0121  101 ARG A O   
639 C CB  . ARG A 86  ? 0.4806 0.5361 0.5112 -0.0198 0.0225  0.0142  101 ARG A CB  
640 C CG  . ARG A 86  ? 0.5614 0.6133 0.6014 -0.0224 0.0210  0.0134  101 ARG A CG  
641 C CD  . ARG A 86  ? 0.6157 0.6578 0.6609 -0.0259 0.0195  0.0187  101 ARG A CD  
642 N NE  . ARG A 86  ? 0.6656 0.7098 0.7119 -0.0291 0.0216  0.0278  101 ARG A NE  
643 C CZ  . ARG A 86  ? 0.7418 0.7980 0.7915 -0.0323 0.0255  0.0343  101 ARG A CZ  
644 N NH1 . ARG A 86  ? 0.8125 0.8820 0.8648 -0.0322 0.0282  0.0318  101 ARG A NH1 
645 N NH2 . ARG A 86  ? 0.7085 0.7646 0.7586 -0.0354 0.0265  0.0434  101 ARG A NH2 
646 N N   . PRO A 87  ? 0.3690 0.4288 0.3856 -0.0190 0.0261  0.0253  102 PRO A N   
647 C CA  . PRO A 87  ? 0.3268 0.3940 0.3357 -0.0162 0.0275  0.0258  102 PRO A CA  
648 C C   . PRO A 87  ? 0.3053 0.3840 0.3114 -0.0120 0.0282  0.0183  102 PRO A C   
649 O O   . PRO A 87  ? 0.3605 0.4425 0.3597 -0.0083 0.0278  0.0157  102 PRO A O   
650 C CB  . PRO A 87  ? 0.3639 0.4392 0.3739 -0.0199 0.0308  0.0364  102 PRO A CB  
651 C CG  . PRO A 87  ? 0.3418 0.4079 0.3604 -0.0246 0.0295  0.0411  102 PRO A CG  
652 C CD  . PRO A 87  ? 0.3850 0.4511 0.4089 -0.0239 0.0286  0.0332  102 PRO A CD  
653 N N   . ASP A 88  ? 0.3613 0.4466 0.3728 -0.0120 0.0286  0.0142  103 ASP A N   
654 C CA  . ASP A 88  ? 0.4378 0.5327 0.4473 -0.0073 0.0279  0.0057  103 ASP A CA  
655 C C   . ASP A 88  ? 0.4957 0.5799 0.5037 -0.0036 0.0230  -0.0027 103 ASP A C   
656 O O   . ASP A 88  ? 0.5590 0.6496 0.5661 0.0008  0.0213  -0.0103 103 ASP A O   
657 C CB  . ASP A 88  ? 0.5320 0.6429 0.5475 -0.0077 0.0305  0.0041  103 ASP A CB  
658 C CG  . ASP A 88  ? 0.5493 0.6540 0.5729 -0.0101 0.0290  0.0022  103 ASP A CG  
659 O OD1 . ASP A 88  ? 0.6492 0.7370 0.6728 -0.0108 0.0256  0.0016  103 ASP A OD1 
660 O OD2 . ASP A 88  ? 0.5987 0.7163 0.6283 -0.0111 0.0312  0.0011  103 ASP A OD2 
661 N N   . THR A 89  ? 0.3986 0.4668 0.4056 -0.0052 0.0206  -0.0014 104 THR A N   
662 C CA  . THR A 89  ? 0.3545 0.4124 0.3604 -0.0027 0.0161  -0.0080 104 THR A CA  
663 C C   . THR A 89  ? 0.3577 0.4115 0.3573 -0.0002 0.0146  -0.0094 104 THR A C   
664 O O   . THR A 89  ? 0.3363 0.3912 0.3323 -0.0009 0.0167  -0.0047 104 THR A O   
665 C CB  . THR A 89  ? 0.3445 0.3885 0.3520 -0.0054 0.0143  -0.0060 104 THR A CB  
666 O OG1 . THR A 89  ? 0.3615 0.3996 0.3664 -0.0076 0.0155  -0.0003 104 THR A OG1 
667 C CG2 . THR A 89  ? 0.3974 0.4442 0.4125 -0.0078 0.0151  -0.0053 104 THR A CG2 
668 N N   . VAL A 90  ? 0.3467 0.3957 0.3461 0.0025  0.0106  -0.0158 105 VAL A N   
669 C CA  . VAL A 90  ? 0.3678 0.4115 0.3633 0.0044  0.0083  -0.0179 105 VAL A CA  
670 C C   . VAL A 90  ? 0.3530 0.3865 0.3453 0.0016  0.0091  -0.0126 105 VAL A C   
671 O O   . VAL A 90  ? 0.3187 0.3517 0.3074 0.0023  0.0093  -0.0117 105 VAL A O   
672 C CB  . VAL A 90  ? 0.4164 0.4538 0.4137 0.0065  0.0032  -0.0241 105 VAL A CB  
673 C CG1 . VAL A 90  ? 0.4870 0.5167 0.4817 0.0072  0.0005  -0.0251 105 VAL A CG1 
674 C CG2 . VAL A 90  ? 0.4722 0.5205 0.4732 0.0106  0.0015  -0.0307 105 VAL A CG2 
675 N N   . TYR A 91  ? 0.3154 0.3415 0.3093 -0.0014 0.0091  -0.0100 106 TYR A N   
676 C CA  . TYR A 91  ? 0.2984 0.3155 0.2899 -0.0036 0.0092  -0.0065 106 TYR A CA  
677 C C   . TYR A 91  ? 0.2923 0.3120 0.2830 -0.0048 0.0119  -0.0013 106 TYR A C   
678 O O   . TYR A 91  ? 0.2888 0.3053 0.2764 -0.0046 0.0118  -0.0001 106 TYR A O   
679 C CB  . TYR A 91  ? 0.2913 0.3006 0.2849 -0.0056 0.0077  -0.0065 106 TYR A CB  
680 C CG  . TYR A 91  ? 0.3407 0.3472 0.3352 -0.0044 0.0045  -0.0109 106 TYR A CG  
681 C CD1 . TYR A 91  ? 0.3435 0.3453 0.3353 -0.0033 0.0017  -0.0132 106 TYR A CD1 
682 C CD2 . TYR A 91  ? 0.3208 0.3292 0.3195 -0.0042 0.0037  -0.0125 106 TYR A CD2 
683 C CE1 . TYR A 91  ? 0.4064 0.4044 0.3992 -0.0023 -0.0020 -0.0164 106 TYR A CE1 
684 C CE2 . TYR A 91  ? 0.3726 0.3777 0.3718 -0.0027 -0.0001 -0.0165 106 TYR A CE2 
685 C CZ  . TYR A 91  ? 0.3894 0.3891 0.3856 -0.0018 -0.0029 -0.0180 106 TYR A CZ  
686 O OH  . TYR A 91  ? 0.4653 0.4606 0.4623 -0.0004 -0.0075 -0.0212 106 TYR A OH  
687 N N   . TYR A 92  ? 0.2894 0.3153 0.2833 -0.0062 0.0141  0.0021  107 TYR A N   
688 C CA  . TYR A 92  ? 0.2969 0.3254 0.2901 -0.0075 0.0162  0.0081  107 TYR A CA  
689 C C   . TYR A 92  ? 0.2590 0.2946 0.2470 -0.0046 0.0171  0.0078  107 TYR A C   
690 O O   . TYR A 92  ? 0.2808 0.3140 0.2657 -0.0045 0.0170  0.0109  107 TYR A O   
691 C CB  . TYR A 92  ? 0.2884 0.3246 0.2867 -0.0099 0.0187  0.0123  107 TYR A CB  
692 C CG  . TYR A 92  ? 0.3246 0.3640 0.3231 -0.0121 0.0208  0.0204  107 TYR A CG  
693 C CD1 . TYR A 92  ? 0.3331 0.3823 0.3266 -0.0103 0.0227  0.0227  107 TYR A CD1 
694 C CD2 . TYR A 92  ? 0.3274 0.3596 0.3312 -0.0155 0.0200  0.0254  107 TYR A CD2 
695 C CE1 . TYR A 92  ? 0.3580 0.4098 0.3512 -0.0124 0.0242  0.0311  107 TYR A CE1 
696 C CE2 . TYR A 92  ? 0.3595 0.3938 0.3646 -0.0178 0.0211  0.0337  107 TYR A CE2 
697 C CZ  . TYR A 92  ? 0.3594 0.4025 0.3583 -0.0162 0.0231  0.0365  107 TYR A CZ  
698 O OH  . TYR A 92  ? 0.4133 0.4580 0.4125 -0.0186 0.0238  0.0457  107 TYR A OH  
699 N N   . LYS A 93  ? 0.2806 0.3256 0.2679 -0.0020 0.0174  0.0036  108 LYS A N   
700 C CA  . LYS A 93  ? 0.3178 0.3714 0.3006 0.0014  0.0178  0.0023  108 LYS A CA  
701 C C   . LYS A 93  ? 0.3031 0.3489 0.2828 0.0031  0.0151  -0.0008 108 LYS A C   
702 O O   . LYS A 93  ? 0.3202 0.3684 0.2960 0.0045  0.0155  0.0011  108 LYS A O   
703 C CB  . LYS A 93  ? 0.3241 0.3893 0.3075 0.0048  0.0176  -0.0036 108 LYS A CB  
704 C CG  . LYS A 93  ? 0.3758 0.4528 0.3622 0.0033  0.0209  -0.0007 108 LYS A CG  
705 C CD  . LYS A 93  ? 0.4248 0.5139 0.4123 0.0076  0.0202  -0.0084 108 LYS A CD  
706 C CE  . LYS A 93  ? 0.4432 0.5481 0.4326 0.0061  0.0246  -0.0045 108 LYS A CE  
707 N NZ  . LYS A 93  ? 0.5457 0.6590 0.5395 0.0092  0.0231  -0.0131 108 LYS A NZ  
708 N N   . LEU A 94  ? 0.3068 0.3434 0.2882 0.0027  0.0125  -0.0047 109 LEU A N   
709 C CA  . LEU A 94  ? 0.2895 0.3195 0.2690 0.0036  0.0102  -0.0073 109 LEU A CA  
710 C C   . LEU A 94  ? 0.2678 0.2919 0.2457 0.0014  0.0112  -0.0024 109 LEU A C   
711 O O   . LEU A 94  ? 0.2736 0.2974 0.2493 0.0026  0.0106  -0.0026 109 LEU A O   
712 C CB  . LEU A 94  ? 0.3068 0.3285 0.2886 0.0027  0.0075  -0.0110 109 LEU A CB  
713 C CG  . LEU A 94  ? 0.2809 0.2967 0.2617 0.0027  0.0053  -0.0129 109 LEU A CG  
714 C CD1 . LEU A 94  ? 0.3339 0.3559 0.3143 0.0063  0.0039  -0.0169 109 LEU A CD1 
715 C CD2 . LEU A 94  ? 0.2978 0.3065 0.2807 0.0014  0.0027  -0.0151 109 LEU A CD2 
716 N N   . ALA A 95  ? 0.2563 0.2751 0.2366 -0.0016 0.0119  0.0010  110 ALA A N   
717 C CA  . ALA A 95  ? 0.2537 0.2665 0.2341 -0.0032 0.0119  0.0045  110 ALA A CA  
718 C C   . ALA A 95  ? 0.2732 0.2909 0.2513 -0.0021 0.0128  0.0085  110 ALA A C   
719 O O   . ALA A 95  ? 0.2657 0.2808 0.2420 -0.0012 0.0118  0.0089  110 ALA A O   
720 C CB  . ALA A 95  ? 0.2766 0.2849 0.2611 -0.0059 0.0120  0.0069  110 ALA A CB  
721 N N   . LYS A 96  ? 0.2663 0.2921 0.2443 -0.0020 0.0148  0.0120  111 LYS A N   
722 C CA  . LYS A 96  ? 0.3124 0.3429 0.2875 -0.0014 0.0156  0.0173  111 LYS A CA  
723 C C   . LYS A 96  ? 0.2906 0.3254 0.2610 0.0025  0.0147  0.0138  111 LYS A C   
724 O O   . LYS A 96  ? 0.3091 0.3427 0.2770 0.0035  0.0137  0.0162  111 LYS A O   
725 C CB  . LYS A 96  ? 0.3526 0.3936 0.3284 -0.0024 0.0184  0.0217  111 LYS A CB  
726 C CG  . LYS A 96  ? 0.3589 0.4068 0.3311 -0.0020 0.0196  0.0289  111 LYS A CG  
727 C CD  . LYS A 96  ? 0.3968 0.4557 0.3706 -0.0043 0.0230  0.0345  111 LYS A CD  
728 C CE  . LYS A 96  ? 0.4988 0.5675 0.4676 -0.0038 0.0246  0.0423  111 LYS A CE  
729 N NZ  . LYS A 96  ? 0.5714 0.6550 0.5410 -0.0057 0.0286  0.0467  111 LYS A NZ  
730 N N   . LYS A 97  ? 0.2814 0.3215 0.2510 0.0048  0.0145  0.0079  112 LYS A N   
731 C CA  . LYS A 97  ? 0.3203 0.3646 0.2868 0.0088  0.0128  0.0030  112 LYS A CA  
732 C C   . LYS A 97  ? 0.2888 0.3243 0.2557 0.0088  0.0106  0.0007  112 LYS A C   
733 O O   . LYS A 97  ? 0.2957 0.3329 0.2601 0.0110  0.0096  0.0006  112 LYS A O   
734 C CB  . LYS A 97  ? 0.3438 0.3940 0.3117 0.0114  0.0118  -0.0041 112 LYS A CB  
735 C CG  . LYS A 97  ? 0.4123 0.4665 0.3786 0.0157  0.0092  -0.0104 112 LYS A CG  
736 C CD  . LYS A 97  ? 0.4467 0.5065 0.4160 0.0185  0.0073  -0.0178 112 LYS A CD  
737 C CE  . LYS A 97  ? 0.5452 0.6163 0.5119 0.0240  0.0058  -0.0227 112 LYS A CE  
738 N NZ  . LYS A 97  ? 0.6297 0.7004 0.6013 0.0270  0.0015  -0.0318 112 LYS A NZ  
739 N N   . ILE A 98  ? 0.2876 0.3147 0.2577 0.0064  0.0097  -0.0017 113 ILE A N   
740 C CA  . ILE A 98  ? 0.2735 0.2946 0.2443 0.0063  0.0080  -0.0042 113 ILE A CA  
741 C C   . ILE A 98  ? 0.2598 0.2765 0.2304 0.0052  0.0080  -0.0003 113 ILE A C   
742 O O   . ILE A 98  ? 0.2609 0.2763 0.2312 0.0064  0.0067  -0.0022 113 ILE A O   
743 C CB  . ILE A 98  ? 0.2878 0.3023 0.2617 0.0040  0.0070  -0.0075 113 ILE A CB  
744 C CG1 . ILE A 98  ? 0.2971 0.3062 0.2726 0.0007  0.0080  -0.0044 113 ILE A CG1 
745 C CG2 . ILE A 98  ? 0.3159 0.3335 0.2912 0.0052  0.0058  -0.0116 113 ILE A CG2 
746 C CD1 . ILE A 98  ? 0.3010 0.3043 0.2781 -0.0015 0.0070  -0.0069 113 ILE A CD1 
747 N N   . LEU A 99  ? 0.2685 0.2834 0.2402 0.0032  0.0091  0.0049  114 LEU A N   
748 C CA  . LEU A 99  ? 0.2445 0.2555 0.2168 0.0029  0.0081  0.0087  114 LEU A CA  
749 C C   . LEU A 99  ? 0.2774 0.2926 0.2459 0.0060  0.0072  0.0100  114 LEU A C   
750 O O   . LEU A 99  ? 0.2951 0.3077 0.2637 0.0073  0.0052  0.0086  114 LEU A O   
751 C CB  . LEU A 99  ? 0.2623 0.2705 0.2375 0.0002  0.0088  0.0144  114 LEU A CB  
752 C CG  . LEU A 99  ? 0.2755 0.2779 0.2532 0.0000  0.0063  0.0178  114 LEU A CG  
753 C CD1 . LEU A 99  ? 0.3319 0.3284 0.3120 0.0004  0.0042  0.0126  114 LEU A CD1 
754 C CD2 . LEU A 99  ? 0.3409 0.3400 0.3234 -0.0031 0.0064  0.0231  114 LEU A CD2 
755 N N   . HIS A 100 ? 0.2877 0.3109 0.2532 0.0071  0.0086  0.0129  115 HIS A N   
756 C CA  . HIS A 100 ? 0.3364 0.3652 0.2971 0.0105  0.0076  0.0148  115 HIS A CA  
757 C C   . HIS A 100 ? 0.3001 0.3306 0.2596 0.0140  0.0058  0.0076  115 HIS A C   
758 O O   . HIS A 100 ? 0.3131 0.3424 0.2716 0.0161  0.0035  0.0068  115 HIS A O   
759 C CB  . HIS A 100 ? 0.3488 0.3879 0.3059 0.0109  0.0100  0.0197  115 HIS A CB  
760 C CG  . HIS A 100 ? 0.5024 0.5492 0.4536 0.0145  0.0092  0.0222  115 HIS A CG  
761 N ND1 . HIS A 100 ? 0.4332 0.4883 0.3809 0.0190  0.0085  0.0158  115 HIS A ND1 
762 C CD2 . HIS A 100 ? 0.5407 0.5875 0.4891 0.0146  0.0082  0.0299  115 HIS A CD2 
763 C CE1 . HIS A 100 ? 0.5169 0.5782 0.4590 0.0220  0.0076  0.0194  115 HIS A CE1 
764 N NE2 . HIS A 100 ? 0.5906 0.6465 0.5326 0.0193  0.0074  0.0284  115 HIS A NE2 
765 N N   . ALA A 101 ? 0.3001 0.3331 0.2609 0.0143  0.0061  0.0017  116 ALA A N   
766 C CA  . ALA A 101 ? 0.3154 0.3504 0.2767 0.0172  0.0040  -0.0054 116 ALA A CA  
767 C C   . ALA A 101 ? 0.2604 0.2877 0.2252 0.0157  0.0025  -0.0077 116 ALA A C   
768 O O   . ALA A 101 ? 0.3296 0.3583 0.2946 0.0182  0.0005  -0.0114 116 ALA A O   
769 C CB  . ALA A 101 ? 0.3474 0.3859 0.3107 0.0181  0.0036  -0.0113 116 ALA A CB  
770 N N   . GLY A 102 ? 0.2773 0.2977 0.2451 0.0119  0.0036  -0.0061 117 GLY A N   
771 C CA  . GLY A 102 ? 0.2947 0.3103 0.2656 0.0106  0.0026  -0.0092 117 GLY A CA  
772 C C   . GLY A 102 ? 0.2898 0.3037 0.2604 0.0120  0.0011  -0.0072 117 GLY A C   
773 O O   . GLY A 102 ? 0.2963 0.3101 0.2689 0.0131  -0.0005 -0.0109 117 GLY A O   
774 N N   . PHE A 103 ? 0.2770 0.2895 0.2460 0.0120  0.0010  -0.0012 118 PHE A N   
775 C CA  . PHE A 103 ? 0.2790 0.2890 0.2483 0.0139  -0.0015 0.0006  118 PHE A CA  
776 C C   . PHE A 103 ? 0.2868 0.3020 0.2528 0.0180  -0.0035 -0.0009 118 PHE A C   
777 O O   . PHE A 103 ? 0.3188 0.3327 0.2862 0.0202  -0.0062 -0.0034 118 PHE A O   
778 C CB  . PHE A 103 ? 0.3002 0.3067 0.2695 0.0126  -0.0020 0.0085  118 PHE A CB  
779 C CG  . PHE A 103 ? 0.2948 0.2939 0.2698 0.0100  -0.0029 0.0081  118 PHE A CG  
780 C CD1 . PHE A 103 ? 0.3419 0.3399 0.3194 0.0074  -0.0010 0.0050  118 PHE A CD1 
781 C CD2 . PHE A 103 ? 0.2987 0.2928 0.2771 0.0108  -0.0063 0.0099  118 PHE A CD2 
782 C CE1 . PHE A 103 ? 0.3340 0.3268 0.3161 0.0058  -0.0019 0.0030  118 PHE A CE1 
783 C CE2 . PHE A 103 ? 0.3305 0.3190 0.3146 0.0093  -0.0077 0.0081  118 PHE A CE2 
784 C CZ  . PHE A 103 ? 0.3139 0.3024 0.2999 0.0069  -0.0054 0.0047  118 PHE A CZ  
785 N N   . LYS A 104 ? 0.2877 0.3096 0.2494 0.0196  -0.0022 0.0000  119 LYS A N   
786 C CA  . LYS A 104 ? 0.3149 0.3435 0.2729 0.0243  -0.0042 -0.0026 119 LYS A CA  
787 C C   . LYS A 104 ? 0.3290 0.3576 0.2912 0.0254  -0.0058 -0.0110 119 LYS A C   
788 O O   . LYS A 104 ? 0.3518 0.3819 0.3138 0.0286  -0.0085 -0.0133 119 LYS A O   
789 C CB  . LYS A 104 ? 0.3063 0.3436 0.2598 0.0259  -0.0026 -0.0020 119 LYS A CB  
790 C CG  . LYS A 104 ? 0.3964 0.4424 0.3451 0.0315  -0.0048 -0.0043 119 LYS A CG  
791 C CD  . LYS A 104 ? 0.4765 0.5336 0.4209 0.0336  -0.0031 -0.0041 119 LYS A CD  
792 C CE  . LYS A 104 ? 0.5623 0.6288 0.5024 0.0398  -0.0059 -0.0084 119 LYS A CE  
793 N NZ  . LYS A 104 ? 0.7113 0.7912 0.6463 0.0432  -0.0048 -0.0094 119 LYS A NZ  
794 N N   . MET A 105 ? 0.3105 0.3374 0.2767 0.0223  -0.0042 -0.0148 120 MET A N   
795 C CA  . MET A 105 ? 0.3387 0.3661 0.3099 0.0224  -0.0055 -0.0218 120 MET A CA  
796 C C   . MET A 105 ? 0.3507 0.3743 0.3254 0.0215  -0.0066 -0.0231 120 MET A C   
797 O O   . MET A 105 ? 0.3622 0.3885 0.3398 0.0235  -0.0086 -0.0282 120 MET A O   
798 C CB  . MET A 105 ? 0.3564 0.3819 0.3311 0.0186  -0.0037 -0.0238 120 MET A CB  
799 C CG  . MET A 105 ? 0.3516 0.3781 0.3322 0.0177  -0.0050 -0.0301 120 MET A CG  
800 S SD  . MET A 105 ? 0.4541 0.4760 0.4386 0.0130  -0.0033 -0.0295 120 MET A SD  
801 C CE  . MET A 105 ? 0.3719 0.3883 0.3549 0.0085  -0.0004 -0.0248 120 MET A CE  
802 N N   . MET A 106 ? 0.2937 0.3121 0.2689 0.0191  -0.0056 -0.0194 121 MET A N   
803 C CA  . MET A 106 ? 0.3700 0.3859 0.3494 0.0184  -0.0066 -0.0217 121 MET A CA  
804 C C   . MET A 106 ? 0.4284 0.4439 0.4071 0.0224  -0.0101 -0.0209 121 MET A C   
805 O O   . MET A 106 ? 0.4636 0.4782 0.4462 0.0229  -0.0118 -0.0243 121 MET A O   
806 C CB  . MET A 106 ? 0.3126 0.3238 0.2937 0.0147  -0.0048 -0.0194 121 MET A CB  
807 C CG  . MET A 106 ? 0.2783 0.2903 0.2605 0.0111  -0.0020 -0.0209 121 MET A CG  
808 S SD  . MET A 106 ? 0.3279 0.3362 0.3120 0.0075  -0.0004 -0.0198 121 MET A SD  
809 C CE  . MET A 106 ? 0.3131 0.3171 0.2940 0.0072  0.0001  -0.0130 121 MET A CE  
810 N N   . SER A 107 ? 0.4015 0.4176 0.3749 0.0250  -0.0113 -0.0161 122 SER A N   
811 C CA  . SER A 107 ? 0.4883 0.5025 0.4606 0.0284  -0.0152 -0.0141 122 SER A CA  
812 C C   . SER A 107 ? 0.5953 0.6141 0.5693 0.0323  -0.0181 -0.0207 122 SER A C   
813 O O   . SER A 107 ? 0.5100 0.5340 0.4849 0.0326  -0.0169 -0.0261 122 SER A O   
814 C CB  . SER A 107 ? 0.5318 0.5459 0.4980 0.0296  -0.0157 -0.0057 122 SER A CB  
815 O OG  . SER A 107 ? 0.5451 0.5668 0.5063 0.0318  -0.0147 -0.0066 122 SER A OG  
816 N N   . LYS A 108 ? 0.5978 0.6139 0.5736 0.0350  -0.0221 -0.0211 123 LYS A N   
817 C CA  . LYS A 108 ? 0.6840 0.7042 0.6607 0.0397  -0.0258 -0.0266 123 LYS A CA  
818 C C   . LYS A 108 ? 0.7837 0.8087 0.7532 0.0436  -0.0270 -0.0241 123 LYS A C   
819 O O   . LYS A 108 ? 0.8111 0.8343 0.7742 0.0442  -0.0274 -0.0157 123 LYS A O   
820 C CB  . LYS A 108 ? 0.7410 0.7568 0.7215 0.0422  -0.0305 -0.0277 123 LYS A CB  
821 C CG  . LYS A 108 ? 0.7305 0.7467 0.7193 0.0396  -0.0294 -0.0344 123 LYS A CG  
822 C CD  . LYS A 108 ? 0.8603 0.8753 0.8547 0.0433  -0.0346 -0.0392 123 LYS A CD  
823 C CE  . LYS A 108 ? 0.8519 0.8715 0.8542 0.0411  -0.0326 -0.0474 123 LYS A CE  
824 N NZ  . LYS A 108 ? 0.8558 0.8735 0.8582 0.0359  -0.0282 -0.0449 123 LYS A NZ  
825 O OXT . LYS A 108 ? 0.7963 0.8277 0.7662 0.0460  -0.0275 -0.0303 123 LYS A OXT 
# 
loop_
_pdbx_poly_seq_scheme.asym_id 
_pdbx_poly_seq_scheme.entity_id 
_pdbx_poly_seq_scheme.seq_id 
_pdbx_poly_seq_scheme.mon_id 
_pdbx_poly_seq_scheme.ndb_seq_num 
_pdbx_poly_seq_scheme.pdb_seq_num 
_pdbx_poly_seq_scheme.auth_seq_num 
_pdbx_poly_seq_scheme.pdb_mon_id 
_pdbx_poly_seq_scheme.auth_mon_id 
_pdbx_poly_seq_scheme.pdb_strand_id 
_pdbx_poly_seq_scheme.pdb_ins_code 
_pdbx_poly_seq_scheme.hetero 
A 1 1   GLY 1   16  ?   ?   ?   A . n 
A 1 2   SER 2   17  ?   ?   ?   A . n 
A 1 3   ALA 3   18  ?   ?   ?   A . n 
A 1 4   GLU 4   19  ?   ?   ?   A . n 
A 1 5   ASN 5   20  ?   ?   ?   A . n 
A 1 6   GLU 6   21  ?   ?   ?   A . n 
A 1 7   SER 7   22  ?   ?   ?   A . n 
A 1 8   THR 8   23  23  THR THR A . n 
A 1 9   PRO 9   24  24  PRO PRO A . n 
A 1 10  ILE 10  25  25  ILE ILE A . n 
A 1 11  GLN 11  26  26  GLN GLN A . n 
A 1 12  GLN 12  27  27  GLN GLN A . n 
A 1 13  LEU 13  28  28  LEU LEU A . n 
A 1 14  LEU 14  29  29  LEU LEU A . n 
A 1 15  GLU 15  30  30  GLU GLU A . n 
A 1 16  HIS 16  31  31  HIS HIS A . n 
A 1 17  PHE 17  32  32  PHE PHE A . n 
A 1 18  LEU 18  33  33  LEU LEU A . n 
A 1 19  ARG 19  34  34  ARG ARG A . n 
A 1 20  GLN 20  35  35  GLN GLN A . n 
A 1 21  LEU 21  36  36  LEU LEU A . n 
A 1 22  GLN 22  37  37  GLN GLN A . n 
A 1 23  ARG 23  38  38  ARG ARG A . n 
A 1 24  LYS 24  39  39  LYS LYS A . n 
A 1 25  ASP 25  40  40  ASP ASP A . n 
A 1 26  PRO 26  41  41  PRO PRO A . n 
A 1 27  HIS 27  42  42  HIS HIS A . n 
A 1 28  GLY 28  43  43  GLY GLY A . n 
A 1 29  PHE 29  44  44  PHE PHE A . n 
A 1 30  PHE 30  45  45  PHE PHE A . n 
A 1 31  ALA 31  46  46  ALA ALA A . n 
A 1 32  PHE 32  47  47  PHE PHE A . n 
A 1 33  PRO 33  48  48  PRO PRO A . n 
A 1 34  VAL 34  49  49  VAL VAL A . n 
A 1 35  THR 35  50  50  THR THR A . n 
A 1 36  ASP 36  51  51  ASP ASP A . n 
A 1 37  ALA 37  52  52  ALA ALA A . n 
A 1 38  ILE 38  53  53  ILE ILE A . n 
A 1 39  ALA 39  54  54  ALA ALA A . n 
A 1 40  PRO 40  55  55  PRO PRO A . n 
A 1 41  GLY 41  56  56  GLY GLY A . n 
A 1 42  TYR 42  57  57  TYR TYR A . n 
A 1 43  SER 43  58  58  SER SER A . n 
A 1 44  MET 44  59  59  MET MET A . n 
A 1 45  ILE 45  60  60  ILE ILE A . n 
A 1 46  ILE 46  61  61  ILE ILE A . n 
A 1 47  LYS 47  62  62  LYS LYS A . n 
A 1 48  HIS 48  63  63  HIS HIS A . n 
A 1 49  PRO 49  64  64  PRO PRO A . n 
A 1 50  MET 50  65  65  MET MET A . n 
A 1 51  ASP 51  66  66  ASP ASP A . n 
A 1 52  PHE 52  67  67  PHE PHE A . n 
A 1 53  GLY 53  68  68  GLY GLY A . n 
A 1 54  THR 54  69  69  THR THR A . n 
A 1 55  MET 55  70  70  MET MET A . n 
A 1 56  LYS 56  71  71  LYS LYS A . n 
A 1 57  ASP 57  72  72  ASP ASP A . n 
A 1 58  LYS 58  73  73  LYS LYS A . n 
A 1 59  ILE 59  74  74  ILE ILE A . n 
A 1 60  VAL 60  75  75  VAL VAL A . n 
A 1 61  ALA 61  76  76  ALA ALA A . n 
A 1 62  ASN 62  77  77  ASN ASN A . n 
A 1 63  GLU 63  78  78  GLU GLU A . n 
A 1 64  TYR 64  79  79  TYR TYR A . n 
A 1 65  LYS 65  80  80  LYS LYS A . n 
A 1 66  SER 66  81  81  SER SER A . n 
A 1 67  VAL 67  82  82  VAL VAL A . n 
A 1 68  THR 68  83  83  THR THR A . n 
A 1 69  GLU 69  84  84  GLU GLU A . n 
A 1 70  PHE 70  85  85  PHE PHE A . n 
A 1 71  LYS 71  86  86  LYS LYS A . n 
A 1 72  ALA 72  87  87  ALA ALA A . n 
A 1 73  ASP 73  88  88  ASP ASP A . n 
A 1 74  PHE 74  89  89  PHE PHE A . n 
A 1 75  LYS 75  90  90  LYS LYS A . n 
A 1 76  LEU 76  91  91  LEU LEU A . n 
A 1 77  MET 77  92  92  MET MET A . n 
A 1 78  CYS 78  93  93  CYS CYS A . n 
A 1 79  ASP 79  94  94  ASP ASP A . n 
A 1 80  ASN 80  95  95  ASN ASN A . n 
A 1 81  ALA 81  96  96  ALA ALA A . n 
A 1 82  MET 82  97  97  MET MET A . n 
A 1 83  THR 83  98  98  THR THR A . n 
A 1 84  TYR 84  99  99  TYR TYR A . n 
A 1 85  ASN 85  100 100 ASN ASN A . n 
A 1 86  ARG 86  101 101 ARG ARG A . n 
A 1 87  PRO 87  102 102 PRO PRO A . n 
A 1 88  ASP 88  103 103 ASP ASP A . n 
A 1 89  THR 89  104 104 THR THR A . n 
A 1 90  VAL 90  105 105 VAL VAL A . n 
A 1 91  TYR 91  106 106 TYR TYR A . n 
A 1 92  TYR 92  107 107 TYR TYR A . n 
A 1 93  LYS 93  108 108 LYS LYS A . n 
A 1 94  LEU 94  109 109 LEU LEU A . n 
A 1 95  ALA 95  110 110 ALA ALA A . n 
A 1 96  LYS 96  111 111 LYS LYS A . n 
A 1 97  LYS 97  112 112 LYS LYS A . n 
A 1 98  ILE 98  113 113 ILE ILE A . n 
A 1 99  LEU 99  114 114 LEU LEU A . n 
A 1 100 HIS 100 115 115 HIS HIS A . n 
A 1 101 ALA 101 116 116 ALA ALA A . n 
A 1 102 GLY 102 117 117 GLY GLY A . n 
A 1 103 PHE 103 118 118 PHE PHE A . n 
A 1 104 LYS 104 119 119 LYS LYS A . n 
A 1 105 MET 105 120 120 MET MET A . n 
A 1 106 MET 106 121 121 MET MET A . n 
A 1 107 SER 107 122 122 SER SER A . n 
A 1 108 LYS 108 123 123 LYS LYS A . n 
# 
loop_
_pdbx_nonpoly_scheme.asym_id 
_pdbx_nonpoly_scheme.entity_id 
_pdbx_nonpoly_scheme.mon_id 
_pdbx_nonpoly_scheme.ndb_seq_num 
_pdbx_nonpoly_scheme.pdb_seq_num 
_pdbx_nonpoly_scheme.auth_seq_num 
_pdbx_nonpoly_scheme.pdb_mon_id 
_pdbx_nonpoly_scheme.auth_mon_id 
_pdbx_nonpoly_scheme.pdb_strand_id 
_pdbx_nonpoly_scheme.pdb_ins_code 
B 2 DMS 1   201 1   DMS DMS A . 
C 3 HOH 1   301 95  HOH HOH A . 
C 3 HOH 2   302 62  HOH HOH A . 
C 3 HOH 3   303 7   HOH HOH A . 
C 3 HOH 4   304 82  HOH HOH A . 
C 3 HOH 5   305 46  HOH HOH A . 
C 3 HOH 6   306 48  HOH HOH A . 
C 3 HOH 7   307 9   HOH HOH A . 
C 3 HOH 8   308 1   HOH HOH A . 
C 3 HOH 9   309 11  HOH HOH A . 
C 3 HOH 10  310 2   HOH HOH A . 
C 3 HOH 11  311 89  HOH HOH A . 
C 3 HOH 12  312 55  HOH HOH A . 
C 3 HOH 13  313 6   HOH HOH A . 
C 3 HOH 14  314 10  HOH HOH A . 
C 3 HOH 15  315 58  HOH HOH A . 
C 3 HOH 16  316 27  HOH HOH A . 
C 3 HOH 17  317 32  HOH HOH A . 
C 3 HOH 18  318 93  HOH HOH A . 
C 3 HOH 19  319 26  HOH HOH A . 
C 3 HOH 20  320 44  HOH HOH A . 
C 3 HOH 21  321 87  HOH HOH A . 
C 3 HOH 22  322 96  HOH HOH A . 
C 3 HOH 23  323 34  HOH HOH A . 
C 3 HOH 24  324 12  HOH HOH A . 
C 3 HOH 25  325 92  HOH HOH A . 
C 3 HOH 26  326 88  HOH HOH A . 
C 3 HOH 27  327 37  HOH HOH A . 
C 3 HOH 28  328 65  HOH HOH A . 
C 3 HOH 29  329 3   HOH HOH A . 
C 3 HOH 30  330 4   HOH HOH A . 
C 3 HOH 31  331 45  HOH HOH A . 
C 3 HOH 32  332 100 HOH HOH A . 
C 3 HOH 33  333 84  HOH HOH A . 
C 3 HOH 34  334 64  HOH HOH A . 
C 3 HOH 35  335 60  HOH HOH A . 
C 3 HOH 36  336 36  HOH HOH A . 
C 3 HOH 37  337 21  HOH HOH A . 
C 3 HOH 38  338 13  HOH HOH A . 
C 3 HOH 39  339 17  HOH HOH A . 
C 3 HOH 40  340 28  HOH HOH A . 
C 3 HOH 41  341 83  HOH HOH A . 
C 3 HOH 42  342 69  HOH HOH A . 
C 3 HOH 43  343 76  HOH HOH A . 
C 3 HOH 44  344 57  HOH HOH A . 
C 3 HOH 45  345 8   HOH HOH A . 
C 3 HOH 46  346 16  HOH HOH A . 
C 3 HOH 47  347 22  HOH HOH A . 
C 3 HOH 48  348 15  HOH HOH A . 
C 3 HOH 49  349 61  HOH HOH A . 
C 3 HOH 50  350 68  HOH HOH A . 
C 3 HOH 51  351 78  HOH HOH A . 
C 3 HOH 52  352 29  HOH HOH A . 
C 3 HOH 53  353 74  HOH HOH A . 
C 3 HOH 54  354 43  HOH HOH A . 
C 3 HOH 55  355 20  HOH HOH A . 
C 3 HOH 56  356 5   HOH HOH A . 
C 3 HOH 57  357 97  HOH HOH A . 
C 3 HOH 58  358 77  HOH HOH A . 
C 3 HOH 59  359 39  HOH HOH A . 
C 3 HOH 60  360 42  HOH HOH A . 
C 3 HOH 61  361 23  HOH HOH A . 
C 3 HOH 62  362 33  HOH HOH A . 
C 3 HOH 63  363 47  HOH HOH A . 
C 3 HOH 64  364 14  HOH HOH A . 
C 3 HOH 65  365 79  HOH HOH A . 
C 3 HOH 66  366 63  HOH HOH A . 
C 3 HOH 67  367 35  HOH HOH A . 
C 3 HOH 68  368 41  HOH HOH A . 
C 3 HOH 69  369 67  HOH HOH A . 
C 3 HOH 70  370 70  HOH HOH A . 
C 3 HOH 71  371 72  HOH HOH A . 
C 3 HOH 72  372 91  HOH HOH A . 
C 3 HOH 73  373 56  HOH HOH A . 
C 3 HOH 74  374 18  HOH HOH A . 
C 3 HOH 75  375 19  HOH HOH A . 
C 3 HOH 76  376 73  HOH HOH A . 
C 3 HOH 77  377 49  HOH HOH A . 
C 3 HOH 78  378 90  HOH HOH A . 
C 3 HOH 79  379 85  HOH HOH A . 
C 3 HOH 80  380 98  HOH HOH A . 
C 3 HOH 81  381 59  HOH HOH A . 
C 3 HOH 82  382 94  HOH HOH A . 
C 3 HOH 83  383 71  HOH HOH A . 
C 3 HOH 84  384 52  HOH HOH A . 
C 3 HOH 85  385 38  HOH HOH A . 
C 3 HOH 86  386 81  HOH HOH A . 
C 3 HOH 87  387 24  HOH HOH A . 
C 3 HOH 88  388 75  HOH HOH A . 
C 3 HOH 89  389 66  HOH HOH A . 
C 3 HOH 90  390 25  HOH HOH A . 
C 3 HOH 91  391 53  HOH HOH A . 
C 3 HOH 92  392 40  HOH HOH A . 
C 3 HOH 93  393 99  HOH HOH A . 
C 3 HOH 94  394 50  HOH HOH A . 
C 3 HOH 95  395 86  HOH HOH A . 
C 3 HOH 96  396 80  HOH HOH A . 
C 3 HOH 97  397 31  HOH HOH A . 
C 3 HOH 98  398 54  HOH HOH A . 
C 3 HOH 99  399 30  HOH HOH A . 
C 3 HOH 100 400 51  HOH HOH A . 
# 
_pdbx_struct_assembly.id                   1 
_pdbx_struct_assembly.details              author_and_software_defined_assembly 
_pdbx_struct_assembly.method_details       PISA 
_pdbx_struct_assembly.oligomeric_details   monomeric 
_pdbx_struct_assembly.oligomeric_count     1 
# 
_pdbx_struct_assembly_gen.assembly_id       1 
_pdbx_struct_assembly_gen.oper_expression   1 
_pdbx_struct_assembly_gen.asym_id_list      A,B,C 
# 
loop_
_pdbx_struct_assembly_prop.biol_id 
_pdbx_struct_assembly_prop.type 
_pdbx_struct_assembly_prop.value 
_pdbx_struct_assembly_prop.details 
1 'ABSA (A^2)' 260  ? 
1 MORE         2    ? 
1 'SSA (A^2)'  6480 ? 
# 
_pdbx_struct_oper_list.id                   1 
_pdbx_struct_oper_list.type                 'identity operation' 
_pdbx_struct_oper_list.name                 1_555 
_pdbx_struct_oper_list.symmetry_operation   x,y,z 
_pdbx_struct_oper_list.matrix[1][1]         1.0000000000 
_pdbx_struct_oper_list.matrix[1][2]         0.0000000000 
_pdbx_struct_oper_list.matrix[1][3]         0.0000000000 
_pdbx_struct_oper_list.vector[1]            0.0000000000 
_pdbx_struct_oper_list.matrix[2][1]         0.0000000000 
_pdbx_struct_oper_list.matrix[2][2]         1.0000000000 
_pdbx_struct_oper_list.matrix[2][3]         0.0000000000 
_pdbx_struct_oper_list.vector[2]            0.0000000000 
_pdbx_struct_oper_list.matrix[3][1]         0.0000000000 
_pdbx_struct_oper_list.matrix[3][2]         0.0000000000 
_pdbx_struct_oper_list.matrix[3][3]         1.0000000000 
_pdbx_struct_oper_list.vector[3]            0.0000000000 
# 
_pdbx_struct_special_symmetry.id              1 
_pdbx_struct_special_symmetry.PDB_model_num   1 
_pdbx_struct_special_symmetry.auth_asym_id    A 
_pdbx_struct_special_symmetry.auth_comp_id    HOH 
_pdbx_struct_special_symmetry.auth_seq_id     384 
_pdbx_struct_special_symmetry.PDB_ins_code    ? 
_pdbx_struct_special_symmetry.label_asym_id   C 
_pdbx_struct_special_symmetry.label_comp_id   HOH 
_pdbx_struct_special_symmetry.label_seq_id    . 
# 
loop_
_pdbx_audit_revision_history.ordinal 
_pdbx_audit_revision_history.data_content_type 
_pdbx_audit_revision_history.major_revision 
_pdbx_audit_revision_history.minor_revision 
_pdbx_audit_revision_history.revision_date 
1 'Structure model' 1 0 2015-09-16 
2 'Structure model' 1 1 2015-09-30 
3 'Structure model' 1 2 2015-10-14 
4 'Structure model' 1 3 2016-03-09 
5 'Structure model' 1 4 2023-09-27 
# 
_pdbx_audit_revision_details.ordinal             1 
_pdbx_audit_revision_details.revision_ordinal    1 
_pdbx_audit_revision_details.data_content_type   'Structure model' 
_pdbx_audit_revision_details.provider            repository 
_pdbx_audit_revision_details.type                'Initial release' 
_pdbx_audit_revision_details.description         ? 
_pdbx_audit_revision_details.details             ? 
# 
loop_
_pdbx_audit_revision_group.ordinal 
_pdbx_audit_revision_group.revision_ordinal 
_pdbx_audit_revision_group.data_content_type 
_pdbx_audit_revision_group.group 
1 2 'Structure model' 'Database references'      
2 3 'Structure model' 'Database references'      
3 4 'Structure model' 'Experimental preparation' 
4 5 'Structure model' 'Data collection'          
5 5 'Structure model' 'Database references'      
6 5 'Structure model' 'Derived calculations'     
7 5 'Structure model' 'Refinement description'   
# 
loop_
_pdbx_audit_revision_category.ordinal 
_pdbx_audit_revision_category.revision_ordinal 
_pdbx_audit_revision_category.data_content_type 
_pdbx_audit_revision_category.category 
1 5 'Structure model' chem_comp_atom                
2 5 'Structure model' chem_comp_bond                
3 5 'Structure model' database_2                    
4 5 'Structure model' pdbx_initial_refinement_model 
5 5 'Structure model' pdbx_struct_oper_list         
# 
loop_
_pdbx_audit_revision_item.ordinal 
_pdbx_audit_revision_item.revision_ordinal 
_pdbx_audit_revision_item.data_content_type 
_pdbx_audit_revision_item.item 
1 5 'Structure model' '_database_2.pdbx_DOI'                      
2 5 'Structure model' '_database_2.pdbx_database_accession'       
3 5 'Structure model' '_pdbx_struct_oper_list.symmetry_operation' 
# 
_pdbx_refine_tls.id               1 
_pdbx_refine_tls.pdbx_refine_id   'X-RAY DIFFRACTION' 
_pdbx_refine_tls.details          ? 
_pdbx_refine_tls.method           refined 
_pdbx_refine_tls.origin_x         -0.1665 
_pdbx_refine_tls.origin_y         -0.0859 
_pdbx_refine_tls.origin_z         -0.3103 
_pdbx_refine_tls.T[1][1]          0.0273 
_pdbx_refine_tls.T[1][1]_esd      ? 
_pdbx_refine_tls.T[1][2]          -0.0071 
_pdbx_refine_tls.T[1][2]_esd      ? 
_pdbx_refine_tls.T[1][3]          0.0068 
_pdbx_refine_tls.T[1][3]_esd      ? 
_pdbx_refine_tls.T[2][2]          0.0190 
_pdbx_refine_tls.T[2][2]_esd      ? 
_pdbx_refine_tls.T[2][3]          -0.0076 
_pdbx_refine_tls.T[2][3]_esd      ? 
_pdbx_refine_tls.T[3][3]          0.0081 
_pdbx_refine_tls.T[3][3]_esd      ? 
_pdbx_refine_tls.L[1][1]          1.2849 
_pdbx_refine_tls.L[1][1]_esd      ? 
_pdbx_refine_tls.L[1][2]          -0.1857 
_pdbx_refine_tls.L[1][2]_esd      ? 
_pdbx_refine_tls.L[1][3]          0.5359 
_pdbx_refine_tls.L[1][3]_esd      ? 
_pdbx_refine_tls.L[2][2]          0.4565 
_pdbx_refine_tls.L[2][2]_esd      ? 
_pdbx_refine_tls.L[2][3]          0.2679 
_pdbx_refine_tls.L[2][3]_esd      ? 
_pdbx_refine_tls.L[3][3]          0.5481 
_pdbx_refine_tls.L[3][3]_esd      ? 
_pdbx_refine_tls.S[1][1]          0.0112 
_pdbx_refine_tls.S[1][1]_esd      ? 
_pdbx_refine_tls.S[1][2]          0.0216 
_pdbx_refine_tls.S[1][2]_esd      ? 
_pdbx_refine_tls.S[1][3]          0.0635 
_pdbx_refine_tls.S[1][3]_esd      ? 
_pdbx_refine_tls.S[2][1]          -0.0037 
_pdbx_refine_tls.S[2][1]_esd      ? 
_pdbx_refine_tls.S[2][2]          -0.0504 
_pdbx_refine_tls.S[2][2]_esd      ? 
_pdbx_refine_tls.S[2][3]          -0.0021 
_pdbx_refine_tls.S[2][3]_esd      ? 
_pdbx_refine_tls.S[3][1]          -0.0194 
_pdbx_refine_tls.S[3][1]_esd      ? 
_pdbx_refine_tls.S[3][2]          -0.0427 
_pdbx_refine_tls.S[3][2]_esd      ? 
_pdbx_refine_tls.S[3][3]          0.0393 
_pdbx_refine_tls.S[3][3]_esd      ? 
# 
_pdbx_refine_tls_group.id                  1 
_pdbx_refine_tls_group.pdbx_refine_id      'X-RAY DIFFRACTION' 
_pdbx_refine_tls_group.refine_tls_id       1 
_pdbx_refine_tls_group.beg_label_asym_id   ? 
_pdbx_refine_tls_group.beg_label_seq_id    ? 
_pdbx_refine_tls_group.beg_auth_asym_id    A 
_pdbx_refine_tls_group.beg_auth_seq_id     23 
_pdbx_refine_tls_group.end_label_asym_id   ? 
_pdbx_refine_tls_group.end_label_seq_id    ? 
_pdbx_refine_tls_group.end_auth_asym_id    A 
_pdbx_refine_tls_group.end_auth_seq_id     123 
_pdbx_refine_tls_group.selection           ? 
_pdbx_refine_tls_group.selection_details   ? 
# 
loop_
_software.citation_id 
_software.classification 
_software.compiler_name 
_software.compiler_version 
_software.contact_author 
_software.contact_author_email 
_software.date 
_software.description 
_software.dependencies 
_software.hardware 
_software.language 
_software.location 
_software.mods 
_software.name 
_software.os 
_software.os_version 
_software.type 
_software.version 
_software.pdbx_ordinal 
? 'data scaling'    ? ? ? ? ? ? ? ? ? ? ? SCALEPACK   ? ? ? .        1 
? refinement        ? ? ? ? ? ? ? ? ? ? ? REFMAC      ? ? ? 5.8.0069 2 
? 'data extraction' ? ? ? ? ? ? ? ? ? ? ? PDB_EXTRACT ? ? ? 3.15     3 
? phasing           ? ? ? ? ? ? ? ? ? ? ? PHASER      ? ? ? .        4 
# 
loop_
_pdbx_validate_rmsd_bond.id 
_pdbx_validate_rmsd_bond.PDB_model_num 
_pdbx_validate_rmsd_bond.auth_atom_id_1 
_pdbx_validate_rmsd_bond.auth_asym_id_1 
_pdbx_validate_rmsd_bond.auth_comp_id_1 
_pdbx_validate_rmsd_bond.auth_seq_id_1 
_pdbx_validate_rmsd_bond.PDB_ins_code_1 
_pdbx_validate_rmsd_bond.label_alt_id_1 
_pdbx_validate_rmsd_bond.auth_atom_id_2 
_pdbx_validate_rmsd_bond.auth_asym_id_2 
_pdbx_validate_rmsd_bond.auth_comp_id_2 
_pdbx_validate_rmsd_bond.auth_seq_id_2 
_pdbx_validate_rmsd_bond.PDB_ins_code_2 
_pdbx_validate_rmsd_bond.label_alt_id_2 
_pdbx_validate_rmsd_bond.bond_value 
_pdbx_validate_rmsd_bond.bond_target_value 
_pdbx_validate_rmsd_bond.bond_deviation 
_pdbx_validate_rmsd_bond.bond_standard_deviation 
_pdbx_validate_rmsd_bond.linker_flag 
1 1 N   A GLY 43 ? ? CA A GLY 43 ? ? 1.366 1.456 -0.090 0.015 N 
2 1 CE1 A TYR 79 ? ? CZ A TYR 79 ? ? 1.464 1.381 0.083  0.013 N 
3 1 CE1 A TYR 99 ? ? CZ A TYR 99 ? ? 1.463 1.381 0.082  0.013 N 
# 
loop_
_pdbx_validate_rmsd_angle.id 
_pdbx_validate_rmsd_angle.PDB_model_num 
_pdbx_validate_rmsd_angle.auth_atom_id_1 
_pdbx_validate_rmsd_angle.auth_asym_id_1 
_pdbx_validate_rmsd_angle.auth_comp_id_1 
_pdbx_validate_rmsd_angle.auth_seq_id_1 
_pdbx_validate_rmsd_angle.PDB_ins_code_1 
_pdbx_validate_rmsd_angle.label_alt_id_1 
_pdbx_validate_rmsd_angle.auth_atom_id_2 
_pdbx_validate_rmsd_angle.auth_asym_id_2 
_pdbx_validate_rmsd_angle.auth_comp_id_2 
_pdbx_validate_rmsd_angle.auth_seq_id_2 
_pdbx_validate_rmsd_angle.PDB_ins_code_2 
_pdbx_validate_rmsd_angle.label_alt_id_2 
_pdbx_validate_rmsd_angle.auth_atom_id_3 
_pdbx_validate_rmsd_angle.auth_asym_id_3 
_pdbx_validate_rmsd_angle.auth_comp_id_3 
_pdbx_validate_rmsd_angle.auth_seq_id_3 
_pdbx_validate_rmsd_angle.PDB_ins_code_3 
_pdbx_validate_rmsd_angle.label_alt_id_3 
_pdbx_validate_rmsd_angle.angle_value 
_pdbx_validate_rmsd_angle.angle_target_value 
_pdbx_validate_rmsd_angle.angle_deviation 
_pdbx_validate_rmsd_angle.angle_standard_deviation 
_pdbx_validate_rmsd_angle.linker_flag 
1 1 CB A ASP 40  ? ? CG A ASP 40  ? ? OD1 A ASP 40  ? ? 124.24 118.30 5.94   0.90 N 
2 1 CB A ASP 40  ? ? CG A ASP 40  ? ? OD2 A ASP 40  ? ? 111.33 118.30 -6.97  0.90 N 
3 1 CB A PHE 45  ? ? CG A PHE 45  ? ? CD2 A PHE 45  ? ? 115.13 120.80 -5.67  0.70 N 
4 1 CB A PHE 47  ? ? CG A PHE 47  ? ? CD1 A PHE 47  ? ? 115.88 120.80 -4.92  0.70 N 
5 1 CG A MET 97  ? ? SD A MET 97  ? ? CE  A MET 97  ? ? 86.06  100.20 -14.14 1.60 N 
6 1 CG A MET 120 ? ? SD A MET 120 ? ? CE  A MET 120 ? ? 110.90 100.20 10.70  1.60 N 
# 
_pdbx_distant_solvent_atoms.id                                1 
_pdbx_distant_solvent_atoms.PDB_model_num                     1 
_pdbx_distant_solvent_atoms.auth_atom_id                      O 
_pdbx_distant_solvent_atoms.label_alt_id                      ? 
_pdbx_distant_solvent_atoms.auth_asym_id                      A 
_pdbx_distant_solvent_atoms.auth_comp_id                      HOH 
_pdbx_distant_solvent_atoms.auth_seq_id                       400 
_pdbx_distant_solvent_atoms.PDB_ins_code                      ? 
_pdbx_distant_solvent_atoms.neighbor_macromolecule_distance   5.86 
_pdbx_distant_solvent_atoms.neighbor_ligand_distance          . 
# 
loop_
_pdbx_unobs_or_zero_occ_residues.id 
_pdbx_unobs_or_zero_occ_residues.PDB_model_num 
_pdbx_unobs_or_zero_occ_residues.polymer_flag 
_pdbx_unobs_or_zero_occ_residues.occupancy_flag 
_pdbx_unobs_or_zero_occ_residues.auth_asym_id 
_pdbx_unobs_or_zero_occ_residues.auth_comp_id 
_pdbx_unobs_or_zero_occ_residues.auth_seq_id 
_pdbx_unobs_or_zero_occ_residues.PDB_ins_code 
_pdbx_unobs_or_zero_occ_residues.label_asym_id 
_pdbx_unobs_or_zero_occ_residues.label_comp_id 
_pdbx_unobs_or_zero_occ_residues.label_seq_id 
1 1 Y 1 A GLY 16 ? A GLY 1 
2 1 Y 1 A SER 17 ? A SER 2 
3 1 Y 1 A ALA 18 ? A ALA 3 
4 1 Y 1 A GLU 19 ? A GLU 4 
5 1 Y 1 A ASN 20 ? A ASN 5 
6 1 Y 1 A GLU 21 ? A GLU 6 
7 1 Y 1 A SER 22 ? A SER 7 
# 
loop_
_chem_comp_atom.comp_id 
_chem_comp_atom.atom_id 
_chem_comp_atom.type_symbol 
_chem_comp_atom.pdbx_aromatic_flag 
_chem_comp_atom.pdbx_stereo_config 
_chem_comp_atom.pdbx_ordinal 
ALA N    N N N 1   
ALA CA   C N S 2   
ALA C    C N N 3   
ALA O    O N N 4   
ALA CB   C N N 5   
ALA OXT  O N N 6   
ALA H    H N N 7   
ALA H2   H N N 8   
ALA HA   H N N 9   
ALA HB1  H N N 10  
ALA HB2  H N N 11  
ALA HB3  H N N 12  
ALA HXT  H N N 13  
ARG N    N N N 14  
ARG CA   C N S 15  
ARG C    C N N 16  
ARG O    O N N 17  
ARG CB   C N N 18  
ARG CG   C N N 19  
ARG CD   C N N 20  
ARG NE   N N N 21  
ARG CZ   C N N 22  
ARG NH1  N N N 23  
ARG NH2  N N N 24  
ARG OXT  O N N 25  
ARG H    H N N 26  
ARG H2   H N N 27  
ARG HA   H N N 28  
ARG HB2  H N N 29  
ARG HB3  H N N 30  
ARG HG2  H N N 31  
ARG HG3  H N N 32  
ARG HD2  H N N 33  
ARG HD3  H N N 34  
ARG HE   H N N 35  
ARG HH11 H N N 36  
ARG HH12 H N N 37  
ARG HH21 H N N 38  
ARG HH22 H N N 39  
ARG HXT  H N N 40  
ASN N    N N N 41  
ASN CA   C N S 42  
ASN C    C N N 43  
ASN O    O N N 44  
ASN CB   C N N 45  
ASN CG   C N N 46  
ASN OD1  O N N 47  
ASN ND2  N N N 48  
ASN OXT  O N N 49  
ASN H    H N N 50  
ASN H2   H N N 51  
ASN HA   H N N 52  
ASN HB2  H N N 53  
ASN HB3  H N N 54  
ASN HD21 H N N 55  
ASN HD22 H N N 56  
ASN HXT  H N N 57  
ASP N    N N N 58  
ASP CA   C N S 59  
ASP C    C N N 60  
ASP O    O N N 61  
ASP CB   C N N 62  
ASP CG   C N N 63  
ASP OD1  O N N 64  
ASP OD2  O N N 65  
ASP OXT  O N N 66  
ASP H    H N N 67  
ASP H2   H N N 68  
ASP HA   H N N 69  
ASP HB2  H N N 70  
ASP HB3  H N N 71  
ASP HD2  H N N 72  
ASP HXT  H N N 73  
CYS N    N N N 74  
CYS CA   C N R 75  
CYS C    C N N 76  
CYS O    O N N 77  
CYS CB   C N N 78  
CYS SG   S N N 79  
CYS OXT  O N N 80  
CYS H    H N N 81  
CYS H2   H N N 82  
CYS HA   H N N 83  
CYS HB2  H N N 84  
CYS HB3  H N N 85  
CYS HG   H N N 86  
CYS HXT  H N N 87  
DMS S    S N N 88  
DMS O    O N N 89  
DMS C1   C N N 90  
DMS C2   C N N 91  
DMS H11  H N N 92  
DMS H12  H N N 93  
DMS H13  H N N 94  
DMS H21  H N N 95  
DMS H22  H N N 96  
DMS H23  H N N 97  
GLN N    N N N 98  
GLN CA   C N S 99  
GLN C    C N N 100 
GLN O    O N N 101 
GLN CB   C N N 102 
GLN CG   C N N 103 
GLN CD   C N N 104 
GLN OE1  O N N 105 
GLN NE2  N N N 106 
GLN OXT  O N N 107 
GLN H    H N N 108 
GLN H2   H N N 109 
GLN HA   H N N 110 
GLN HB2  H N N 111 
GLN HB3  H N N 112 
GLN HG2  H N N 113 
GLN HG3  H N N 114 
GLN HE21 H N N 115 
GLN HE22 H N N 116 
GLN HXT  H N N 117 
GLU N    N N N 118 
GLU CA   C N S 119 
GLU C    C N N 120 
GLU O    O N N 121 
GLU CB   C N N 122 
GLU CG   C N N 123 
GLU CD   C N N 124 
GLU OE1  O N N 125 
GLU OE2  O N N 126 
GLU OXT  O N N 127 
GLU H    H N N 128 
GLU H2   H N N 129 
GLU HA   H N N 130 
GLU HB2  H N N 131 
GLU HB3  H N N 132 
GLU HG2  H N N 133 
GLU HG3  H N N 134 
GLU HE2  H N N 135 
GLU HXT  H N N 136 
GLY N    N N N 137 
GLY CA   C N N 138 
GLY C    C N N 139 
GLY O    O N N 140 
GLY OXT  O N N 141 
GLY H    H N N 142 
GLY H2   H N N 143 
GLY HA2  H N N 144 
GLY HA3  H N N 145 
GLY HXT  H N N 146 
HIS N    N N N 147 
HIS CA   C N S 148 
HIS C    C N N 149 
HIS O    O N N 150 
HIS CB   C N N 151 
HIS CG   C Y N 152 
HIS ND1  N Y N 153 
HIS CD2  C Y N 154 
HIS CE1  C Y N 155 
HIS NE2  N Y N 156 
HIS OXT  O N N 157 
HIS H    H N N 158 
HIS H2   H N N 159 
HIS HA   H N N 160 
HIS HB2  H N N 161 
HIS HB3  H N N 162 
HIS HD1  H N N 163 
HIS HD2  H N N 164 
HIS HE1  H N N 165 
HIS HE2  H N N 166 
HIS HXT  H N N 167 
HOH O    O N N 168 
HOH H1   H N N 169 
HOH H2   H N N 170 
ILE N    N N N 171 
ILE CA   C N S 172 
ILE C    C N N 173 
ILE O    O N N 174 
ILE CB   C N S 175 
ILE CG1  C N N 176 
ILE CG2  C N N 177 
ILE CD1  C N N 178 
ILE OXT  O N N 179 
ILE H    H N N 180 
ILE H2   H N N 181 
ILE HA   H N N 182 
ILE HB   H N N 183 
ILE HG12 H N N 184 
ILE HG13 H N N 185 
ILE HG21 H N N 186 
ILE HG22 H N N 187 
ILE HG23 H N N 188 
ILE HD11 H N N 189 
ILE HD12 H N N 190 
ILE HD13 H N N 191 
ILE HXT  H N N 192 
LEU N    N N N 193 
LEU CA   C N S 194 
LEU C    C N N 195 
LEU O    O N N 196 
LEU CB   C N N 197 
LEU CG   C N N 198 
LEU CD1  C N N 199 
LEU CD2  C N N 200 
LEU OXT  O N N 201 
LEU H    H N N 202 
LEU H2   H N N 203 
LEU HA   H N N 204 
LEU HB2  H N N 205 
LEU HB3  H N N 206 
LEU HG   H N N 207 
LEU HD11 H N N 208 
LEU HD12 H N N 209 
LEU HD13 H N N 210 
LEU HD21 H N N 211 
LEU HD22 H N N 212 
LEU HD23 H N N 213 
LEU HXT  H N N 214 
LYS N    N N N 215 
LYS CA   C N S 216 
LYS C    C N N 217 
LYS O    O N N 218 
LYS CB   C N N 219 
LYS CG   C N N 220 
LYS CD   C N N 221 
LYS CE   C N N 222 
LYS NZ   N N N 223 
LYS OXT  O N N 224 
LYS H    H N N 225 
LYS H2   H N N 226 
LYS HA   H N N 227 
LYS HB2  H N N 228 
LYS HB3  H N N 229 
LYS HG2  H N N 230 
LYS HG3  H N N 231 
LYS HD2  H N N 232 
LYS HD3  H N N 233 
LYS HE2  H N N 234 
LYS HE3  H N N 235 
LYS HZ1  H N N 236 
LYS HZ2  H N N 237 
LYS HZ3  H N N 238 
LYS HXT  H N N 239 
MET N    N N N 240 
MET CA   C N S 241 
MET C    C N N 242 
MET O    O N N 243 
MET CB   C N N 244 
MET CG   C N N 245 
MET SD   S N N 246 
MET CE   C N N 247 
MET OXT  O N N 248 
MET H    H N N 249 
MET H2   H N N 250 
MET HA   H N N 251 
MET HB2  H N N 252 
MET HB3  H N N 253 
MET HG2  H N N 254 
MET HG3  H N N 255 
MET HE1  H N N 256 
MET HE2  H N N 257 
MET HE3  H N N 258 
MET HXT  H N N 259 
PHE N    N N N 260 
PHE CA   C N S 261 
PHE C    C N N 262 
PHE O    O N N 263 
PHE CB   C N N 264 
PHE CG   C Y N 265 
PHE CD1  C Y N 266 
PHE CD2  C Y N 267 
PHE CE1  C Y N 268 
PHE CE2  C Y N 269 
PHE CZ   C Y N 270 
PHE OXT  O N N 271 
PHE H    H N N 272 
PHE H2   H N N 273 
PHE HA   H N N 274 
PHE HB2  H N N 275 
PHE HB3  H N N 276 
PHE HD1  H N N 277 
PHE HD2  H N N 278 
PHE HE1  H N N 279 
PHE HE2  H N N 280 
PHE HZ   H N N 281 
PHE HXT  H N N 282 
PRO N    N N N 283 
PRO CA   C N S 284 
PRO C    C N N 285 
PRO O    O N N 286 
PRO CB   C N N 287 
PRO CG   C N N 288 
PRO CD   C N N 289 
PRO OXT  O N N 290 
PRO H    H N N 291 
PRO HA   H N N 292 
PRO HB2  H N N 293 
PRO HB3  H N N 294 
PRO HG2  H N N 295 
PRO HG3  H N N 296 
PRO HD2  H N N 297 
PRO HD3  H N N 298 
PRO HXT  H N N 299 
SER N    N N N 300 
SER CA   C N S 301 
SER C    C N N 302 
SER O    O N N 303 
SER CB   C N N 304 
SER OG   O N N 305 
SER OXT  O N N 306 
SER H    H N N 307 
SER H2   H N N 308 
SER HA   H N N 309 
SER HB2  H N N 310 
SER HB3  H N N 311 
SER HG   H N N 312 
SER HXT  H N N 313 
THR N    N N N 314 
THR CA   C N S 315 
THR C    C N N 316 
THR O    O N N 317 
THR CB   C N R 318 
THR OG1  O N N 319 
THR CG2  C N N 320 
THR OXT  O N N 321 
THR H    H N N 322 
THR H2   H N N 323 
THR HA   H N N 324 
THR HB   H N N 325 
THR HG1  H N N 326 
THR HG21 H N N 327 
THR HG22 H N N 328 
THR HG23 H N N 329 
THR HXT  H N N 330 
TYR N    N N N 331 
TYR CA   C N S 332 
TYR C    C N N 333 
TYR O    O N N 334 
TYR CB   C N N 335 
TYR CG   C Y N 336 
TYR CD1  C Y N 337 
TYR CD2  C Y N 338 
TYR CE1  C Y N 339 
TYR CE2  C Y N 340 
TYR CZ   C Y N 341 
TYR OH   O N N 342 
TYR OXT  O N N 343 
TYR H    H N N 344 
TYR H2   H N N 345 
TYR HA   H N N 346 
TYR HB2  H N N 347 
TYR HB3  H N N 348 
TYR HD1  H N N 349 
TYR HD2  H N N 350 
TYR HE1  H N N 351 
TYR HE2  H N N 352 
TYR HH   H N N 353 
TYR HXT  H N N 354 
VAL N    N N N 355 
VAL CA   C N S 356 
VAL C    C N N 357 
VAL O    O N N 358 
VAL CB   C N N 359 
VAL CG1  C N N 360 
VAL CG2  C N N 361 
VAL OXT  O N N 362 
VAL H    H N N 363 
VAL H2   H N N 364 
VAL HA   H N N 365 
VAL HB   H N N 366 
VAL HG11 H N N 367 
VAL HG12 H N N 368 
VAL HG13 H N N 369 
VAL HG21 H N N 370 
VAL HG22 H N N 371 
VAL HG23 H N N 372 
VAL HXT  H N N 373 
# 
loop_
_chem_comp_bond.comp_id 
_chem_comp_bond.atom_id_1 
_chem_comp_bond.atom_id_2 
_chem_comp_bond.value_order 
_chem_comp_bond.pdbx_aromatic_flag 
_chem_comp_bond.pdbx_stereo_config 
_chem_comp_bond.pdbx_ordinal 
ALA N   CA   sing N N 1   
ALA N   H    sing N N 2   
ALA N   H2   sing N N 3   
ALA CA  C    sing N N 4   
ALA CA  CB   sing N N 5   
ALA CA  HA   sing N N 6   
ALA C   O    doub N N 7   
ALA C   OXT  sing N N 8   
ALA CB  HB1  sing N N 9   
ALA CB  HB2  sing N N 10  
ALA CB  HB3  sing N N 11  
ALA OXT HXT  sing N N 12  
ARG N   CA   sing N N 13  
ARG N   H    sing N N 14  
ARG N   H2   sing N N 15  
ARG CA  C    sing N N 16  
ARG CA  CB   sing N N 17  
ARG CA  HA   sing N N 18  
ARG C   O    doub N N 19  
ARG C   OXT  sing N N 20  
ARG CB  CG   sing N N 21  
ARG CB  HB2  sing N N 22  
ARG CB  HB3  sing N N 23  
ARG CG  CD   sing N N 24  
ARG CG  HG2  sing N N 25  
ARG CG  HG3  sing N N 26  
ARG CD  NE   sing N N 27  
ARG CD  HD2  sing N N 28  
ARG CD  HD3  sing N N 29  
ARG NE  CZ   sing N N 30  
ARG NE  HE   sing N N 31  
ARG CZ  NH1  sing N N 32  
ARG CZ  NH2  doub N N 33  
ARG NH1 HH11 sing N N 34  
ARG NH1 HH12 sing N N 35  
ARG NH2 HH21 sing N N 36  
ARG NH2 HH22 sing N N 37  
ARG OXT HXT  sing N N 38  
ASN N   CA   sing N N 39  
ASN N   H    sing N N 40  
ASN N   H2   sing N N 41  
ASN CA  C    sing N N 42  
ASN CA  CB   sing N N 43  
ASN CA  HA   sing N N 44  
ASN C   O    doub N N 45  
ASN C   OXT  sing N N 46  
ASN CB  CG   sing N N 47  
ASN CB  HB2  sing N N 48  
ASN CB  HB3  sing N N 49  
ASN CG  OD1  doub N N 50  
ASN CG  ND2  sing N N 51  
ASN ND2 HD21 sing N N 52  
ASN ND2 HD22 sing N N 53  
ASN OXT HXT  sing N N 54  
ASP N   CA   sing N N 55  
ASP N   H    sing N N 56  
ASP N   H2   sing N N 57  
ASP CA  C    sing N N 58  
ASP CA  CB   sing N N 59  
ASP CA  HA   sing N N 60  
ASP C   O    doub N N 61  
ASP C   OXT  sing N N 62  
ASP CB  CG   sing N N 63  
ASP CB  HB2  sing N N 64  
ASP CB  HB3  sing N N 65  
ASP CG  OD1  doub N N 66  
ASP CG  OD2  sing N N 67  
ASP OD2 HD2  sing N N 68  
ASP OXT HXT  sing N N 69  
CYS N   CA   sing N N 70  
CYS N   H    sing N N 71  
CYS N   H2   sing N N 72  
CYS CA  C    sing N N 73  
CYS CA  CB   sing N N 74  
CYS CA  HA   sing N N 75  
CYS C   O    doub N N 76  
CYS C   OXT  sing N N 77  
CYS CB  SG   sing N N 78  
CYS CB  HB2  sing N N 79  
CYS CB  HB3  sing N N 80  
CYS SG  HG   sing N N 81  
CYS OXT HXT  sing N N 82  
DMS S   O    doub N N 83  
DMS S   C1   sing N N 84  
DMS S   C2   sing N N 85  
DMS C1  H11  sing N N 86  
DMS C1  H12  sing N N 87  
DMS C1  H13  sing N N 88  
DMS C2  H21  sing N N 89  
DMS C2  H22  sing N N 90  
DMS C2  H23  sing N N 91  
GLN N   CA   sing N N 92  
GLN N   H    sing N N 93  
GLN N   H2   sing N N 94  
GLN CA  C    sing N N 95  
GLN CA  CB   sing N N 96  
GLN CA  HA   sing N N 97  
GLN C   O    doub N N 98  
GLN C   OXT  sing N N 99  
GLN CB  CG   sing N N 100 
GLN CB  HB2  sing N N 101 
GLN CB  HB3  sing N N 102 
GLN CG  CD   sing N N 103 
GLN CG  HG2  sing N N 104 
GLN CG  HG3  sing N N 105 
GLN CD  OE1  doub N N 106 
GLN CD  NE2  sing N N 107 
GLN NE2 HE21 sing N N 108 
GLN NE2 HE22 sing N N 109 
GLN OXT HXT  sing N N 110 
GLU N   CA   sing N N 111 
GLU N   H    sing N N 112 
GLU N   H2   sing N N 113 
GLU CA  C    sing N N 114 
GLU CA  CB   sing N N 115 
GLU CA  HA   sing N N 116 
GLU C   O    doub N N 117 
GLU C   OXT  sing N N 118 
GLU CB  CG   sing N N 119 
GLU CB  HB2  sing N N 120 
GLU CB  HB3  sing N N 121 
GLU CG  CD   sing N N 122 
GLU CG  HG2  sing N N 123 
GLU CG  HG3  sing N N 124 
GLU CD  OE1  doub N N 125 
GLU CD  OE2  sing N N 126 
GLU OE2 HE2  sing N N 127 
GLU OXT HXT  sing N N 128 
GLY N   CA   sing N N 129 
GLY N   H    sing N N 130 
GLY N   H2   sing N N 131 
GLY CA  C    sing N N 132 
GLY CA  HA2  sing N N 133 
GLY CA  HA3  sing N N 134 
GLY C   O    doub N N 135 
GLY C   OXT  sing N N 136 
GLY OXT HXT  sing N N 137 
HIS N   CA   sing N N 138 
HIS N   H    sing N N 139 
HIS N   H2   sing N N 140 
HIS CA  C    sing N N 141 
HIS CA  CB   sing N N 142 
HIS CA  HA   sing N N 143 
HIS C   O    doub N N 144 
HIS C   OXT  sing N N 145 
HIS CB  CG   sing N N 146 
HIS CB  HB2  sing N N 147 
HIS CB  HB3  sing N N 148 
HIS CG  ND1  sing Y N 149 
HIS CG  CD2  doub Y N 150 
HIS ND1 CE1  doub Y N 151 
HIS ND1 HD1  sing N N 152 
HIS CD2 NE2  sing Y N 153 
HIS CD2 HD2  sing N N 154 
HIS CE1 NE2  sing Y N 155 
HIS CE1 HE1  sing N N 156 
HIS NE2 HE2  sing N N 157 
HIS OXT HXT  sing N N 158 
HOH O   H1   sing N N 159 
HOH O   H2   sing N N 160 
ILE N   CA   sing N N 161 
ILE N   H    sing N N 162 
ILE N   H2   sing N N 163 
ILE CA  C    sing N N 164 
ILE CA  CB   sing N N 165 
ILE CA  HA   sing N N 166 
ILE C   O    doub N N 167 
ILE C   OXT  sing N N 168 
ILE CB  CG1  sing N N 169 
ILE CB  CG2  sing N N 170 
ILE CB  HB   sing N N 171 
ILE CG1 CD1  sing N N 172 
ILE CG1 HG12 sing N N 173 
ILE CG1 HG13 sing N N 174 
ILE CG2 HG21 sing N N 175 
ILE CG2 HG22 sing N N 176 
ILE CG2 HG23 sing N N 177 
ILE CD1 HD11 sing N N 178 
ILE CD1 HD12 sing N N 179 
ILE CD1 HD13 sing N N 180 
ILE OXT HXT  sing N N 181 
LEU N   CA   sing N N 182 
LEU N   H    sing N N 183 
LEU N   H2   sing N N 184 
LEU CA  C    sing N N 185 
LEU CA  CB   sing N N 186 
LEU CA  HA   sing N N 187 
LEU C   O    doub N N 188 
LEU C   OXT  sing N N 189 
LEU CB  CG   sing N N 190 
LEU CB  HB2  sing N N 191 
LEU CB  HB3  sing N N 192 
LEU CG  CD1  sing N N 193 
LEU CG  CD2  sing N N 194 
LEU CG  HG   sing N N 195 
LEU CD1 HD11 sing N N 196 
LEU CD1 HD12 sing N N 197 
LEU CD1 HD13 sing N N 198 
LEU CD2 HD21 sing N N 199 
LEU CD2 HD22 sing N N 200 
LEU CD2 HD23 sing N N 201 
LEU OXT HXT  sing N N 202 
LYS N   CA   sing N N 203 
LYS N   H    sing N N 204 
LYS N   H2   sing N N 205 
LYS CA  C    sing N N 206 
LYS CA  CB   sing N N 207 
LYS CA  HA   sing N N 208 
LYS C   O    doub N N 209 
LYS C   OXT  sing N N 210 
LYS CB  CG   sing N N 211 
LYS CB  HB2  sing N N 212 
LYS CB  HB3  sing N N 213 
LYS CG  CD   sing N N 214 
LYS CG  HG2  sing N N 215 
LYS CG  HG3  sing N N 216 
LYS CD  CE   sing N N 217 
LYS CD  HD2  sing N N 218 
LYS CD  HD3  sing N N 219 
LYS CE  NZ   sing N N 220 
LYS CE  HE2  sing N N 221 
LYS CE  HE3  sing N N 222 
LYS NZ  HZ1  sing N N 223 
LYS NZ  HZ2  sing N N 224 
LYS NZ  HZ3  sing N N 225 
LYS OXT HXT  sing N N 226 
MET N   CA   sing N N 227 
MET N   H    sing N N 228 
MET N   H2   sing N N 229 
MET CA  C    sing N N 230 
MET CA  CB   sing N N 231 
MET CA  HA   sing N N 232 
MET C   O    doub N N 233 
MET C   OXT  sing N N 234 
MET CB  CG   sing N N 235 
MET CB  HB2  sing N N 236 
MET CB  HB3  sing N N 237 
MET CG  SD   sing N N 238 
MET CG  HG2  sing N N 239 
MET CG  HG3  sing N N 240 
MET SD  CE   sing N N 241 
MET CE  HE1  sing N N 242 
MET CE  HE2  sing N N 243 
MET CE  HE3  sing N N 244 
MET OXT HXT  sing N N 245 
PHE N   CA   sing N N 246 
PHE N   H    sing N N 247 
PHE N   H2   sing N N 248 
PHE CA  C    sing N N 249 
PHE CA  CB   sing N N 250 
PHE CA  HA   sing N N 251 
PHE C   O    doub N N 252 
PHE C   OXT  sing N N 253 
PHE CB  CG   sing N N 254 
PHE CB  HB2  sing N N 255 
PHE CB  HB3  sing N N 256 
PHE CG  CD1  doub Y N 257 
PHE CG  CD2  sing Y N 258 
PHE CD1 CE1  sing Y N 259 
PHE CD1 HD1  sing N N 260 
PHE CD2 CE2  doub Y N 261 
PHE CD2 HD2  sing N N 262 
PHE CE1 CZ   doub Y N 263 
PHE CE1 HE1  sing N N 264 
PHE CE2 CZ   sing Y N 265 
PHE CE2 HE2  sing N N 266 
PHE CZ  HZ   sing N N 267 
PHE OXT HXT  sing N N 268 
PRO N   CA   sing N N 269 
PRO N   CD   sing N N 270 
PRO N   H    sing N N 271 
PRO CA  C    sing N N 272 
PRO CA  CB   sing N N 273 
PRO CA  HA   sing N N 274 
PRO C   O    doub N N 275 
PRO C   OXT  sing N N 276 
PRO CB  CG   sing N N 277 
PRO CB  HB2  sing N N 278 
PRO CB  HB3  sing N N 279 
PRO CG  CD   sing N N 280 
PRO CG  HG2  sing N N 281 
PRO CG  HG3  sing N N 282 
PRO CD  HD2  sing N N 283 
PRO CD  HD3  sing N N 284 
PRO OXT HXT  sing N N 285 
SER N   CA   sing N N 286 
SER N   H    sing N N 287 
SER N   H2   sing N N 288 
SER CA  C    sing N N 289 
SER CA  CB   sing N N 290 
SER CA  HA   sing N N 291 
SER C   O    doub N N 292 
SER C   OXT  sing N N 293 
SER CB  OG   sing N N 294 
SER CB  HB2  sing N N 295 
SER CB  HB3  sing N N 296 
SER OG  HG   sing N N 297 
SER OXT HXT  sing N N 298 
THR N   CA   sing N N 299 
THR N   H    sing N N 300 
THR N   H2   sing N N 301 
THR CA  C    sing N N 302 
THR CA  CB   sing N N 303 
THR CA  HA   sing N N 304 
THR C   O    doub N N 305 
THR C   OXT  sing N N 306 
THR CB  OG1  sing N N 307 
THR CB  CG2  sing N N 308 
THR CB  HB   sing N N 309 
THR OG1 HG1  sing N N 310 
THR CG2 HG21 sing N N 311 
THR CG2 HG22 sing N N 312 
THR CG2 HG23 sing N N 313 
THR OXT HXT  sing N N 314 
TYR N   CA   sing N N 315 
TYR N   H    sing N N 316 
TYR N   H2   sing N N 317 
TYR CA  C    sing N N 318 
TYR CA  CB   sing N N 319 
TYR CA  HA   sing N N 320 
TYR C   O    doub N N 321 
TYR C   OXT  sing N N 322 
TYR CB  CG   sing N N 323 
TYR CB  HB2  sing N N 324 
TYR CB  HB3  sing N N 325 
TYR CG  CD1  doub Y N 326 
TYR CG  CD2  sing Y N 327 
TYR CD1 CE1  sing Y N 328 
TYR CD1 HD1  sing N N 329 
TYR CD2 CE2  doub Y N 330 
TYR CD2 HD2  sing N N 331 
TYR CE1 CZ   doub Y N 332 
TYR CE1 HE1  sing N N 333 
TYR CE2 CZ   sing Y N 334 
TYR CE2 HE2  sing N N 335 
TYR CZ  OH   sing N N 336 
TYR OH  HH   sing N N 337 
TYR OXT HXT  sing N N 338 
VAL N   CA   sing N N 339 
VAL N   H    sing N N 340 
VAL N   H2   sing N N 341 
VAL CA  C    sing N N 342 
VAL CA  CB   sing N N 343 
VAL CA  HA   sing N N 344 
VAL C   O    doub N N 345 
VAL C   OXT  sing N N 346 
VAL CB  CG1  sing N N 347 
VAL CB  CG2  sing N N 348 
VAL CB  HB   sing N N 349 
VAL CG1 HG11 sing N N 350 
VAL CG1 HG12 sing N N 351 
VAL CG1 HG13 sing N N 352 
VAL CG2 HG21 sing N N 353 
VAL CG2 HG22 sing N N 354 
VAL CG2 HG23 sing N N 355 
VAL OXT HXT  sing N N 356 
# 
loop_
_pdbx_entity_nonpoly.entity_id 
_pdbx_entity_nonpoly.name 
_pdbx_entity_nonpoly.comp_id 
2 'DIMETHYL SULFOXIDE' DMS 
3 water                HOH 
# 
_pdbx_initial_refinement_model.id               1 
_pdbx_initial_refinement_model.entity_id_list   ? 
_pdbx_initial_refinement_model.type             'experimental model' 
_pdbx_initial_refinement_model.source_name      PDB 
_pdbx_initial_refinement_model.accession_code   3HME 
_pdbx_initial_refinement_model.details          'PDB entry 3HME' 
# 
